data_1Z6C
#
_entry.id   1Z6C
#
loop_
_entity.id
_entity.type
_entity.pdbx_description
1 polymer 'Vitamin K-dependent protein S'
2 non-polymer 'CALCIUM ION'
3 water water
#
_entity_poly.entity_id   1
_entity_poly.type   'polypeptide(L)'
_entity_poly.pdbx_seq_one_letter_code
;KDVDECSLKPSICGTAVCKNIPGDFECECPEGYRYNLKSKSCEDIDECSENMCAQLCVNYPGGYTCYCDGKKGFKLAQDQ
KSCEVVS
;
_entity_poly.pdbx_strand_id   A
#
# COMPACT_ATOMS: atom_id res chain seq x y z
N LYS A 1 -0.59 -20.81 10.74
CA LYS A 1 0.30 -19.68 10.36
C LYS A 1 1.76 -20.12 10.32
N ASP A 2 2.66 -19.16 10.14
CA ASP A 2 4.09 -19.44 10.08
C ASP A 2 4.85 -18.61 11.12
N VAL A 3 5.16 -17.37 10.76
CA VAL A 3 5.89 -16.47 11.65
C VAL A 3 5.69 -15.02 11.23
N ASP A 4 5.87 -14.10 12.19
CA ASP A 4 5.69 -12.67 11.93
C ASP A 4 4.44 -12.42 11.11
N GLU A 5 3.38 -11.96 11.77
CA GLU A 5 2.13 -11.71 11.08
C GLU A 5 1.88 -10.22 10.96
N CYS A 6 1.48 -9.60 12.06
CA CYS A 6 1.20 -8.16 12.07
C CYS A 6 2.37 -7.38 12.64
N SER A 7 3.51 -8.08 12.81
CA SER A 7 4.72 -7.46 13.33
C SER A 7 5.88 -7.70 12.37
N LEU A 8 5.55 -8.09 11.14
CA LEU A 8 6.55 -8.36 10.11
C LEU A 8 7.24 -7.08 9.68
N LYS A 9 6.48 -5.99 9.62
CA LYS A 9 7.02 -4.69 9.23
C LYS A 9 6.95 -3.72 10.40
N PRO A 10 7.62 -2.55 10.28
CA PRO A 10 7.62 -1.53 11.34
C PRO A 10 6.21 -1.21 11.85
N SER A 11 5.24 -1.31 10.95
CA SER A 11 3.85 -1.02 11.32
C SER A 11 2.87 -1.64 10.32
N ILE A 12 2.31 -2.79 10.69
CA ILE A 12 1.36 -3.48 9.82
C ILE A 12 -0.08 -3.12 10.21
N CYS A 13 -0.55 -3.75 11.27
CA CYS A 13 -1.90 -3.54 11.73
C CYS A 13 -2.00 -3.70 13.24
N GLY A 14 -0.93 -3.32 13.96
CA GLY A 14 -0.92 -3.41 15.40
C GLY A 14 -1.52 -4.71 15.89
N THR A 15 -1.26 -5.79 15.16
CA THR A 15 -1.76 -7.11 15.50
C THR A 15 -3.19 -7.03 16.06
N ALA A 16 -4.03 -6.28 15.35
CA ALA A 16 -5.42 -6.09 15.74
C ALA A 16 -6.26 -7.31 15.33
N VAL A 17 -6.61 -7.36 14.06
CA VAL A 17 -7.38 -8.46 13.51
C VAL A 17 -6.91 -8.71 12.09
N CYS A 18 -5.60 -8.91 11.96
CA CYS A 18 -4.98 -9.13 10.66
C CYS A 18 -4.61 -10.60 10.44
N LYS A 19 -4.81 -11.06 9.21
CA LYS A 19 -4.47 -12.42 8.83
C LYS A 19 -3.25 -12.39 7.93
N ASN A 20 -2.08 -12.55 8.53
CA ASN A 20 -0.83 -12.51 7.78
C ASN A 20 -0.45 -13.88 7.22
N ILE A 21 0.41 -13.85 6.22
CA ILE A 21 0.88 -15.07 5.56
C ILE A 21 2.39 -14.96 5.32
N PRO A 22 3.04 -16.03 4.82
CA PRO A 22 4.48 -16.02 4.57
C PRO A 22 4.97 -14.75 3.90
N GLY A 23 4.08 -14.07 3.17
CA GLY A 23 4.48 -12.84 2.51
C GLY A 23 3.29 -11.96 2.13
N ASP A 24 2.37 -11.75 3.07
CA ASP A 24 1.20 -10.92 2.83
C ASP A 24 0.39 -10.77 4.11
N PHE A 25 -0.79 -10.17 4.00
CA PHE A 25 -1.63 -9.99 5.18
C PHE A 25 -3.03 -9.45 4.86
N GLU A 26 -3.85 -9.45 5.90
CA GLU A 26 -5.22 -8.94 5.83
C GLU A 26 -5.49 -8.18 7.12
N CYS A 27 -6.65 -7.52 7.23
CA CYS A 27 -6.94 -6.77 8.45
C CYS A 27 -8.38 -6.28 8.50
N GLU A 28 -8.85 -6.03 9.72
CA GLU A 28 -10.20 -5.53 9.94
C GLU A 28 -10.30 -4.06 9.54
N CYS A 29 -9.13 -3.45 9.29
CA CYS A 29 -9.09 -2.05 8.89
C CYS A 29 -9.71 -1.90 7.52
N PRO A 30 -10.49 -0.82 7.26
CA PRO A 30 -11.12 -0.59 5.97
C PRO A 30 -10.20 -1.06 4.85
N GLU A 31 -10.77 -1.50 3.72
CA GLU A 31 -9.93 -1.99 2.61
C GLU A 31 -8.72 -2.71 3.17
N GLY A 32 -7.57 -2.57 2.54
CA GLY A 32 -6.40 -3.17 3.09
C GLY A 32 -5.70 -2.16 3.96
N TYR A 33 -6.50 -1.34 4.65
CA TYR A 33 -5.98 -0.30 5.53
C TYR A 33 -5.03 -0.88 6.56
N ARG A 34 -4.01 -0.09 6.83
CA ARG A 34 -3.00 -0.44 7.81
C ARG A 34 -3.38 0.13 9.19
N TYR A 35 -3.07 -0.62 10.24
CA TYR A 35 -3.37 -0.20 11.60
C TYR A 35 -2.09 -0.13 12.41
N ASN A 36 -2.11 0.64 13.49
CA ASN A 36 -0.93 0.78 14.34
C ASN A 36 -1.31 0.61 15.81
N LEU A 37 -0.53 -0.21 16.51
CA LEU A 37 -0.77 -0.45 17.93
C LEU A 37 -0.25 0.71 18.77
N LYS A 38 0.68 1.48 18.20
CA LYS A 38 1.22 2.64 18.90
C LYS A 38 0.14 3.69 19.07
N SER A 39 -0.62 3.87 18.01
CA SER A 39 -1.72 4.82 18.00
C SER A 39 -3.04 4.09 18.19
N LYS A 40 -3.00 2.76 17.98
CA LYS A 40 -4.20 1.92 18.08
C LYS A 40 -5.30 2.52 17.23
N SER A 41 -4.87 3.08 16.10
CA SER A 41 -5.78 3.73 15.17
C SER A 41 -5.80 2.98 13.83
N CYS A 42 -6.84 3.24 13.05
CA CYS A 42 -6.97 2.61 11.74
C CYS A 42 -6.65 3.65 10.66
N GLU A 43 -5.78 3.31 9.71
CA GLU A 43 -5.41 4.24 8.66
C GLU A 43 -5.09 3.55 7.34
N ASP A 44 -5.53 4.18 6.24
CA ASP A 44 -5.28 3.67 4.90
C ASP A 44 -3.88 3.08 4.79
N ILE A 45 -3.76 2.09 3.94
CA ILE A 45 -2.51 1.38 3.75
C ILE A 45 -1.58 2.07 2.75
N ASP A 46 -0.32 1.63 2.76
CA ASP A 46 0.72 2.15 1.88
C ASP A 46 0.98 1.16 0.75
N GLU A 47 -0.05 0.88 -0.01
CA GLU A 47 0.00 -0.06 -1.13
C GLU A 47 1.19 0.21 -2.07
N CYS A 48 1.61 1.45 -2.19
CA CYS A 48 2.72 1.79 -3.09
C CYS A 48 4.07 1.70 -2.39
N SER A 49 4.07 1.89 -1.07
CA SER A 49 5.30 1.83 -0.30
C SER A 49 5.96 0.47 -0.48
N GLU A 50 5.15 -0.53 -0.83
CA GLU A 50 5.62 -1.89 -0.99
C GLU A 50 6.36 -2.10 -2.31
N ASN A 51 5.67 -1.97 -3.43
CA ASN A 51 6.28 -2.14 -4.76
C ASN A 51 5.19 -2.40 -5.80
N MET A 52 4.30 -1.43 -5.98
CA MET A 52 3.21 -1.57 -6.94
C MET A 52 3.23 -0.51 -8.01
N CYS A 53 3.63 0.69 -7.65
CA CYS A 53 3.62 1.76 -8.62
C CYS A 53 4.91 1.90 -9.40
N ALA A 54 4.86 2.78 -10.39
CA ALA A 54 6.00 3.00 -11.26
C ALA A 54 6.94 4.08 -10.70
N GLN A 55 6.70 5.33 -11.08
CA GLN A 55 7.53 6.43 -10.60
C GLN A 55 6.79 7.27 -9.58
N LEU A 56 5.48 7.38 -9.77
CA LEU A 56 4.63 8.14 -8.87
C LEU A 56 3.47 7.29 -8.37
N CYS A 57 3.23 7.29 -7.06
CA CYS A 57 2.18 6.49 -6.50
C CYS A 57 1.17 7.29 -5.66
N VAL A 58 0.16 7.88 -6.29
CA VAL A 58 -0.84 8.60 -5.52
C VAL A 58 -1.73 7.58 -4.86
N ASN A 59 -1.34 7.22 -3.68
CA ASN A 59 -2.07 6.23 -2.93
C ASN A 59 -3.22 6.90 -2.19
N TYR A 60 -4.47 6.79 -2.67
CA TYR A 60 -5.55 7.46 -1.96
C TYR A 60 -6.10 6.58 -0.87
N PRO A 61 -6.85 7.17 0.07
CA PRO A 61 -7.41 6.43 1.18
C PRO A 61 -8.08 5.15 0.72
N GLY A 62 -7.34 4.05 0.80
CA GLY A 62 -7.88 2.77 0.38
C GLY A 62 -7.27 2.25 -0.89
N GLY A 63 -7.65 2.86 -2.01
CA GLY A 63 -7.14 2.42 -3.30
C GLY A 63 -6.04 3.28 -3.89
N TYR A 64 -4.82 2.79 -3.89
CA TYR A 64 -3.72 3.58 -4.41
C TYR A 64 -3.85 3.81 -5.92
N THR A 65 -2.94 4.64 -6.44
CA THR A 65 -2.89 4.95 -7.87
C THR A 65 -1.45 5.14 -8.28
N CYS A 66 -1.09 4.61 -9.44
CA CYS A 66 0.28 4.70 -9.90
C CYS A 66 0.44 5.47 -11.19
N TYR A 67 1.00 6.67 -11.07
CA TYR A 67 1.27 7.50 -12.22
C TYR A 67 2.79 7.53 -12.45
N CYS A 68 3.35 8.64 -12.92
CA CYS A 68 4.79 8.72 -13.14
C CYS A 68 5.30 10.15 -13.20
N ASP A 69 5.14 10.76 -14.38
CA ASP A 69 5.57 12.14 -14.62
C ASP A 69 6.59 12.64 -13.58
N GLY A 70 7.72 11.94 -13.53
CA GLY A 70 8.78 12.30 -12.61
C GLY A 70 10.11 12.45 -13.32
N LYS A 71 11.04 11.53 -13.07
CA LYS A 71 12.36 11.56 -13.71
C LYS A 71 12.24 11.83 -15.21
N LYS A 72 11.44 11.03 -15.90
CA LYS A 72 11.25 11.18 -17.33
C LYS A 72 10.36 12.36 -17.63
N GLY A 73 9.35 12.58 -16.78
CA GLY A 73 8.44 13.69 -16.98
C GLY A 73 7.43 13.41 -18.08
N PHE A 74 6.43 12.59 -17.77
CA PHE A 74 5.40 12.27 -18.74
C PHE A 74 4.01 12.20 -18.10
N LYS A 75 3.30 11.08 -18.29
CA LYS A 75 1.94 10.94 -17.76
C LYS A 75 1.63 9.52 -17.30
N LEU A 76 0.39 9.33 -16.84
CA LEU A 76 -0.08 8.02 -16.38
C LEU A 76 -1.09 7.44 -17.37
N ALA A 77 -0.75 6.28 -17.94
CA ALA A 77 -1.64 5.63 -18.90
C ALA A 77 -3.05 5.46 -18.36
N GLN A 78 -3.89 4.76 -19.11
CA GLN A 78 -5.27 4.54 -18.72
C GLN A 78 -5.42 3.27 -17.89
N ASP A 79 -4.30 2.68 -17.47
CA ASP A 79 -4.33 1.46 -16.67
C ASP A 79 -4.43 1.78 -15.18
N GLN A 80 -3.94 2.95 -14.79
CA GLN A 80 -3.97 3.37 -13.39
C GLN A 80 -3.05 2.50 -12.55
N LYS A 81 -1.91 2.16 -13.12
CA LYS A 81 -0.90 1.34 -12.46
C LYS A 81 0.45 1.56 -13.13
N SER A 82 0.43 1.56 -14.46
CA SER A 82 1.63 1.79 -15.25
C SER A 82 1.61 3.23 -15.76
N CYS A 83 2.74 3.71 -16.23
CA CYS A 83 2.82 5.09 -16.72
C CYS A 83 3.36 5.15 -18.15
N GLU A 84 2.87 6.13 -18.90
CA GLU A 84 3.30 6.32 -20.28
C GLU A 84 3.41 7.82 -20.61
N VAL A 85 4.28 8.16 -21.55
CA VAL A 85 4.47 9.55 -21.96
C VAL A 85 3.46 9.95 -23.02
N VAL A 86 3.22 11.26 -23.15
CA VAL A 86 2.28 11.78 -24.13
C VAL A 86 2.68 13.18 -24.57
N SER A 87 2.61 13.41 -25.88
CA SER A 87 2.96 14.71 -26.44
C SER A 87 1.71 15.51 -26.78
N LYS A 1 -2.88 -19.72 12.32
CA LYS A 1 -1.99 -18.91 11.45
C LYS A 1 -0.74 -19.70 11.06
N ASP A 2 0.21 -19.02 10.43
CA ASP A 2 1.44 -19.66 10.00
C ASP A 2 2.63 -19.19 10.86
N VAL A 3 3.21 -18.04 10.49
CA VAL A 3 4.33 -17.49 11.23
C VAL A 3 4.49 -16.00 10.94
N ASP A 4 4.73 -15.21 11.98
CA ASP A 4 4.89 -13.77 11.84
C ASP A 4 3.77 -13.19 10.97
N GLU A 5 2.78 -12.58 11.62
CA GLU A 5 1.66 -12.01 10.89
C GLU A 5 1.73 -10.48 10.87
N CYS A 6 0.94 -9.83 11.71
CA CYS A 6 0.94 -8.37 11.77
C CYS A 6 2.26 -7.86 12.33
N SER A 7 2.99 -8.74 13.00
CA SER A 7 4.29 -8.38 13.57
C SER A 7 5.41 -8.74 12.60
N LEU A 8 5.07 -8.88 11.31
CA LEU A 8 6.04 -9.22 10.28
C LEU A 8 6.99 -8.06 10.01
N LYS A 9 6.47 -6.84 10.18
CA LYS A 9 7.26 -5.64 9.95
C LYS A 9 7.19 -4.71 11.16
N PRO A 10 8.00 -3.63 11.17
CA PRO A 10 8.01 -2.66 12.27
C PRO A 10 6.61 -2.26 12.71
N SER A 11 5.72 -2.08 11.75
CA SER A 11 4.34 -1.68 12.04
C SER A 11 3.40 -2.01 10.88
N ILE A 12 2.74 -3.16 10.97
CA ILE A 12 1.81 -3.58 9.92
C ILE A 12 0.37 -3.30 10.32
N CYS A 13 -0.15 -4.14 11.21
CA CYS A 13 -1.52 -4.00 11.65
C CYS A 13 -1.64 -4.09 13.17
N GLY A 14 -0.54 -3.82 13.87
CA GLY A 14 -0.55 -3.89 15.32
C GLY A 14 -1.24 -5.13 15.84
N THR A 15 -0.94 -6.27 15.23
CA THR A 15 -1.52 -7.55 15.60
C THR A 15 -2.97 -7.41 16.05
N ALA A 16 -3.74 -6.65 15.28
CA ALA A 16 -5.16 -6.43 15.57
C ALA A 16 -6.00 -7.61 15.13
N VAL A 17 -6.20 -7.70 13.82
CA VAL A 17 -6.98 -8.77 13.22
C VAL A 17 -6.57 -9.00 11.78
N CYS A 18 -5.31 -8.67 11.47
CA CYS A 18 -4.79 -8.81 10.13
C CYS A 18 -4.49 -10.27 9.79
N LYS A 19 -5.01 -10.72 8.66
CA LYS A 19 -4.78 -12.08 8.20
C LYS A 19 -3.52 -12.11 7.36
N ASN A 20 -2.39 -12.39 8.00
CA ASN A 20 -1.11 -12.41 7.32
C ASN A 20 -0.76 -13.80 6.80
N ILE A 21 0.17 -13.83 5.84
CA ILE A 21 0.61 -15.08 5.24
C ILE A 21 2.13 -15.07 5.08
N PRO A 22 2.74 -16.22 4.73
CA PRO A 22 4.19 -16.32 4.55
C PRO A 22 4.82 -15.13 3.84
N GLY A 23 4.03 -14.44 3.02
CA GLY A 23 4.56 -13.29 2.30
C GLY A 23 3.48 -12.34 1.82
N ASP A 24 2.59 -11.94 2.73
CA ASP A 24 1.52 -11.00 2.41
C ASP A 24 0.68 -10.74 3.64
N PHE A 25 -0.44 -10.05 3.47
CA PHE A 25 -1.30 -9.75 4.61
C PHE A 25 -2.63 -9.10 4.23
N GLU A 26 -3.51 -9.05 5.21
CA GLU A 26 -4.83 -8.44 5.09
C GLU A 26 -5.19 -7.85 6.44
N CYS A 27 -5.96 -6.76 6.47
CA CYS A 27 -6.30 -6.13 7.74
C CYS A 27 -7.80 -5.98 7.92
N GLU A 28 -8.21 -5.89 9.18
CA GLU A 28 -9.61 -5.72 9.53
C GLU A 28 -10.01 -4.26 9.44
N CYS A 29 -9.03 -3.38 9.19
CA CYS A 29 -9.30 -1.96 9.08
C CYS A 29 -10.14 -1.72 7.82
N PRO A 30 -10.75 -0.51 7.68
CA PRO A 30 -11.62 -0.17 6.52
C PRO A 30 -10.97 -0.42 5.16
N GLU A 31 -10.60 -1.67 4.90
CA GLU A 31 -9.92 -2.12 3.68
C GLU A 31 -8.55 -2.58 4.12
N GLY A 32 -7.60 -2.80 3.22
CA GLY A 32 -6.29 -3.23 3.68
C GLY A 32 -5.61 -2.18 4.53
N TYR A 33 -6.40 -1.30 5.16
CA TYR A 33 -5.86 -0.30 6.04
C TYR A 33 -4.94 -0.94 7.04
N ARG A 34 -3.83 -0.29 7.26
CA ARG A 34 -2.83 -0.77 8.19
C ARG A 34 -3.10 -0.22 9.59
N TYR A 35 -3.27 -1.13 10.54
CA TYR A 35 -3.53 -0.80 11.94
C TYR A 35 -2.22 -0.65 12.70
N ASN A 36 -2.29 0.02 13.84
CA ASN A 36 -1.09 0.23 14.65
C ASN A 36 -1.36 -0.10 16.11
N LEU A 37 -0.50 -0.94 16.69
CA LEU A 37 -0.63 -1.33 18.08
C LEU A 37 -0.09 -0.22 18.99
N LYS A 38 0.69 0.68 18.41
CA LYS A 38 1.25 1.81 19.15
C LYS A 38 0.14 2.74 19.56
N SER A 39 -0.81 2.93 18.66
CA SER A 39 -1.95 3.79 18.91
C SER A 39 -3.24 2.98 18.99
N LYS A 40 -3.16 1.69 18.59
CA LYS A 40 -4.32 0.80 18.58
C LYS A 40 -5.45 1.47 17.80
N SER A 41 -5.05 2.10 16.73
CA SER A 41 -5.97 2.80 15.84
C SER A 41 -5.84 2.28 14.42
N CYS A 42 -6.90 2.46 13.64
CA CYS A 42 -6.91 2.04 12.25
C CYS A 42 -6.32 3.14 11.37
N GLU A 43 -5.55 2.77 10.37
CA GLU A 43 -4.96 3.75 9.48
C GLU A 43 -4.85 3.19 8.06
N ASP A 44 -4.83 4.07 7.07
CA ASP A 44 -4.71 3.66 5.70
C ASP A 44 -3.40 2.93 5.47
N ILE A 45 -3.39 2.10 4.45
CA ILE A 45 -2.24 1.30 4.11
C ILE A 45 -1.25 2.05 3.21
N ASP A 46 -0.05 1.48 3.09
CA ASP A 46 1.01 2.04 2.26
C ASP A 46 1.12 1.32 0.92
N GLU A 47 0.01 1.31 0.17
CA GLU A 47 -0.05 0.65 -1.14
C GLU A 47 1.09 1.08 -2.07
N CYS A 48 1.46 2.36 -2.03
CA CYS A 48 2.53 2.86 -2.90
C CYS A 48 3.87 2.28 -2.47
N SER A 49 4.05 2.12 -1.16
CA SER A 49 5.28 1.56 -0.62
C SER A 49 5.55 0.20 -1.26
N GLU A 50 4.48 -0.44 -1.73
CA GLU A 50 4.57 -1.73 -2.36
C GLU A 50 4.82 -1.58 -3.86
N ASN A 51 5.84 -0.80 -4.19
CA ASN A 51 6.23 -0.54 -5.57
C ASN A 51 5.05 -0.64 -6.53
N MET A 52 4.20 0.41 -6.54
CA MET A 52 3.03 0.44 -7.41
C MET A 52 3.10 1.58 -8.38
N CYS A 53 3.77 2.65 -8.00
CA CYS A 53 3.86 3.80 -8.88
C CYS A 53 5.27 4.05 -9.36
N ALA A 54 5.39 4.20 -10.67
CA ALA A 54 6.67 4.42 -11.30
C ALA A 54 7.07 5.90 -11.29
N GLN A 55 6.08 6.80 -11.27
CA GLN A 55 6.34 8.24 -11.27
C GLN A 55 6.07 8.86 -9.91
N LEU A 56 4.80 9.10 -9.61
CA LEU A 56 4.39 9.68 -8.33
C LEU A 56 3.31 8.85 -7.69
N CYS A 57 3.51 8.48 -6.43
CA CYS A 57 2.54 7.62 -5.77
C CYS A 57 1.68 8.33 -4.72
N VAL A 58 0.57 8.95 -5.13
CA VAL A 58 -0.32 9.55 -4.15
C VAL A 58 -1.28 8.48 -3.70
N ASN A 59 -0.90 7.79 -2.66
CA ASN A 59 -1.72 6.73 -2.14
C ASN A 59 -2.71 7.31 -1.14
N TYR A 60 -3.99 7.47 -1.53
CA TYR A 60 -4.94 8.05 -0.61
C TYR A 60 -5.52 6.99 0.31
N PRO A 61 -6.17 7.42 1.41
CA PRO A 61 -6.73 6.49 2.36
C PRO A 61 -7.56 5.40 1.68
N GLY A 62 -6.95 4.23 1.51
CA GLY A 62 -7.65 3.12 0.89
C GLY A 62 -7.17 2.84 -0.51
N GLY A 63 -7.51 3.72 -1.45
CA GLY A 63 -7.11 3.54 -2.83
C GLY A 63 -5.93 4.39 -3.23
N TYR A 64 -4.77 3.80 -3.38
CA TYR A 64 -3.63 4.58 -3.74
C TYR A 64 -3.77 5.12 -5.15
N THR A 65 -2.76 5.83 -5.62
CA THR A 65 -2.80 6.41 -6.96
C THR A 65 -1.39 6.71 -7.45
N CYS A 66 -1.22 6.60 -8.76
CA CYS A 66 0.07 6.82 -9.39
C CYS A 66 -0.03 7.88 -10.47
N TYR A 67 0.47 9.08 -10.19
CA TYR A 67 0.45 10.15 -11.17
C TYR A 67 1.82 10.27 -11.82
N CYS A 68 1.79 10.40 -13.13
CA CYS A 68 3.01 10.45 -13.94
C CYS A 68 3.18 11.79 -14.64
N ASP A 69 4.10 11.83 -15.60
CA ASP A 69 4.35 13.04 -16.35
C ASP A 69 4.80 14.18 -15.43
N GLY A 70 6.11 14.36 -15.34
CA GLY A 70 6.67 15.40 -14.51
C GLY A 70 8.06 15.79 -14.94
N LYS A 71 8.96 14.81 -14.97
CA LYS A 71 10.33 15.05 -15.38
C LYS A 71 10.51 14.76 -16.86
N LYS A 72 9.63 13.92 -17.42
CA LYS A 72 9.69 13.56 -18.82
C LYS A 72 8.49 14.13 -19.59
N GLY A 73 7.38 14.34 -18.89
CA GLY A 73 6.20 14.88 -19.53
C GLY A 73 5.47 13.83 -20.35
N PHE A 74 5.00 12.77 -19.69
CA PHE A 74 4.29 11.70 -20.38
C PHE A 74 2.89 11.46 -19.81
N LYS A 75 2.53 10.20 -19.56
CA LYS A 75 1.20 9.86 -19.06
C LYS A 75 1.17 8.46 -18.44
N LEU A 76 0.18 8.21 -17.59
CA LEU A 76 0.03 6.91 -16.94
C LEU A 76 -0.25 5.80 -17.96
N ALA A 77 0.61 4.78 -17.94
CA ALA A 77 0.45 3.65 -18.86
C ALA A 77 -0.97 3.10 -18.80
N GLN A 78 -1.22 2.05 -19.58
CA GLN A 78 -2.54 1.45 -19.63
C GLN A 78 -2.87 0.67 -18.37
N ASP A 79 -1.85 0.19 -17.68
CA ASP A 79 -2.07 -0.57 -16.44
C ASP A 79 -3.00 0.21 -15.52
N GLN A 80 -2.45 1.24 -14.86
CA GLN A 80 -3.20 2.09 -13.93
C GLN A 80 -2.24 2.67 -12.89
N LYS A 81 -1.50 1.79 -12.24
CA LYS A 81 -0.53 2.20 -11.21
C LYS A 81 0.84 2.46 -11.84
N SER A 82 1.03 2.00 -13.08
CA SER A 82 2.29 2.20 -13.79
C SER A 82 2.39 3.62 -14.30
N CYS A 83 3.46 3.92 -15.05
CA CYS A 83 3.66 5.25 -15.60
C CYS A 83 4.67 5.20 -16.76
N GLU A 84 4.18 5.43 -17.99
CA GLU A 84 5.05 5.38 -19.16
C GLU A 84 4.82 6.56 -20.10
N VAL A 85 5.77 6.79 -21.00
CA VAL A 85 5.68 7.89 -21.96
C VAL A 85 5.21 7.39 -23.32
N VAL A 86 4.14 8.00 -23.82
CA VAL A 86 3.58 7.63 -25.11
C VAL A 86 3.92 8.66 -26.18
N SER A 87 4.81 8.29 -27.08
CA SER A 87 5.23 9.20 -28.15
C SER A 87 5.20 8.48 -29.51
N LYS A 1 -3.88 -18.33 10.04
CA LYS A 1 -2.51 -17.75 9.97
C LYS A 1 -1.47 -18.83 9.70
N ASP A 2 -0.31 -18.41 9.21
CA ASP A 2 0.78 -19.33 8.90
C ASP A 2 2.01 -19.02 9.75
N VAL A 3 2.77 -18.02 9.33
CA VAL A 3 3.98 -17.62 10.06
C VAL A 3 4.29 -16.15 9.82
N ASP A 4 4.77 -15.47 10.86
CA ASP A 4 5.10 -14.05 10.76
C ASP A 4 3.95 -13.30 10.08
N GLU A 5 3.02 -12.79 10.88
CA GLU A 5 1.89 -12.08 10.34
C GLU A 5 2.08 -10.57 10.45
N CYS A 6 1.73 -10.01 11.60
CA CYS A 6 1.89 -8.58 11.82
C CYS A 6 3.28 -8.27 12.33
N SER A 7 3.93 -9.28 12.92
CA SER A 7 5.28 -9.13 13.44
C SER A 7 6.30 -9.17 12.29
N LEU A 8 5.83 -9.47 11.09
CA LEU A 8 6.69 -9.55 9.92
C LEU A 8 7.49 -8.26 9.75
N LYS A 9 6.88 -7.15 10.18
CA LYS A 9 7.53 -5.84 10.08
C LYS A 9 7.16 -4.98 11.30
N PRO A 10 7.86 -3.85 11.48
CA PRO A 10 7.62 -2.94 12.60
C PRO A 10 6.38 -2.07 12.43
N SER A 11 5.63 -2.28 11.35
CA SER A 11 4.42 -1.49 11.09
C SER A 11 3.46 -2.20 10.13
N ILE A 12 2.85 -3.27 10.61
CA ILE A 12 1.90 -4.02 9.79
C ILE A 12 0.47 -3.67 10.15
N CYS A 13 0.01 -4.20 11.28
CA CYS A 13 -1.34 -3.98 11.72
C CYS A 13 -1.48 -4.27 13.21
N GLY A 14 -0.44 -3.92 13.97
CA GLY A 14 -0.46 -4.14 15.42
C GLY A 14 -1.07 -5.47 15.79
N THR A 15 -0.66 -6.51 15.07
CA THR A 15 -1.15 -7.87 15.29
C THR A 15 -2.59 -7.85 15.81
N ALA A 16 -3.40 -7.02 15.18
CA ALA A 16 -4.81 -6.87 15.55
C ALA A 16 -5.63 -8.01 14.97
N VAL A 17 -5.92 -7.92 13.69
CA VAL A 17 -6.69 -8.92 12.98
C VAL A 17 -6.17 -9.07 11.56
N CYS A 18 -4.89 -8.79 11.39
CA CYS A 18 -4.24 -8.86 10.09
C CYS A 18 -4.13 -10.30 9.59
N LYS A 19 -4.72 -10.54 8.43
CA LYS A 19 -4.66 -11.86 7.81
C LYS A 19 -3.43 -11.94 6.92
N ASN A 20 -2.30 -12.30 7.52
CA ASN A 20 -1.05 -12.38 6.79
C ASN A 20 -0.91 -13.67 6.00
N ILE A 21 0.06 -13.67 5.09
CA ILE A 21 0.35 -14.81 4.25
C ILE A 21 1.86 -14.91 4.01
N PRO A 22 2.33 -16.02 3.41
CA PRO A 22 3.76 -16.22 3.15
C PRO A 22 4.52 -14.96 2.76
N GLY A 23 3.82 -14.03 2.09
CA GLY A 23 4.46 -12.79 1.68
C GLY A 23 3.47 -11.68 1.38
N ASP A 24 2.59 -11.39 2.33
CA ASP A 24 1.61 -10.33 2.17
C ASP A 24 0.83 -10.15 3.46
N PHE A 25 -0.30 -9.44 3.40
CA PHE A 25 -1.09 -9.23 4.60
C PHE A 25 -2.45 -8.60 4.31
N GLU A 26 -3.34 -8.77 5.29
CA GLU A 26 -4.69 -8.22 5.25
C GLU A 26 -5.00 -7.67 6.63
N CYS A 27 -6.23 -7.22 6.87
CA CYS A 27 -6.56 -6.68 8.18
C CYS A 27 -8.02 -6.27 8.31
N GLU A 28 -8.43 -6.05 9.56
CA GLU A 28 -9.78 -5.62 9.86
C GLU A 28 -9.90 -4.11 9.76
N CYS A 29 -8.80 -3.47 9.39
CA CYS A 29 -8.75 -2.02 9.25
C CYS A 29 -9.64 -1.58 8.09
N PRO A 30 -10.80 -0.93 8.39
CA PRO A 30 -11.78 -0.46 7.41
C PRO A 30 -11.22 -0.19 6.01
N GLU A 31 -10.82 -1.26 5.33
CA GLU A 31 -10.24 -1.23 3.98
C GLU A 31 -8.99 -2.09 4.00
N GLY A 32 -7.89 -1.61 3.43
CA GLY A 32 -6.66 -2.33 3.52
C GLY A 32 -5.77 -1.50 4.38
N TYR A 33 -6.42 -0.62 5.16
CA TYR A 33 -5.73 0.28 6.06
C TYR A 33 -4.76 -0.46 6.96
N ARG A 34 -3.71 0.25 7.29
CA ARG A 34 -2.68 -0.25 8.18
C ARG A 34 -3.00 0.13 9.62
N TYR A 35 -2.78 -0.79 10.54
CA TYR A 35 -3.06 -0.58 11.95
C TYR A 35 -1.77 -0.50 12.77
N ASN A 36 -1.86 0.14 13.93
CA ASN A 36 -0.71 0.29 14.80
C ASN A 36 -1.06 -0.10 16.23
N LEU A 37 -0.24 -0.96 16.82
CA LEU A 37 -0.44 -1.42 18.19
C LEU A 37 -0.02 -0.35 19.19
N LYS A 38 0.84 0.57 18.74
CA LYS A 38 1.32 1.65 19.58
C LYS A 38 0.15 2.55 19.95
N SER A 39 -0.65 2.86 18.94
CA SER A 39 -1.81 3.71 19.11
C SER A 39 -3.08 2.87 19.12
N LYS A 40 -2.95 1.61 18.70
CA LYS A 40 -4.09 0.68 18.60
C LYS A 40 -5.21 1.36 17.82
N SER A 41 -4.78 2.09 16.80
CA SER A 41 -5.69 2.83 15.94
C SER A 41 -5.60 2.34 14.50
N CYS A 42 -6.64 2.64 13.72
CA CYS A 42 -6.67 2.26 12.32
C CYS A 42 -6.26 3.45 11.46
N GLU A 43 -5.39 3.20 10.49
CA GLU A 43 -4.93 4.29 9.62
C GLU A 43 -4.65 3.81 8.21
N ASP A 44 -5.18 4.55 7.23
CA ASP A 44 -5.00 4.25 5.81
C ASP A 44 -3.64 3.60 5.57
N ILE A 45 -3.62 2.72 4.59
CA ILE A 45 -2.43 1.98 4.27
C ILE A 45 -1.50 2.75 3.32
N ASP A 46 -0.27 2.24 3.23
CA ASP A 46 0.77 2.82 2.38
C ASP A 46 0.92 2.02 1.09
N GLU A 47 -0.16 1.94 0.33
CA GLU A 47 -0.19 1.20 -0.92
C GLU A 47 0.91 1.61 -1.88
N CYS A 48 1.49 2.80 -1.70
CA CYS A 48 2.55 3.25 -2.59
C CYS A 48 3.92 3.25 -1.91
N SER A 49 3.92 3.41 -0.59
CA SER A 49 5.17 3.42 0.16
C SER A 49 5.86 2.07 0.02
N GLU A 50 5.06 1.05 -0.27
CA GLU A 50 5.54 -0.31 -0.42
C GLU A 50 6.20 -0.52 -1.78
N ASN A 51 6.10 0.46 -2.66
CA ASN A 51 6.68 0.40 -4.01
C ASN A 51 5.70 -0.22 -5.00
N MET A 52 4.59 0.47 -5.24
CA MET A 52 3.57 0.00 -6.18
C MET A 52 3.19 1.07 -7.17
N CYS A 53 3.44 2.32 -6.82
CA CYS A 53 3.12 3.42 -7.72
C CYS A 53 4.37 4.02 -8.30
N ALA A 54 4.29 4.39 -9.58
CA ALA A 54 5.41 4.99 -10.25
C ALA A 54 5.23 6.51 -10.35
N GLN A 55 6.29 7.22 -10.71
CA GLN A 55 6.23 8.68 -10.86
C GLN A 55 5.71 9.35 -9.59
N LEU A 56 4.39 9.44 -9.47
CA LEU A 56 3.76 10.05 -8.31
C LEU A 56 2.70 9.13 -7.74
N CYS A 57 2.75 8.88 -6.45
CA CYS A 57 1.78 7.98 -5.86
C CYS A 57 0.81 8.66 -4.90
N VAL A 58 -0.37 9.04 -5.40
CA VAL A 58 -1.39 9.60 -4.53
C VAL A 58 -2.26 8.47 -4.05
N ASN A 59 -1.90 7.93 -2.93
CA ASN A 59 -2.66 6.84 -2.39
C ASN A 59 -3.76 7.40 -1.49
N TYR A 60 -5.02 7.39 -1.95
CA TYR A 60 -6.07 7.95 -1.12
C TYR A 60 -6.56 6.92 -0.12
N PRO A 61 -7.34 7.38 0.88
CA PRO A 61 -7.83 6.48 1.89
C PRO A 61 -8.52 5.27 1.28
N GLY A 62 -7.81 4.14 1.26
CA GLY A 62 -8.37 2.93 0.71
C GLY A 62 -7.80 2.59 -0.66
N GLY A 63 -8.17 3.36 -1.66
CA GLY A 63 -7.69 3.11 -3.01
C GLY A 63 -6.58 4.02 -3.45
N TYR A 64 -5.36 3.53 -3.48
CA TYR A 64 -4.24 4.34 -3.87
C TYR A 64 -4.31 4.75 -5.34
N THR A 65 -3.32 5.51 -5.79
CA THR A 65 -3.25 5.94 -7.18
C THR A 65 -1.83 6.34 -7.57
N CYS A 66 -1.51 6.16 -8.85
CA CYS A 66 -0.19 6.47 -9.36
C CYS A 66 -0.29 7.41 -10.57
N TYR A 67 0.06 8.68 -10.36
CA TYR A 67 0.03 9.65 -11.45
C TYR A 67 1.44 9.88 -11.99
N CYS A 68 1.52 9.93 -13.30
CA CYS A 68 2.79 10.09 -14.01
C CYS A 68 2.88 11.39 -14.76
N ASP A 69 3.86 11.48 -15.66
CA ASP A 69 4.07 12.68 -16.46
C ASP A 69 4.44 13.87 -15.56
N GLY A 70 5.71 13.97 -15.22
CA GLY A 70 6.18 15.05 -14.40
C GLY A 70 7.57 15.50 -14.79
N LYS A 71 8.56 14.68 -14.46
CA LYS A 71 9.94 14.99 -14.79
C LYS A 71 10.24 14.61 -16.24
N LYS A 72 9.40 13.74 -16.81
CA LYS A 72 9.57 13.30 -18.18
C LYS A 72 8.46 13.84 -19.07
N GLY A 73 7.25 13.91 -18.51
CA GLY A 73 6.11 14.40 -19.26
C GLY A 73 5.50 13.35 -20.16
N PHE A 74 4.98 12.28 -19.57
CA PHE A 74 4.37 11.19 -20.34
C PHE A 74 2.94 10.90 -19.90
N LYS A 75 2.61 9.62 -19.68
CA LYS A 75 1.27 9.23 -19.27
C LYS A 75 1.26 7.84 -18.62
N LEU A 76 0.22 7.57 -17.84
CA LEU A 76 0.09 6.28 -17.16
C LEU A 76 0.00 5.13 -18.16
N ALA A 77 1.00 4.25 -18.15
CA ALA A 77 1.03 3.09 -19.04
C ALA A 77 -0.24 2.27 -18.90
N GLN A 78 -0.25 1.09 -19.52
CA GLN A 78 -1.40 0.20 -19.45
C GLN A 78 -1.71 -0.17 -18.01
N ASP A 79 -0.67 -0.45 -17.24
CA ASP A 79 -0.87 -0.78 -15.83
C ASP A 79 -1.34 0.48 -15.12
N GLN A 80 -2.61 0.51 -14.77
CA GLN A 80 -3.21 1.65 -14.09
C GLN A 80 -2.31 2.27 -13.03
N LYS A 81 -1.41 1.47 -12.44
CA LYS A 81 -0.52 1.96 -11.40
C LYS A 81 0.89 2.25 -11.94
N SER A 82 1.18 1.79 -13.16
CA SER A 82 2.50 2.00 -13.77
C SER A 82 2.63 3.42 -14.28
N CYS A 83 3.75 3.71 -14.95
CA CYS A 83 4.00 5.03 -15.52
C CYS A 83 5.05 4.96 -16.62
N GLU A 84 4.61 5.15 -17.87
CA GLU A 84 5.53 5.09 -19.01
C GLU A 84 5.26 6.23 -20.00
N VAL A 85 6.22 6.48 -20.88
CA VAL A 85 6.09 7.53 -21.88
C VAL A 85 5.72 6.96 -23.24
N VAL A 86 4.75 7.60 -23.90
CA VAL A 86 4.29 7.18 -25.20
C VAL A 86 4.95 8.00 -26.31
N SER A 87 5.91 7.38 -26.99
CA SER A 87 6.61 8.06 -28.07
C SER A 87 6.75 7.15 -29.29
N LYS A 1 -0.95 -18.82 7.27
CA LYS A 1 -0.25 -18.85 8.58
C LYS A 1 1.19 -19.32 8.42
N ASP A 2 2.10 -18.74 9.20
CA ASP A 2 3.52 -19.11 9.13
C ASP A 2 4.31 -18.43 10.24
N VAL A 3 4.63 -17.16 10.06
CA VAL A 3 5.39 -16.39 11.05
C VAL A 3 5.16 -14.91 10.84
N ASP A 4 5.17 -14.15 11.95
CA ASP A 4 4.96 -12.70 11.91
C ASP A 4 3.78 -12.36 11.00
N GLU A 5 2.66 -11.97 11.59
CA GLU A 5 1.49 -11.65 10.79
C GLU A 5 1.10 -10.18 10.95
N CYS A 6 1.25 -9.66 12.16
CA CYS A 6 0.93 -8.28 12.45
C CYS A 6 2.12 -7.58 13.11
N SER A 7 3.24 -8.29 13.15
CA SER A 7 4.47 -7.76 13.73
C SER A 7 5.64 -8.04 12.78
N LEU A 8 5.31 -8.24 11.50
CA LEU A 8 6.31 -8.54 10.48
C LEU A 8 7.14 -7.30 10.15
N LYS A 9 6.45 -6.16 10.05
CA LYS A 9 7.11 -4.90 9.74
C LYS A 9 7.01 -3.95 10.93
N PRO A 10 7.75 -2.82 10.89
CA PRO A 10 7.76 -1.83 11.95
C PRO A 10 6.35 -1.52 12.49
N SER A 11 5.38 -1.45 11.57
CA SER A 11 4.01 -1.16 11.97
C SER A 11 3.01 -1.60 10.90
N ILE A 12 2.50 -2.82 11.03
CA ILE A 12 1.52 -3.35 10.09
C ILE A 12 0.11 -3.23 10.65
N CYS A 13 -0.20 -4.14 11.58
CA CYS A 13 -1.51 -4.18 12.17
C CYS A 13 -1.44 -4.54 13.66
N GLY A 14 -0.25 -4.42 14.23
CA GLY A 14 -0.05 -4.76 15.62
C GLY A 14 -0.28 -6.24 15.83
N THR A 15 -1.54 -6.60 15.98
CA THR A 15 -1.94 -7.97 16.18
C THR A 15 -3.46 -8.05 16.19
N ALA A 16 -4.08 -7.23 15.34
CA ALA A 16 -5.54 -7.21 15.24
C ALA A 16 -6.01 -8.39 14.39
N VAL A 17 -7.12 -8.22 13.68
CA VAL A 17 -7.64 -9.27 12.82
C VAL A 17 -6.91 -9.26 11.49
N CYS A 18 -5.60 -9.48 11.55
CA CYS A 18 -4.77 -9.46 10.35
C CYS A 18 -4.38 -10.87 9.92
N LYS A 19 -4.68 -11.18 8.66
CA LYS A 19 -4.34 -12.48 8.08
C LYS A 19 -3.10 -12.34 7.22
N ASN A 20 -1.95 -12.64 7.80
CA ASN A 20 -0.68 -12.50 7.09
C ASN A 20 -0.26 -13.79 6.39
N ILE A 21 0.72 -13.64 5.51
CA ILE A 21 1.26 -14.75 4.75
C ILE A 21 2.76 -14.55 4.55
N PRO A 22 3.47 -15.54 3.98
CA PRO A 22 4.92 -15.46 3.77
C PRO A 22 5.40 -14.09 3.31
N GLY A 23 4.54 -13.36 2.60
CA GLY A 23 4.93 -12.04 2.12
C GLY A 23 3.74 -11.15 1.77
N ASP A 24 2.75 -11.10 2.65
CA ASP A 24 1.57 -10.27 2.42
C ASP A 24 0.74 -10.20 3.69
N PHE A 25 -0.48 -9.69 3.60
CA PHE A 25 -1.32 -9.59 4.79
C PHE A 25 -2.73 -9.10 4.53
N GLU A 26 -3.54 -9.19 5.58
CA GLU A 26 -4.92 -8.74 5.59
C GLU A 26 -5.19 -8.12 6.96
N CYS A 27 -6.34 -7.48 7.16
CA CYS A 27 -6.60 -6.86 8.45
C CYS A 27 -8.07 -6.48 8.63
N GLU A 28 -8.41 -6.18 9.89
CA GLU A 28 -9.76 -5.76 10.24
C GLU A 28 -9.98 -4.33 9.77
N CYS A 29 -8.91 -3.68 9.31
CA CYS A 29 -8.98 -2.32 8.83
C CYS A 29 -9.81 -2.28 7.54
N PRO A 30 -10.87 -1.45 7.49
CA PRO A 30 -11.73 -1.36 6.31
C PRO A 30 -10.92 -1.26 5.02
N GLU A 31 -10.47 -2.43 4.54
CA GLU A 31 -9.61 -2.54 3.36
C GLU A 31 -8.18 -2.57 3.82
N GLY A 32 -7.26 -2.79 2.89
CA GLY A 32 -5.86 -2.87 3.26
C GLY A 32 -5.37 -1.80 4.21
N TYR A 33 -6.26 -0.96 4.78
CA TYR A 33 -5.82 0.04 5.72
C TYR A 33 -4.96 -0.63 6.78
N ARG A 34 -3.87 0.00 7.12
CA ARG A 34 -2.93 -0.55 8.10
C ARG A 34 -3.28 -0.09 9.51
N TYR A 35 -3.39 -1.05 10.41
CA TYR A 35 -3.73 -0.80 11.79
C TYR A 35 -2.50 -0.56 12.66
N ASN A 36 -2.70 0.12 13.78
CA ASN A 36 -1.62 0.42 14.71
C ASN A 36 -2.00 0.08 16.14
N LEU A 37 -1.14 -0.70 16.81
CA LEU A 37 -1.40 -1.08 18.19
C LEU A 37 -1.02 0.06 19.15
N LYS A 38 -0.33 1.06 18.64
CA LYS A 38 0.09 2.19 19.45
C LYS A 38 -1.14 2.87 20.04
N SER A 39 -2.09 3.16 19.18
CA SER A 39 -3.33 3.80 19.59
C SER A 39 -4.54 2.93 19.33
N LYS A 40 -4.32 1.76 18.74
CA LYS A 40 -5.41 0.86 18.43
C LYS A 40 -6.46 1.54 17.61
N SER A 41 -6.01 1.95 16.45
CA SER A 41 -6.86 2.64 15.49
C SER A 41 -6.46 2.28 14.07
N CYS A 42 -7.38 2.47 13.12
CA CYS A 42 -7.11 2.15 11.72
C CYS A 42 -6.30 3.27 11.08
N GLU A 43 -5.33 2.91 10.23
CA GLU A 43 -4.50 3.91 9.58
C GLU A 43 -4.10 3.53 8.15
N ASP A 44 -4.60 4.31 7.19
CA ASP A 44 -4.33 4.14 5.77
C ASP A 44 -3.08 3.33 5.51
N ILE A 45 -3.17 2.48 4.50
CA ILE A 45 -2.08 1.59 4.13
C ILE A 45 -1.05 2.26 3.21
N ASP A 46 0.10 1.60 3.08
CA ASP A 46 1.20 2.06 2.24
C ASP A 46 1.22 1.26 0.94
N GLU A 47 0.12 1.33 0.20
CA GLU A 47 -0.04 0.61 -1.05
C GLU A 47 1.10 0.86 -2.04
N CYS A 48 1.68 2.06 -2.02
CA CYS A 48 2.76 2.37 -2.96
C CYS A 48 4.14 2.14 -2.34
N SER A 49 4.23 2.27 -1.02
CA SER A 49 5.49 2.05 -0.34
C SER A 49 6.00 0.64 -0.58
N GLU A 50 5.07 -0.25 -0.93
CA GLU A 50 5.40 -1.65 -1.15
C GLU A 50 6.06 -1.89 -2.50
N ASN A 51 5.34 -1.60 -3.59
CA ASN A 51 5.87 -1.78 -4.94
C ASN A 51 4.72 -1.85 -5.96
N MET A 52 3.99 -0.75 -6.09
CA MET A 52 2.86 -0.70 -7.03
C MET A 52 2.90 0.54 -7.87
N CYS A 53 3.41 1.62 -7.33
CA CYS A 53 3.46 2.85 -8.09
C CYS A 53 4.84 3.14 -8.63
N ALA A 54 4.88 3.44 -9.92
CA ALA A 54 6.13 3.70 -10.59
C ALA A 54 6.58 5.17 -10.47
N GLN A 55 6.10 6.02 -11.37
CA GLN A 55 6.48 7.44 -11.40
C GLN A 55 6.28 8.13 -10.05
N LEU A 56 5.03 8.45 -9.73
CA LEU A 56 4.70 9.12 -8.48
C LEU A 56 3.56 8.42 -7.80
N CYS A 57 3.68 8.16 -6.50
CA CYS A 57 2.63 7.43 -5.83
C CYS A 57 1.84 8.24 -4.79
N VAL A 58 0.69 8.77 -5.19
CA VAL A 58 -0.16 9.46 -4.23
C VAL A 58 -1.16 8.45 -3.73
N ASN A 59 -0.84 7.84 -2.64
CA ASN A 59 -1.72 6.85 -2.09
C ASN A 59 -2.68 7.50 -1.11
N TYR A 60 -3.95 7.69 -1.50
CA TYR A 60 -4.88 8.34 -0.60
C TYR A 60 -5.48 7.36 0.38
N PRO A 61 -6.15 7.87 1.42
CA PRO A 61 -6.74 7.01 2.43
C PRO A 61 -7.59 5.91 1.81
N GLY A 62 -7.05 4.71 1.75
CA GLY A 62 -7.78 3.59 1.19
C GLY A 62 -7.32 3.21 -0.19
N GLY A 63 -7.61 4.07 -1.16
CA GLY A 63 -7.22 3.79 -2.54
C GLY A 63 -6.00 4.56 -3.00
N TYR A 64 -4.88 3.90 -3.13
CA TYR A 64 -3.68 4.58 -3.54
C TYR A 64 -3.78 5.06 -4.99
N THR A 65 -2.72 5.70 -5.47
CA THR A 65 -2.69 6.20 -6.85
C THR A 65 -1.27 6.41 -7.32
N CYS A 66 -1.05 6.24 -8.62
CA CYS A 66 0.26 6.40 -9.21
C CYS A 66 0.21 7.37 -10.39
N TYR A 67 0.71 8.58 -10.19
CA TYR A 67 0.73 9.57 -11.26
C TYR A 67 2.06 9.54 -11.98
N CYS A 68 1.98 9.66 -13.30
CA CYS A 68 3.15 9.58 -14.17
C CYS A 68 3.43 10.90 -14.87
N ASP A 69 4.40 10.89 -15.79
CA ASP A 69 4.79 12.09 -16.52
C ASP A 69 5.54 13.06 -15.59
N GLY A 70 6.35 12.50 -14.69
CA GLY A 70 7.10 13.31 -13.76
C GLY A 70 8.60 13.04 -13.81
N LYS A 71 8.99 12.05 -14.60
CA LYS A 71 10.41 11.69 -14.71
C LYS A 71 10.94 12.01 -16.11
N LYS A 72 10.41 11.32 -17.11
CA LYS A 72 10.83 11.53 -18.50
C LYS A 72 9.84 12.43 -19.25
N GLY A 73 8.86 12.98 -18.53
CA GLY A 73 7.89 13.85 -19.15
C GLY A 73 7.01 13.11 -20.14
N PHE A 74 6.23 12.16 -19.66
CA PHE A 74 5.34 11.39 -20.52
C PHE A 74 3.87 11.50 -20.06
N LYS A 75 3.22 10.35 -19.79
CA LYS A 75 1.83 10.34 -19.39
C LYS A 75 1.47 9.04 -18.68
N LEU A 76 0.50 9.12 -17.78
CA LEU A 76 0.06 7.95 -17.04
C LEU A 76 -0.81 7.06 -17.92
N ALA A 77 -0.33 5.86 -18.24
CA ALA A 77 -1.05 4.94 -19.12
C ALA A 77 -2.52 4.78 -18.71
N GLN A 78 -3.20 3.84 -19.34
CA GLN A 78 -4.62 3.60 -19.07
C GLN A 78 -4.85 2.69 -17.87
N ASP A 79 -3.82 2.50 -17.05
CA ASP A 79 -3.95 1.64 -15.87
C ASP A 79 -4.03 2.47 -14.58
N GLN A 80 -3.51 3.69 -14.64
CA GLN A 80 -3.51 4.58 -13.47
C GLN A 80 -2.46 4.14 -12.44
N LYS A 81 -2.01 2.90 -12.56
CA LYS A 81 -1.00 2.36 -11.66
C LYS A 81 0.38 2.44 -12.28
N SER A 82 0.53 1.89 -13.48
CA SER A 82 1.80 1.92 -14.19
C SER A 82 2.05 3.29 -14.80
N CYS A 83 3.08 3.39 -15.63
CA CYS A 83 3.42 4.65 -16.27
C CYS A 83 4.07 4.42 -17.64
N GLU A 84 3.57 5.11 -18.66
CA GLU A 84 4.10 4.95 -20.00
C GLU A 84 4.24 6.26 -20.77
N VAL A 85 5.26 6.33 -21.61
CA VAL A 85 5.53 7.51 -22.44
C VAL A 85 4.93 7.34 -23.83
N VAL A 86 4.01 8.24 -24.18
CA VAL A 86 3.37 8.20 -25.49
C VAL A 86 3.94 9.24 -26.42
N SER A 87 5.06 8.93 -27.05
CA SER A 87 5.69 9.87 -27.97
C SER A 87 5.44 9.46 -29.42
N LYS A 1 -3.00 -18.74 9.73
CA LYS A 1 -2.41 -18.46 11.07
C LYS A 1 -1.29 -19.44 11.40
N ASP A 2 -0.05 -19.02 11.18
CA ASP A 2 1.11 -19.86 11.45
C ASP A 2 2.11 -19.14 12.35
N VAL A 3 2.97 -18.32 11.73
CA VAL A 3 3.98 -17.57 12.47
C VAL A 3 4.15 -16.18 11.88
N ASP A 4 4.62 -15.24 12.70
CA ASP A 4 4.83 -13.86 12.26
C ASP A 4 3.63 -13.38 11.47
N GLU A 5 2.69 -12.73 12.14
CA GLU A 5 1.50 -12.23 11.47
C GLU A 5 1.57 -10.72 11.27
N CYS A 6 1.45 -9.97 12.36
CA CYS A 6 1.51 -8.53 12.29
C CYS A 6 2.91 -8.04 12.63
N SER A 7 3.69 -8.89 13.29
CA SER A 7 5.05 -8.55 13.66
C SER A 7 6.02 -8.86 12.52
N LEU A 8 5.49 -9.42 11.43
CA LEU A 8 6.30 -9.76 10.27
C LEU A 8 7.04 -8.54 9.76
N LYS A 9 6.30 -7.45 9.55
CA LYS A 9 6.88 -6.20 9.06
C LYS A 9 6.75 -5.11 10.11
N PRO A 10 7.66 -4.13 10.09
CA PRO A 10 7.65 -3.02 11.07
C PRO A 10 6.30 -2.33 11.16
N SER A 11 5.47 -2.46 10.12
CA SER A 11 4.16 -1.83 10.11
C SER A 11 3.14 -2.67 9.35
N ILE A 12 2.50 -3.61 10.06
CA ILE A 12 1.48 -4.46 9.45
C ILE A 12 0.09 -3.97 9.79
N CYS A 13 -0.36 -4.33 10.99
CA CYS A 13 -1.67 -3.95 11.45
C CYS A 13 -1.77 -4.02 12.97
N GLY A 14 -0.73 -3.52 13.64
CA GLY A 14 -0.68 -3.52 15.10
C GLY A 14 -1.32 -4.75 15.72
N THR A 15 -0.86 -5.91 15.26
CA THR A 15 -1.37 -7.19 15.74
C THR A 15 -2.83 -7.09 16.16
N ALA A 16 -3.61 -6.39 15.34
CA ALA A 16 -5.03 -6.21 15.59
C ALA A 16 -5.78 -7.48 15.16
N VAL A 17 -6.71 -7.36 14.22
CA VAL A 17 -7.42 -8.52 13.73
C VAL A 17 -6.81 -8.97 12.41
N CYS A 18 -5.50 -8.75 12.29
CA CYS A 18 -4.76 -9.09 11.09
C CYS A 18 -4.47 -10.57 10.99
N LYS A 19 -5.30 -11.27 10.22
CA LYS A 19 -5.11 -12.68 9.99
C LYS A 19 -4.04 -12.83 8.92
N ASN A 20 -2.82 -13.07 9.36
CA ASN A 20 -1.69 -13.18 8.44
C ASN A 20 -1.49 -14.61 7.96
N ILE A 21 -0.76 -14.73 6.86
CA ILE A 21 -0.46 -16.02 6.27
C ILE A 21 1.04 -16.11 5.97
N PRO A 22 1.54 -17.28 5.53
CA PRO A 22 2.96 -17.47 5.24
C PRO A 22 3.61 -16.29 4.53
N GLY A 23 2.81 -15.53 3.79
CA GLY A 23 3.35 -14.38 3.09
C GLY A 23 2.29 -13.36 2.70
N ASP A 24 1.46 -12.95 3.65
CA ASP A 24 0.42 -11.96 3.39
C ASP A 24 -0.36 -11.66 4.66
N PHE A 25 -1.21 -10.65 4.61
CA PHE A 25 -1.99 -10.26 5.79
C PHE A 25 -3.32 -9.61 5.43
N GLU A 26 -4.28 -9.76 6.34
CA GLU A 26 -5.61 -9.16 6.19
C GLU A 26 -6.15 -8.83 7.57
N CYS A 27 -6.41 -7.56 7.80
CA CYS A 27 -6.91 -7.11 9.10
C CYS A 27 -8.27 -6.45 8.98
N GLU A 28 -8.82 -6.07 10.13
CA GLU A 28 -10.11 -5.41 10.19
C GLU A 28 -10.02 -4.03 9.56
N CYS A 29 -8.78 -3.56 9.35
CA CYS A 29 -8.55 -2.26 8.76
C CYS A 29 -9.01 -2.27 7.29
N PRO A 30 -10.03 -1.45 6.93
CA PRO A 30 -10.56 -1.38 5.56
C PRO A 30 -9.48 -1.67 4.53
N GLU A 31 -9.86 -2.22 3.38
CA GLU A 31 -8.88 -2.54 2.35
C GLU A 31 -7.61 -3.07 2.99
N GLY A 32 -6.47 -2.86 2.37
CA GLY A 32 -5.25 -3.29 2.99
C GLY A 32 -4.75 -2.19 3.91
N TYR A 33 -5.68 -1.52 4.57
CA TYR A 33 -5.35 -0.44 5.49
C TYR A 33 -4.36 -0.90 6.53
N ARG A 34 -3.44 -0.01 6.82
CA ARG A 34 -2.41 -0.25 7.82
C ARG A 34 -2.86 0.26 9.19
N TYR A 35 -2.62 -0.54 10.22
CA TYR A 35 -2.98 -0.18 11.58
C TYR A 35 -1.72 0.00 12.41
N ASN A 36 -1.83 0.74 13.50
CA ASN A 36 -0.68 0.98 14.36
C ASN A 36 -1.03 0.70 15.82
N LEU A 37 -0.17 -0.09 16.47
CA LEU A 37 -0.37 -0.45 17.88
C LEU A 37 0.01 0.72 18.78
N LYS A 38 0.89 1.59 18.28
CA LYS A 38 1.33 2.75 19.05
C LYS A 38 0.16 3.72 19.21
N SER A 39 -0.56 3.90 18.12
CA SER A 39 -1.72 4.78 18.10
C SER A 39 -3.00 3.96 18.28
N LYS A 40 -2.86 2.65 18.04
CA LYS A 40 -4.00 1.72 18.11
C LYS A 40 -5.14 2.24 17.26
N SER A 41 -4.75 2.84 16.15
CA SER A 41 -5.69 3.42 15.21
C SER A 41 -5.58 2.78 13.84
N CYS A 42 -6.61 2.94 13.03
CA CYS A 42 -6.62 2.39 11.68
C CYS A 42 -6.31 3.48 10.66
N GLU A 43 -5.39 3.19 9.74
CA GLU A 43 -5.02 4.19 8.74
C GLU A 43 -4.65 3.56 7.41
N ASP A 44 -5.20 4.12 6.33
CA ASP A 44 -4.94 3.67 4.97
C ASP A 44 -3.49 3.22 4.85
N ILE A 45 -3.29 2.27 3.97
CA ILE A 45 -1.96 1.70 3.78
C ILE A 45 -1.09 2.52 2.82
N ASP A 46 0.20 2.21 2.86
CA ASP A 46 1.19 2.87 2.01
C ASP A 46 1.61 1.95 0.87
N GLU A 47 0.62 1.52 0.11
CA GLU A 47 0.82 0.62 -1.03
C GLU A 47 1.94 1.08 -1.96
N CYS A 48 2.26 2.37 -1.96
CA CYS A 48 3.30 2.89 -2.84
C CYS A 48 4.63 3.06 -2.13
N SER A 49 4.60 3.35 -0.83
CA SER A 49 5.82 3.52 -0.07
C SER A 49 6.65 2.24 -0.14
N GLU A 50 5.98 1.12 -0.42
CA GLU A 50 6.62 -0.17 -0.48
C GLU A 50 7.39 -0.37 -1.78
N ASN A 51 7.18 0.54 -2.75
CA ASN A 51 7.85 0.47 -4.06
C ASN A 51 7.01 -0.27 -5.09
N MET A 52 5.87 0.33 -5.44
CA MET A 52 4.98 -0.25 -6.43
C MET A 52 4.68 0.71 -7.55
N CYS A 53 4.82 2.00 -7.28
CA CYS A 53 4.51 2.97 -8.31
C CYS A 53 5.72 3.34 -9.15
N ALA A 54 5.43 4.07 -10.23
CA ALA A 54 6.46 4.47 -11.16
C ALA A 54 7.21 5.73 -10.70
N GLN A 55 6.72 6.91 -11.09
CA GLN A 55 7.36 8.17 -10.72
C GLN A 55 6.60 8.88 -9.60
N LEU A 56 5.28 8.83 -9.67
CA LEU A 56 4.44 9.43 -8.66
C LEU A 56 3.40 8.45 -8.18
N CYS A 57 3.21 8.37 -6.87
CA CYS A 57 2.27 7.43 -6.34
C CYS A 57 1.14 8.09 -5.54
N VAL A 58 0.08 8.57 -6.20
CA VAL A 58 -1.02 9.14 -5.44
C VAL A 58 -1.77 8.00 -4.81
N ASN A 59 -1.36 7.66 -3.62
CA ASN A 59 -1.98 6.58 -2.90
C ASN A 59 -3.20 7.08 -2.16
N TYR A 60 -4.42 6.83 -2.66
CA TYR A 60 -5.58 7.33 -1.94
C TYR A 60 -6.00 6.35 -0.87
N PRO A 61 -6.84 6.80 0.07
CA PRO A 61 -7.29 5.95 1.16
C PRO A 61 -7.77 4.60 0.63
N GLY A 62 -6.91 3.59 0.71
CA GLY A 62 -7.26 2.27 0.26
C GLY A 62 -6.58 1.88 -1.03
N GLY A 63 -7.02 2.47 -2.13
CA GLY A 63 -6.45 2.14 -3.44
C GLY A 63 -5.48 3.17 -3.97
N TYR A 64 -4.21 2.82 -4.02
CA TYR A 64 -3.22 3.77 -4.50
C TYR A 64 -3.31 4.00 -6.02
N THR A 65 -2.44 4.88 -6.51
CA THR A 65 -2.39 5.21 -7.93
C THR A 65 -0.97 5.62 -8.29
N CYS A 66 -0.52 5.24 -9.49
CA CYS A 66 0.83 5.55 -9.91
C CYS A 66 0.87 6.34 -11.20
N TYR A 67 1.18 7.64 -11.08
CA TYR A 67 1.27 8.51 -12.24
C TYR A 67 2.71 8.96 -12.43
N CYS A 68 3.23 8.88 -13.66
CA CYS A 68 4.62 9.23 -13.91
C CYS A 68 4.84 10.73 -14.01
N ASP A 69 4.43 11.32 -15.14
CA ASP A 69 4.59 12.74 -15.40
C ASP A 69 5.19 13.51 -14.23
N GLY A 70 6.49 13.73 -14.31
CA GLY A 70 7.20 14.44 -13.26
C GLY A 70 8.71 14.33 -13.40
N LYS A 71 9.16 13.24 -14.00
CA LYS A 71 10.60 13.02 -14.20
C LYS A 71 10.96 13.23 -15.68
N LYS A 72 10.04 12.85 -16.56
CA LYS A 72 10.24 13.00 -17.99
C LYS A 72 9.16 13.91 -18.60
N GLY A 73 8.05 14.06 -17.89
CA GLY A 73 6.98 14.91 -18.38
C GLY A 73 6.07 14.18 -19.35
N PHE A 74 5.22 13.31 -18.82
CA PHE A 74 4.29 12.58 -19.67
C PHE A 74 2.96 12.27 -18.97
N LYS A 75 2.51 11.01 -19.01
CA LYS A 75 1.23 10.67 -18.41
C LYS A 75 1.17 9.23 -17.90
N LEU A 76 0.01 8.88 -17.35
CA LEU A 76 -0.24 7.55 -16.81
C LEU A 76 -1.01 6.67 -17.82
N ALA A 77 -0.34 5.64 -18.33
CA ALA A 77 -0.96 4.74 -19.29
C ALA A 77 -2.29 4.20 -18.75
N GLN A 78 -2.88 3.27 -19.50
CA GLN A 78 -4.16 2.68 -19.11
C GLN A 78 -3.97 1.49 -18.17
N ASP A 79 -2.78 1.35 -17.59
CA ASP A 79 -2.50 0.26 -16.66
C ASP A 79 -2.83 0.67 -15.23
N GLN A 80 -2.66 1.95 -14.93
CA GLN A 80 -2.92 2.52 -13.61
C GLN A 80 -1.66 2.49 -12.74
N LYS A 81 -0.93 1.39 -12.78
CA LYS A 81 0.30 1.24 -12.01
C LYS A 81 1.49 1.74 -12.81
N SER A 82 1.47 1.46 -14.12
CA SER A 82 2.54 1.88 -15.01
C SER A 82 2.19 3.22 -15.66
N CYS A 83 3.19 3.83 -16.29
CA CYS A 83 2.99 5.12 -16.92
C CYS A 83 3.38 5.12 -18.40
N GLU A 84 2.73 5.99 -19.17
CA GLU A 84 3.00 6.12 -20.60
C GLU A 84 2.92 7.57 -21.03
N VAL A 85 3.78 7.97 -21.97
CA VAL A 85 3.80 9.33 -22.48
C VAL A 85 2.83 9.49 -23.64
N VAL A 86 2.44 10.74 -23.93
CA VAL A 86 1.52 11.02 -25.01
C VAL A 86 1.83 12.36 -25.66
N SER A 87 1.85 12.37 -26.98
CA SER A 87 2.14 13.59 -27.74
C SER A 87 0.87 14.40 -27.97
N LYS A 1 -2.85 -19.33 8.77
CA LYS A 1 -1.84 -18.77 9.71
C LYS A 1 -0.53 -19.55 9.64
N ASP A 2 0.59 -18.83 9.68
CA ASP A 2 1.90 -19.46 9.61
C ASP A 2 2.83 -18.90 10.70
N VAL A 3 3.52 -17.81 10.39
CA VAL A 3 4.42 -17.18 11.34
C VAL A 3 4.62 -15.71 11.00
N ASP A 4 4.95 -14.91 12.02
CA ASP A 4 5.16 -13.47 11.83
C ASP A 4 4.04 -12.88 10.96
N GLU A 5 2.97 -12.40 11.59
CA GLU A 5 1.87 -11.83 10.85
C GLU A 5 1.87 -10.31 10.96
N CYS A 6 1.57 -9.83 12.16
CA CYS A 6 1.55 -8.40 12.40
C CYS A 6 2.89 -7.95 12.98
N SER A 7 3.66 -8.91 13.49
CA SER A 7 4.96 -8.63 14.06
C SER A 7 6.05 -8.81 12.99
N LEU A 8 5.63 -8.82 11.72
CA LEU A 8 6.57 -8.99 10.61
C LEU A 8 7.34 -7.70 10.36
N LYS A 9 6.68 -6.57 10.64
CA LYS A 9 7.28 -5.26 10.45
C LYS A 9 7.10 -4.40 11.71
N PRO A 10 7.84 -3.28 11.79
CA PRO A 10 7.75 -2.37 12.94
C PRO A 10 6.33 -1.91 13.24
N SER A 11 5.50 -1.86 12.20
CA SER A 11 4.10 -1.43 12.37
C SER A 11 3.24 -1.91 11.21
N ILE A 12 2.59 -3.06 11.39
CA ILE A 12 1.72 -3.61 10.35
C ILE A 12 0.25 -3.34 10.63
N CYS A 13 -0.32 -4.15 11.51
CA CYS A 13 -1.73 -4.02 11.85
C CYS A 13 -1.96 -4.16 13.35
N GLY A 14 -0.95 -3.80 14.14
CA GLY A 14 -1.09 -3.90 15.59
C GLY A 14 -1.68 -5.22 16.03
N THR A 15 -1.22 -6.30 15.41
CA THR A 15 -1.68 -7.65 15.70
C THR A 15 -3.17 -7.65 16.07
N ALA A 16 -3.97 -6.95 15.27
CA ALA A 16 -5.41 -6.87 15.48
C ALA A 16 -6.09 -8.14 14.98
N VAL A 17 -6.15 -8.25 13.66
CA VAL A 17 -6.76 -9.41 13.01
C VAL A 17 -6.19 -9.55 11.60
N CYS A 18 -4.92 -9.17 11.45
CA CYS A 18 -4.25 -9.21 10.17
C CYS A 18 -3.97 -10.63 9.71
N LYS A 19 -4.63 -11.02 8.63
CA LYS A 19 -4.42 -12.35 8.05
C LYS A 19 -3.16 -12.30 7.20
N ASN A 20 -2.01 -12.51 7.85
CA ASN A 20 -0.73 -12.46 7.18
C ASN A 20 -0.35 -13.79 6.56
N ILE A 21 0.61 -13.73 5.63
CA ILE A 21 1.10 -14.91 4.94
C ILE A 21 2.64 -14.88 4.89
N PRO A 22 3.27 -16.00 4.48
CA PRO A 22 4.73 -16.11 4.43
C PRO A 22 5.42 -14.86 3.88
N GLY A 23 4.73 -14.10 3.05
CA GLY A 23 5.33 -12.89 2.49
C GLY A 23 4.31 -11.88 2.01
N ASP A 24 3.38 -11.52 2.88
CA ASP A 24 2.35 -10.54 2.57
C ASP A 24 1.47 -10.33 3.78
N PHE A 25 0.32 -9.69 3.60
CA PHE A 25 -0.56 -9.45 4.73
C PHE A 25 -1.95 -8.96 4.33
N GLU A 26 -2.89 -9.21 5.23
CA GLU A 26 -4.27 -8.77 5.08
C GLU A 26 -4.75 -8.26 6.42
N CYS A 27 -5.87 -7.55 6.46
CA CYS A 27 -6.34 -7.01 7.72
C CYS A 27 -7.85 -6.84 7.78
N GLU A 28 -8.35 -6.70 9.01
CA GLU A 28 -9.76 -6.47 9.25
C GLU A 28 -10.10 -5.01 9.04
N CYS A 29 -9.07 -4.20 8.77
CA CYS A 29 -9.23 -2.78 8.53
C CYS A 29 -10.00 -2.59 7.23
N PRO A 30 -10.97 -1.65 7.20
CA PRO A 30 -11.79 -1.37 6.01
C PRO A 30 -10.97 -1.31 4.73
N GLU A 31 -10.48 -2.47 4.29
CA GLU A 31 -9.60 -2.60 3.12
C GLU A 31 -8.19 -2.70 3.63
N GLY A 32 -7.22 -2.83 2.75
CA GLY A 32 -5.85 -2.95 3.20
C GLY A 32 -5.42 -1.87 4.19
N TYR A 33 -6.36 -1.12 4.79
CA TYR A 33 -5.98 -0.12 5.76
C TYR A 33 -5.13 -0.77 6.83
N ARG A 34 -4.07 -0.07 7.19
CA ARG A 34 -3.10 -0.56 8.17
C ARG A 34 -3.47 -0.13 9.58
N TYR A 35 -3.50 -1.09 10.50
CA TYR A 35 -3.85 -0.84 11.88
C TYR A 35 -2.61 -0.57 12.74
N ASN A 36 -2.84 0.08 13.87
CA ASN A 36 -1.77 0.42 14.80
C ASN A 36 -2.10 0.00 16.22
N LEU A 37 -1.23 -0.80 16.83
CA LEU A 37 -1.45 -1.25 18.20
C LEU A 37 -1.06 -0.15 19.20
N LYS A 38 -0.36 0.87 18.71
CA LYS A 38 0.07 1.97 19.55
C LYS A 38 -1.12 2.73 20.09
N SER A 39 -2.06 3.04 19.20
CA SER A 39 -3.25 3.77 19.58
C SER A 39 -4.51 2.92 19.46
N LYS A 40 -4.35 1.72 18.91
CA LYS A 40 -5.48 0.83 18.72
C LYS A 40 -6.54 1.46 17.87
N SER A 41 -6.13 1.79 16.68
CA SER A 41 -7.03 2.41 15.70
C SER A 41 -6.63 2.03 14.28
N CYS A 42 -7.57 2.13 13.36
CA CYS A 42 -7.29 1.81 11.96
C CYS A 42 -6.64 3.00 11.26
N GLU A 43 -5.68 2.72 10.38
CA GLU A 43 -4.97 3.79 9.68
C GLU A 43 -4.57 3.41 8.25
N ASP A 44 -5.11 4.17 7.29
CA ASP A 44 -4.84 3.99 5.87
C ASP A 44 -3.50 3.30 5.64
N ILE A 45 -3.47 2.46 4.62
CA ILE A 45 -2.29 1.70 4.27
C ILE A 45 -1.29 2.49 3.41
N ASP A 46 -0.08 1.93 3.32
CA ASP A 46 0.99 2.51 2.54
C ASP A 46 1.19 1.69 1.26
N GLU A 47 0.11 1.55 0.50
CA GLU A 47 0.13 0.79 -0.75
C GLU A 47 1.26 1.24 -1.67
N CYS A 48 1.56 2.53 -1.67
CA CYS A 48 2.61 3.07 -2.52
C CYS A 48 4.00 2.88 -1.90
N SER A 49 4.06 2.97 -0.58
CA SER A 49 5.33 2.79 0.13
C SER A 49 5.96 1.45 -0.22
N GLU A 50 5.13 0.53 -0.70
CA GLU A 50 5.59 -0.81 -1.04
C GLU A 50 6.27 -0.83 -2.40
N ASN A 51 5.95 0.16 -3.24
CA ASN A 51 6.52 0.27 -4.59
C ASN A 51 5.58 -0.32 -5.63
N MET A 52 4.45 0.35 -5.84
CA MET A 52 3.47 -0.10 -6.83
C MET A 52 3.30 0.91 -7.94
N CYS A 53 3.93 2.07 -7.81
CA CYS A 53 3.81 3.08 -8.83
C CYS A 53 5.08 3.22 -9.65
N ALA A 54 4.89 3.49 -10.93
CA ALA A 54 6.00 3.62 -11.85
C ALA A 54 6.66 5.00 -11.79
N GLN A 55 5.85 6.06 -11.80
CA GLN A 55 6.38 7.42 -11.79
C GLN A 55 6.23 8.09 -10.42
N LEU A 56 4.99 8.33 -10.01
CA LEU A 56 4.71 8.96 -8.73
C LEU A 56 3.61 8.25 -8.00
N CYS A 57 3.79 7.99 -6.70
CA CYS A 57 2.77 7.29 -5.96
C CYS A 57 2.06 8.14 -4.90
N VAL A 58 0.86 8.62 -5.21
CA VAL A 58 0.08 9.37 -4.25
C VAL A 58 -0.92 8.44 -3.60
N ASN A 59 -0.54 7.91 -2.48
CA ASN A 59 -1.38 6.98 -1.76
C ASN A 59 -2.36 7.72 -0.89
N TYR A 60 -3.64 7.84 -1.30
CA TYR A 60 -4.58 8.55 -0.44
C TYR A 60 -5.17 7.59 0.56
N PRO A 61 -5.79 8.12 1.62
CA PRO A 61 -6.37 7.30 2.66
C PRO A 61 -7.15 6.12 2.11
N GLY A 62 -6.52 4.94 2.11
CA GLY A 62 -7.17 3.75 1.62
C GLY A 62 -6.72 3.35 0.23
N GLY A 63 -7.12 4.13 -0.75
CA GLY A 63 -6.78 3.82 -2.13
C GLY A 63 -5.64 4.66 -2.69
N TYR A 64 -4.50 4.03 -2.92
CA TYR A 64 -3.38 4.79 -3.44
C TYR A 64 -3.60 5.19 -4.89
N THR A 65 -2.57 5.78 -5.48
CA THR A 65 -2.63 6.23 -6.86
C THR A 65 -1.24 6.42 -7.43
N CYS A 66 -1.12 6.20 -8.74
CA CYS A 66 0.17 6.34 -9.41
C CYS A 66 0.09 7.35 -10.54
N TYR A 67 0.66 8.53 -10.33
CA TYR A 67 0.66 9.55 -11.36
C TYR A 67 1.97 9.52 -12.13
N CYS A 68 1.84 9.60 -13.44
CA CYS A 68 2.96 9.52 -14.35
C CYS A 68 3.19 10.84 -15.09
N ASP A 69 4.16 10.86 -16.00
CA ASP A 69 4.48 12.06 -16.75
C ASP A 69 5.15 13.10 -15.84
N GLY A 70 6.46 12.96 -15.69
CA GLY A 70 7.19 13.89 -14.84
C GLY A 70 8.61 14.13 -15.32
N LYS A 71 9.52 13.26 -14.91
CA LYS A 71 10.93 13.39 -15.30
C LYS A 71 11.10 13.19 -16.81
N LYS A 72 10.35 12.26 -17.38
CA LYS A 72 10.42 11.98 -18.81
C LYS A 72 9.38 12.78 -19.59
N GLY A 73 8.41 13.34 -18.87
CA GLY A 73 7.37 14.13 -19.52
C GLY A 73 6.54 13.30 -20.48
N PHE A 74 5.85 12.30 -19.94
CA PHE A 74 5.01 11.43 -20.76
C PHE A 74 3.55 11.48 -20.34
N LYS A 75 2.92 10.33 -20.11
CA LYS A 75 1.51 10.28 -19.73
C LYS A 75 1.19 9.00 -18.95
N LEU A 76 0.26 9.10 -18.00
CA LEU A 76 -0.14 7.96 -17.20
C LEU A 76 -1.06 7.04 -18.01
N ALA A 77 -0.60 5.83 -18.30
CA ALA A 77 -1.38 4.87 -19.10
C ALA A 77 -2.82 4.76 -18.59
N GLN A 78 -3.57 3.85 -19.21
CA GLN A 78 -4.97 3.65 -18.87
C GLN A 78 -5.17 2.70 -17.68
N ASP A 79 -4.11 2.46 -16.91
CA ASP A 79 -4.21 1.57 -15.76
C ASP A 79 -4.29 2.36 -14.45
N GLN A 80 -3.81 3.61 -14.49
CA GLN A 80 -3.81 4.49 -13.31
C GLN A 80 -2.72 4.07 -12.30
N LYS A 81 -2.16 2.88 -12.51
CA LYS A 81 -1.11 2.36 -11.63
C LYS A 81 0.21 2.31 -12.39
N SER A 82 0.13 2.01 -13.68
CA SER A 82 1.32 1.94 -14.52
C SER A 82 1.65 3.31 -15.11
N CYS A 83 2.71 3.38 -15.89
CA CYS A 83 3.13 4.65 -16.50
C CYS A 83 3.77 4.42 -17.86
N GLU A 84 3.25 5.08 -18.90
CA GLU A 84 3.78 4.91 -20.25
C GLU A 84 3.98 6.24 -20.98
N VAL A 85 5.06 6.29 -21.77
CA VAL A 85 5.39 7.48 -22.55
C VAL A 85 5.00 7.29 -24.01
N VAL A 86 4.32 8.30 -24.57
CA VAL A 86 3.88 8.25 -25.95
C VAL A 86 4.86 8.98 -26.87
N SER A 87 5.92 8.30 -27.26
CA SER A 87 6.92 8.91 -28.13
C SER A 87 6.85 8.32 -29.53
N LYS A 1 -1.80 -19.84 10.96
CA LYS A 1 -0.68 -18.89 11.11
C LYS A 1 0.66 -19.56 10.81
N ASP A 2 1.66 -18.75 10.49
CA ASP A 2 3.00 -19.27 10.17
C ASP A 2 4.06 -18.62 11.06
N VAL A 3 4.51 -17.44 10.68
CA VAL A 3 5.52 -16.72 11.45
C VAL A 3 5.51 -15.23 11.10
N ASP A 4 5.77 -14.39 12.11
CA ASP A 4 5.77 -12.95 11.90
C ASP A 4 4.57 -12.51 11.09
N GLU A 5 3.47 -12.17 11.76
CA GLU A 5 2.26 -11.75 11.07
C GLU A 5 2.12 -10.24 11.10
N CYS A 6 1.83 -9.70 12.27
CA CYS A 6 1.68 -8.26 12.43
C CYS A 6 2.96 -7.64 12.98
N SER A 7 3.74 -8.45 13.68
CA SER A 7 5.00 -7.98 14.25
C SER A 7 6.09 -7.89 13.18
N LEU A 8 5.76 -8.37 11.97
CA LEU A 8 6.70 -8.35 10.86
C LEU A 8 7.23 -6.94 10.62
N LYS A 9 6.37 -5.95 10.87
CA LYS A 9 6.73 -4.55 10.69
C LYS A 9 6.01 -3.67 11.71
N PRO A 10 6.51 -2.44 11.93
CA PRO A 10 5.90 -1.51 12.89
C PRO A 10 4.69 -0.78 12.32
N SER A 11 4.28 -1.13 11.11
CA SER A 11 3.13 -0.50 10.48
C SER A 11 2.31 -1.51 9.68
N ILE A 12 1.94 -2.61 10.31
CA ILE A 12 1.15 -3.64 9.66
C ILE A 12 -0.32 -3.53 10.03
N CYS A 13 -0.68 -4.15 11.15
CA CYS A 13 -2.05 -4.15 11.59
C CYS A 13 -2.14 -4.49 13.08
N GLY A 14 -1.39 -3.73 13.89
CA GLY A 14 -1.36 -3.90 15.34
C GLY A 14 -1.92 -5.23 15.81
N THR A 15 -1.34 -6.32 15.31
CA THR A 15 -1.75 -7.68 15.65
C THR A 15 -3.21 -7.73 16.12
N ALA A 16 -4.08 -7.06 15.36
CA ALA A 16 -5.50 -7.01 15.66
C ALA A 16 -6.19 -8.28 15.21
N VAL A 17 -6.24 -8.45 13.89
CA VAL A 17 -6.84 -9.62 13.28
C VAL A 17 -6.28 -9.77 11.87
N CYS A 18 -5.00 -9.48 11.75
CA CYS A 18 -4.31 -9.54 10.48
C CYS A 18 -3.90 -10.94 10.07
N LYS A 19 -4.44 -11.38 8.94
CA LYS A 19 -4.10 -12.67 8.38
C LYS A 19 -2.85 -12.51 7.54
N ASN A 20 -1.70 -12.81 8.13
CA ASN A 20 -0.43 -12.65 7.45
C ASN A 20 0.02 -13.94 6.77
N ILE A 21 1.00 -13.80 5.89
CA ILE A 21 1.55 -14.93 5.16
C ILE A 21 3.07 -14.81 5.06
N PRO A 22 3.77 -15.87 4.59
CA PRO A 22 5.23 -15.89 4.47
C PRO A 22 5.83 -14.55 4.03
N GLY A 23 5.09 -13.78 3.25
CA GLY A 23 5.59 -12.50 2.79
C GLY A 23 4.52 -11.54 2.34
N ASP A 24 3.52 -11.32 3.19
CA ASP A 24 2.43 -10.40 2.88
C ASP A 24 1.53 -10.25 4.11
N PHE A 25 0.39 -9.61 3.94
CA PHE A 25 -0.52 -9.41 5.08
C PHE A 25 -1.93 -9.00 4.65
N GLU A 26 -2.86 -9.23 5.56
CA GLU A 26 -4.25 -8.85 5.38
C GLU A 26 -4.79 -8.38 6.72
N CYS A 27 -5.43 -7.21 6.75
CA CYS A 27 -5.94 -6.66 8.00
C CYS A 27 -7.45 -6.46 7.94
N GLU A 28 -8.08 -6.54 9.12
CA GLU A 28 -9.52 -6.37 9.24
C GLU A 28 -9.92 -4.90 9.12
N CYS A 29 -8.92 -4.04 8.90
CA CYS A 29 -9.15 -2.62 8.77
C CYS A 29 -9.92 -2.32 7.50
N PRO A 30 -10.45 -1.09 7.37
CA PRO A 30 -11.26 -0.67 6.21
C PRO A 30 -10.65 -1.01 4.85
N GLU A 31 -10.43 -2.30 4.58
CA GLU A 31 -9.89 -2.73 3.30
C GLU A 31 -8.47 -2.32 3.11
N GLY A 32 -7.57 -3.20 3.42
CA GLY A 32 -6.18 -2.90 3.26
C GLY A 32 -5.68 -1.90 4.28
N TYR A 33 -6.58 -1.09 4.85
CA TYR A 33 -6.12 -0.13 5.84
C TYR A 33 -5.27 -0.84 6.87
N ARG A 34 -4.11 -0.28 7.13
CA ARG A 34 -3.17 -0.90 8.06
C ARG A 34 -3.41 -0.43 9.50
N TYR A 35 -3.64 -1.37 10.40
CA TYR A 35 -3.89 -1.08 11.80
C TYR A 35 -2.61 -0.86 12.59
N ASN A 36 -2.72 -0.13 13.69
CA ASN A 36 -1.58 0.15 14.55
C ASN A 36 -1.89 -0.13 16.01
N LEU A 37 -1.06 -0.96 16.65
CA LEU A 37 -1.24 -1.30 18.05
C LEU A 37 -0.81 -0.14 18.96
N LYS A 38 -0.12 0.83 18.38
CA LYS A 38 0.35 1.98 19.12
C LYS A 38 -0.81 2.72 19.75
N SER A 39 -1.82 3.00 18.94
CA SER A 39 -3.00 3.71 19.41
C SER A 39 -4.26 2.85 19.31
N LYS A 40 -4.11 1.63 18.82
CA LYS A 40 -5.23 0.75 18.67
C LYS A 40 -6.32 1.39 17.84
N SER A 41 -5.93 1.66 16.62
CA SER A 41 -6.81 2.28 15.64
C SER A 41 -6.40 1.89 14.23
N CYS A 42 -7.31 2.04 13.28
CA CYS A 42 -7.01 1.72 11.89
C CYS A 42 -6.23 2.86 11.25
N GLU A 43 -5.31 2.52 10.34
CA GLU A 43 -4.50 3.54 9.69
C GLU A 43 -4.17 3.21 8.24
N ASP A 44 -4.63 4.07 7.34
CA ASP A 44 -4.41 3.94 5.90
C ASP A 44 -3.23 3.05 5.57
N ILE A 45 -3.40 2.26 4.53
CA ILE A 45 -2.40 1.32 4.08
C ILE A 45 -1.32 1.97 3.20
N ASP A 46 -0.23 1.23 3.01
CA ASP A 46 0.89 1.67 2.18
C ASP A 46 0.87 0.94 0.84
N GLU A 47 -0.22 1.13 0.11
CA GLU A 47 -0.44 0.50 -1.18
C GLU A 47 0.69 0.73 -2.19
N CYS A 48 1.48 1.79 -2.02
CA CYS A 48 2.57 2.04 -2.98
C CYS A 48 3.92 1.69 -2.40
N SER A 49 4.07 1.79 -1.09
CA SER A 49 5.34 1.45 -0.45
C SER A 49 5.70 0.00 -0.73
N GLU A 50 4.67 -0.78 -1.05
CA GLU A 50 4.85 -2.20 -1.35
C GLU A 50 5.36 -2.42 -2.77
N ASN A 51 5.35 -1.36 -3.58
CA ASN A 51 5.82 -1.43 -4.97
C ASN A 51 4.68 -1.79 -5.92
N MET A 52 3.69 -0.92 -6.01
CA MET A 52 2.54 -1.14 -6.88
C MET A 52 2.28 0.04 -7.78
N CYS A 53 2.87 1.18 -7.45
CA CYS A 53 2.70 2.36 -8.26
C CYS A 53 3.98 2.72 -8.97
N ALA A 54 3.85 3.20 -10.19
CA ALA A 54 5.02 3.59 -10.95
C ALA A 54 5.19 5.11 -10.92
N GLN A 55 6.31 5.59 -11.48
CA GLN A 55 6.59 7.03 -11.53
C GLN A 55 6.42 7.68 -10.16
N LEU A 56 5.19 8.06 -9.84
CA LEU A 56 4.87 8.69 -8.57
C LEU A 56 3.69 8.00 -7.93
N CYS A 57 3.81 7.64 -6.67
CA CYS A 57 2.71 6.95 -6.03
C CYS A 57 2.01 7.75 -4.94
N VAL A 58 0.91 8.42 -5.29
CA VAL A 58 0.14 9.14 -4.28
C VAL A 58 -0.96 8.22 -3.81
N ASN A 59 -0.68 7.55 -2.73
CA ASN A 59 -1.65 6.63 -2.18
C ASN A 59 -2.52 7.37 -1.17
N TYR A 60 -3.78 7.69 -1.52
CA TYR A 60 -4.62 8.41 -0.59
C TYR A 60 -5.29 7.46 0.37
N PRO A 61 -5.89 8.01 1.45
CA PRO A 61 -6.53 7.19 2.45
C PRO A 61 -7.50 6.19 1.83
N GLY A 62 -7.07 4.94 1.72
CA GLY A 62 -7.91 3.92 1.14
C GLY A 62 -7.53 3.55 -0.28
N GLY A 63 -7.76 4.46 -1.21
CA GLY A 63 -7.43 4.18 -2.60
C GLY A 63 -6.16 4.86 -3.08
N TYR A 64 -5.11 4.10 -3.27
CA TYR A 64 -3.85 4.68 -3.70
C TYR A 64 -3.93 5.19 -5.14
N THR A 65 -2.81 5.73 -5.64
CA THR A 65 -2.76 6.25 -7.00
C THR A 65 -1.31 6.35 -7.49
N CYS A 66 -1.15 6.21 -8.80
CA CYS A 66 0.17 6.27 -9.43
C CYS A 66 0.19 7.31 -10.54
N TYR A 67 0.83 8.45 -10.28
CA TYR A 67 0.91 9.50 -11.30
C TYR A 67 2.25 9.43 -12.03
N CYS A 68 2.16 9.63 -13.34
CA CYS A 68 3.32 9.54 -14.23
C CYS A 68 3.67 10.90 -14.85
N ASP A 69 4.64 10.90 -15.76
CA ASP A 69 5.07 12.13 -16.40
C ASP A 69 5.84 13.02 -15.42
N GLY A 70 6.69 12.39 -14.61
CA GLY A 70 7.46 13.14 -13.63
C GLY A 70 8.94 12.83 -13.69
N LYS A 71 9.32 11.89 -14.54
CA LYS A 71 10.74 11.51 -14.69
C LYS A 71 11.27 11.94 -16.05
N LYS A 72 10.74 11.33 -17.10
CA LYS A 72 11.17 11.65 -18.46
C LYS A 72 10.22 12.63 -19.13
N GLY A 73 9.20 13.07 -18.40
CA GLY A 73 8.25 14.01 -18.95
C GLY A 73 7.34 13.37 -19.99
N PHE A 74 6.53 12.42 -19.55
CA PHE A 74 5.62 11.73 -20.45
C PHE A 74 4.15 11.89 -20.03
N LYS A 75 3.43 10.78 -19.84
CA LYS A 75 2.02 10.85 -19.47
C LYS A 75 1.55 9.56 -18.81
N LEU A 76 0.60 9.68 -17.90
CA LEU A 76 0.06 8.51 -17.22
C LEU A 76 -0.96 7.81 -18.11
N ALA A 77 -0.64 6.58 -18.53
CA ALA A 77 -1.53 5.84 -19.43
C ALA A 77 -2.97 5.84 -18.95
N GLN A 78 -3.81 5.05 -19.62
CA GLN A 78 -5.23 4.98 -19.30
C GLN A 78 -5.53 3.97 -18.19
N ASP A 79 -4.51 3.54 -17.45
CA ASP A 79 -4.71 2.58 -16.38
C ASP A 79 -4.70 3.28 -15.02
N GLN A 80 -4.07 4.46 -14.96
CA GLN A 80 -3.98 5.22 -13.71
C GLN A 80 -2.98 4.59 -12.74
N LYS A 81 -2.56 3.36 -13.03
CA LYS A 81 -1.61 2.65 -12.21
C LYS A 81 -0.25 2.55 -12.90
N SER A 82 -0.28 2.29 -14.20
CA SER A 82 0.94 2.18 -14.98
C SER A 82 1.40 3.55 -15.46
N CYS A 83 2.47 3.59 -16.25
CA CYS A 83 3.01 4.85 -16.75
C CYS A 83 3.63 4.67 -18.12
N GLU A 84 3.17 5.46 -19.09
CA GLU A 84 3.68 5.35 -20.45
C GLU A 84 3.99 6.71 -21.09
N VAL A 85 5.05 6.75 -21.89
CA VAL A 85 5.47 7.97 -22.57
C VAL A 85 4.94 8.00 -24.00
N VAL A 86 4.84 9.20 -24.55
CA VAL A 86 4.35 9.39 -25.91
C VAL A 86 5.47 9.07 -26.92
N SER A 87 5.54 9.84 -27.99
CA SER A 87 6.57 9.63 -29.02
C SER A 87 7.90 10.22 -28.58
N LYS A 1 -1.27 -20.72 9.36
CA LYS A 1 -0.32 -19.70 9.90
C LYS A 1 1.12 -20.18 9.78
N ASP A 2 2.06 -19.32 10.15
CA ASP A 2 3.48 -19.66 10.10
C ASP A 2 4.29 -18.81 11.07
N VAL A 3 4.58 -17.58 10.67
CA VAL A 3 5.35 -16.67 11.52
C VAL A 3 5.13 -15.22 11.08
N ASP A 4 5.38 -14.29 11.99
CA ASP A 4 5.21 -12.85 11.72
C ASP A 4 3.91 -12.60 10.98
N GLU A 5 2.90 -12.09 11.69
CA GLU A 5 1.63 -11.82 11.06
C GLU A 5 1.37 -10.33 10.98
N CYS A 6 1.53 -9.64 12.10
CA CYS A 6 1.33 -8.21 12.16
C CYS A 6 2.63 -7.49 12.51
N SER A 7 3.66 -8.28 12.80
CA SER A 7 4.98 -7.74 13.13
C SER A 7 5.97 -8.10 12.02
N LEU A 8 5.43 -8.40 10.83
CA LEU A 8 6.26 -8.77 9.68
C LEU A 8 7.00 -7.55 9.14
N LYS A 9 6.31 -6.41 9.14
CA LYS A 9 6.90 -5.17 8.66
C LYS A 9 6.96 -4.14 9.78
N PRO A 10 7.70 -3.03 9.57
CA PRO A 10 7.84 -1.98 10.58
C PRO A 10 6.50 -1.56 11.16
N SER A 11 5.45 -1.60 10.33
CA SER A 11 4.11 -1.23 10.76
C SER A 11 3.06 -1.80 9.83
N ILE A 12 2.45 -2.92 10.24
CA ILE A 12 1.42 -3.56 9.42
C ILE A 12 0.02 -3.21 9.93
N CYS A 13 -0.44 -3.96 10.93
CA CYS A 13 -1.75 -3.75 11.47
C CYS A 13 -1.74 -3.84 12.99
N GLY A 14 -0.76 -3.16 13.60
CA GLY A 14 -0.62 -3.13 15.06
C GLY A 14 -1.22 -4.34 15.75
N THR A 15 -0.84 -5.53 15.27
CA THR A 15 -1.33 -6.79 15.82
C THR A 15 -2.70 -6.62 16.46
N ALA A 16 -3.59 -5.96 15.72
CA ALA A 16 -4.96 -5.72 16.17
C ALA A 16 -5.81 -6.96 15.96
N VAL A 17 -6.05 -7.26 14.69
CA VAL A 17 -6.83 -8.42 14.29
C VAL A 17 -6.48 -8.75 12.85
N CYS A 18 -5.19 -8.92 12.60
CA CYS A 18 -4.69 -9.18 11.26
C CYS A 18 -4.35 -10.65 11.02
N LYS A 19 -5.00 -11.23 10.02
CA LYS A 19 -4.75 -12.59 9.62
C LYS A 19 -3.67 -12.57 8.55
N ASN A 20 -2.49 -13.06 8.91
CA ASN A 20 -1.36 -13.05 7.99
C ASN A 20 -1.10 -14.42 7.38
N ILE A 21 -0.30 -14.43 6.32
CA ILE A 21 0.05 -15.66 5.62
C ILE A 21 1.55 -15.67 5.30
N PRO A 22 2.08 -16.81 4.82
CA PRO A 22 3.50 -16.94 4.50
C PRO A 22 4.11 -15.72 3.82
N GLY A 23 3.29 -14.96 3.10
CA GLY A 23 3.81 -13.78 2.41
C GLY A 23 2.73 -12.77 2.07
N ASP A 24 1.87 -12.45 3.02
CA ASP A 24 0.80 -11.48 2.80
C ASP A 24 0.14 -11.15 4.12
N PHE A 25 -1.02 -10.48 4.08
CA PHE A 25 -1.71 -10.13 5.31
C PHE A 25 -3.12 -9.59 5.07
N GLU A 26 -3.84 -9.46 6.19
CA GLU A 26 -5.20 -8.93 6.21
C GLU A 26 -5.53 -8.53 7.64
N CYS A 27 -6.50 -7.64 7.83
CA CYS A 27 -6.87 -7.21 9.18
C CYS A 27 -8.26 -6.63 9.25
N GLU A 28 -8.64 -6.20 10.44
CA GLU A 28 -9.94 -5.60 10.68
C GLU A 28 -10.02 -4.20 10.08
N CYS A 29 -8.89 -3.70 9.59
CA CYS A 29 -8.86 -2.38 8.99
C CYS A 29 -9.68 -2.37 7.70
N PRO A 30 -10.17 -1.18 7.29
CA PRO A 30 -11.01 -1.03 6.10
C PRO A 30 -10.43 -1.60 4.81
N GLU A 31 -10.09 -2.90 4.81
CA GLU A 31 -9.56 -3.56 3.60
C GLU A 31 -8.22 -3.02 3.22
N GLY A 32 -7.20 -3.75 3.57
CA GLY A 32 -5.87 -3.33 3.26
C GLY A 32 -5.43 -2.19 4.11
N TYR A 33 -6.37 -1.42 4.67
CA TYR A 33 -5.98 -0.32 5.52
C TYR A 33 -5.06 -0.82 6.62
N ARG A 34 -3.99 -0.10 6.84
CA ARG A 34 -2.99 -0.48 7.83
C ARG A 34 -3.31 0.14 9.19
N TYR A 35 -3.20 -0.69 10.23
CA TYR A 35 -3.50 -0.27 11.59
C TYR A 35 -2.24 0.11 12.36
N ASN A 36 -2.42 0.93 13.38
CA ASN A 36 -1.32 1.37 14.22
C ASN A 36 -1.65 1.20 15.70
N LEU A 37 -0.77 0.52 16.44
CA LEU A 37 -0.97 0.29 17.86
C LEU A 37 -0.61 1.54 18.67
N LYS A 38 0.07 2.49 18.04
CA LYS A 38 0.46 3.72 18.71
C LYS A 38 -0.76 4.47 19.21
N SER A 39 -1.74 4.56 18.34
CA SER A 39 -2.99 5.26 18.68
C SER A 39 -4.19 4.33 18.65
N LYS A 40 -3.97 3.07 18.28
CA LYS A 40 -5.05 2.11 18.20
C LYS A 40 -6.16 2.64 17.33
N SER A 41 -5.81 2.84 16.09
CA SER A 41 -6.72 3.33 15.08
C SER A 41 -6.31 2.82 13.71
N CYS A 42 -7.25 2.83 12.77
CA CYS A 42 -6.96 2.38 11.42
C CYS A 42 -6.41 3.52 10.58
N GLU A 43 -5.45 3.23 9.72
CA GLU A 43 -4.85 4.25 8.88
C GLU A 43 -4.44 3.70 7.52
N ASP A 44 -5.09 4.22 6.47
CA ASP A 44 -4.83 3.83 5.09
C ASP A 44 -3.48 3.16 4.92
N ILE A 45 -3.46 2.19 4.02
CA ILE A 45 -2.27 1.41 3.76
C ILE A 45 -1.28 2.14 2.84
N ASP A 46 -0.06 1.61 2.78
CA ASP A 46 1.01 2.15 1.96
C ASP A 46 1.24 1.26 0.73
N GLU A 47 0.19 1.10 -0.07
CA GLU A 47 0.22 0.28 -1.26
C GLU A 47 1.41 0.57 -2.17
N CYS A 48 1.83 1.83 -2.25
CA CYS A 48 2.95 2.17 -3.13
C CYS A 48 4.29 2.21 -2.39
N SER A 49 4.23 2.46 -1.09
CA SER A 49 5.45 2.50 -0.28
C SER A 49 6.15 1.15 -0.34
N GLU A 50 5.37 0.11 -0.59
CA GLU A 50 5.87 -1.25 -0.65
C GLU A 50 6.59 -1.54 -1.98
N ASN A 51 6.47 -0.61 -2.92
CA ASN A 51 7.12 -0.75 -4.24
C ASN A 51 6.22 -1.50 -5.22
N MET A 52 5.09 -0.90 -5.56
CA MET A 52 4.14 -1.50 -6.50
C MET A 52 3.74 -0.52 -7.58
N CYS A 53 4.11 0.73 -7.40
CA CYS A 53 3.77 1.74 -8.39
C CYS A 53 4.98 2.19 -9.18
N ALA A 54 4.71 2.77 -10.35
CA ALA A 54 5.75 3.23 -11.22
C ALA A 54 6.52 4.43 -10.63
N GLN A 55 6.99 5.33 -11.49
CA GLN A 55 7.74 6.50 -11.06
C GLN A 55 7.00 7.29 -9.98
N LEU A 56 5.73 7.56 -10.24
CA LEU A 56 4.91 8.32 -9.31
C LEU A 56 3.77 7.49 -8.75
N CYS A 57 3.66 7.39 -7.44
CA CYS A 57 2.62 6.57 -6.83
C CYS A 57 1.68 7.38 -5.92
N VAL A 58 0.55 7.86 -6.43
CA VAL A 58 -0.39 8.58 -5.57
C VAL A 58 -1.30 7.57 -4.94
N ASN A 59 -0.89 7.10 -3.80
CA ASN A 59 -1.69 6.13 -3.07
C ASN A 59 -2.68 6.86 -2.19
N TYR A 60 -3.97 6.92 -2.58
CA TYR A 60 -4.93 7.63 -1.76
C TYR A 60 -5.47 6.75 -0.67
N PRO A 61 -6.11 7.35 0.34
CA PRO A 61 -6.66 6.60 1.45
C PRO A 61 -7.49 5.41 0.97
N GLY A 62 -6.89 4.23 0.97
CA GLY A 62 -7.58 3.05 0.55
C GLY A 62 -7.08 2.53 -0.78
N GLY A 63 -7.44 3.21 -1.86
CA GLY A 63 -7.03 2.79 -3.19
C GLY A 63 -5.88 3.59 -3.77
N TYR A 64 -4.72 2.98 -3.87
CA TYR A 64 -3.58 3.69 -4.39
C TYR A 64 -3.68 3.94 -5.89
N THR A 65 -2.66 4.61 -6.44
CA THR A 65 -2.60 4.91 -7.87
C THR A 65 -1.14 5.09 -8.29
N CYS A 66 -0.84 4.66 -9.50
CA CYS A 66 0.53 4.74 -10.00
C CYS A 66 0.63 5.51 -11.31
N TYR A 67 1.15 6.72 -11.23
CA TYR A 67 1.36 7.55 -12.40
C TYR A 67 2.87 7.58 -12.71
N CYS A 68 3.42 8.70 -13.14
CA CYS A 68 4.85 8.75 -13.45
C CYS A 68 5.40 10.16 -13.47
N ASP A 69 5.06 10.89 -14.53
CA ASP A 69 5.52 12.27 -14.74
C ASP A 69 6.22 12.85 -13.51
N GLY A 70 7.54 12.97 -13.61
CA GLY A 70 8.32 13.51 -12.53
C GLY A 70 9.81 13.25 -12.71
N LYS A 71 10.14 12.15 -13.39
CA LYS A 71 11.52 11.80 -13.66
C LYS A 71 11.84 12.07 -15.12
N LYS A 72 10.85 11.83 -15.98
CA LYS A 72 11.01 12.06 -17.41
C LYS A 72 10.06 13.16 -17.88
N GLY A 73 8.94 13.31 -17.17
CA GLY A 73 7.98 14.32 -17.53
C GLY A 73 6.95 13.82 -18.53
N PHE A 74 6.00 13.03 -18.05
CA PHE A 74 4.96 12.51 -18.94
C PHE A 74 3.59 12.36 -18.24
N LYS A 75 2.97 11.19 -18.34
CA LYS A 75 1.65 10.99 -17.77
C LYS A 75 1.40 9.53 -17.35
N LEU A 76 0.20 9.29 -16.84
CA LEU A 76 -0.21 7.96 -16.40
C LEU A 76 -1.13 7.32 -17.43
N ALA A 77 -0.66 6.24 -18.06
CA ALA A 77 -1.45 5.54 -19.07
C ALA A 77 -2.81 5.12 -18.51
N GLN A 78 -3.62 4.47 -19.35
CA GLN A 78 -4.94 4.03 -18.93
C GLN A 78 -4.89 2.72 -18.14
N ASP A 79 -3.68 2.28 -17.80
CA ASP A 79 -3.52 1.05 -17.03
C ASP A 79 -3.78 1.32 -15.55
N GLN A 80 -3.36 2.50 -15.11
CA GLN A 80 -3.51 2.94 -13.71
C GLN A 80 -2.24 2.65 -12.92
N LYS A 81 -1.74 1.43 -13.02
CA LYS A 81 -0.52 1.04 -12.31
C LYS A 81 0.72 1.36 -13.15
N SER A 82 0.56 1.32 -14.47
CA SER A 82 1.66 1.62 -15.38
C SER A 82 1.58 3.06 -15.85
N CYS A 83 2.69 3.60 -16.34
CA CYS A 83 2.73 4.98 -16.79
C CYS A 83 3.26 5.09 -18.23
N GLU A 84 2.74 6.07 -18.96
CA GLU A 84 3.16 6.30 -20.34
C GLU A 84 3.21 7.80 -20.65
N VAL A 85 4.05 8.17 -21.61
CA VAL A 85 4.19 9.57 -22.01
C VAL A 85 3.24 9.90 -23.17
N VAL A 86 2.95 11.19 -23.32
CA VAL A 86 2.06 11.64 -24.39
C VAL A 86 2.41 13.07 -24.81
N SER A 87 2.41 13.29 -26.12
CA SER A 87 2.72 14.59 -26.67
C SER A 87 1.45 15.39 -26.95
N LYS A 1 -2.67 -18.91 9.10
CA LYS A 1 -1.44 -18.44 9.79
C LYS A 1 -0.25 -19.34 9.47
N ASP A 2 0.93 -18.91 9.91
CA ASP A 2 2.16 -19.68 9.66
C ASP A 2 3.26 -19.27 10.64
N VAL A 3 3.91 -18.15 10.34
CA VAL A 3 4.99 -17.63 11.18
C VAL A 3 5.15 -16.14 10.97
N ASP A 4 5.42 -15.40 12.05
CA ASP A 4 5.58 -13.95 11.97
C ASP A 4 4.49 -13.34 11.10
N GLU A 5 3.40 -12.92 11.73
CA GLU A 5 2.29 -12.35 10.98
C GLU A 5 2.35 -10.83 11.03
N CYS A 6 1.85 -10.25 12.11
CA CYS A 6 1.85 -8.81 12.27
C CYS A 6 3.12 -8.34 12.97
N SER A 7 3.77 -9.26 13.69
CA SER A 7 5.00 -8.95 14.39
C SER A 7 6.21 -9.07 13.44
N LEU A 8 5.94 -9.29 12.16
CA LEU A 8 6.99 -9.43 11.17
C LEU A 8 7.68 -8.10 10.93
N LYS A 9 6.89 -7.03 10.92
CA LYS A 9 7.41 -5.69 10.71
C LYS A 9 6.73 -4.70 11.65
N PRO A 10 7.33 -3.51 11.85
CA PRO A 10 6.77 -2.48 12.73
C PRO A 10 5.78 -1.57 12.03
N SER A 11 5.11 -2.09 11.00
CA SER A 11 4.13 -1.33 10.25
C SER A 11 3.18 -2.24 9.48
N ILE A 12 2.82 -3.36 10.08
CA ILE A 12 1.91 -4.32 9.45
C ILE A 12 0.47 -3.99 9.77
N CYS A 13 0.05 -4.40 10.97
CA CYS A 13 -1.32 -4.19 11.38
C CYS A 13 -1.50 -4.27 12.89
N GLY A 14 -0.44 -3.91 13.64
CA GLY A 14 -0.50 -3.95 15.08
C GLY A 14 -1.14 -5.23 15.60
N THR A 15 -0.81 -6.34 14.95
CA THR A 15 -1.33 -7.66 15.31
C THR A 15 -2.78 -7.56 15.80
N ALA A 16 -3.60 -6.84 15.02
CA ALA A 16 -5.01 -6.66 15.33
C ALA A 16 -5.80 -7.90 14.93
N VAL A 17 -5.98 -8.07 13.64
CA VAL A 17 -6.68 -9.21 13.08
C VAL A 17 -6.20 -9.44 11.66
N CYS A 18 -4.93 -9.13 11.45
CA CYS A 18 -4.30 -9.25 10.15
C CYS A 18 -4.03 -10.69 9.75
N LYS A 19 -4.43 -11.04 8.54
CA LYS A 19 -4.19 -12.37 8.01
C LYS A 19 -2.88 -12.34 7.23
N ASN A 20 -1.78 -12.48 7.96
CA ASN A 20 -0.46 -12.42 7.36
C ASN A 20 -0.10 -13.68 6.60
N ILE A 21 0.87 -13.54 5.71
CA ILE A 21 1.35 -14.63 4.89
C ILE A 21 2.89 -14.66 4.89
N PRO A 22 3.51 -15.72 4.35
CA PRO A 22 4.97 -15.85 4.32
C PRO A 22 5.69 -14.54 3.99
N GLY A 23 5.02 -13.64 3.28
CA GLY A 23 5.65 -12.38 2.91
C GLY A 23 4.65 -11.29 2.58
N ASP A 24 3.70 -11.04 3.48
CA ASP A 24 2.69 -10.00 3.27
C ASP A 24 1.65 -10.05 4.38
N PHE A 25 0.74 -9.09 4.38
CA PHE A 25 -0.29 -9.07 5.41
C PHE A 25 -1.65 -8.64 4.89
N GLU A 26 -2.68 -9.14 5.56
CA GLU A 26 -4.06 -8.79 5.28
C GLU A 26 -4.60 -8.10 6.53
N CYS A 27 -5.71 -7.39 6.43
CA CYS A 27 -6.22 -6.70 7.61
C CYS A 27 -7.73 -6.56 7.62
N GLU A 28 -8.27 -6.42 8.83
CA GLU A 28 -9.69 -6.24 9.03
C GLU A 28 -10.03 -4.75 8.96
N CYS A 29 -9.00 -3.94 8.73
CA CYS A 29 -9.15 -2.50 8.64
C CYS A 29 -9.95 -2.12 7.40
N PRO A 30 -10.42 -0.87 7.32
CA PRO A 30 -11.24 -0.37 6.20
C PRO A 30 -10.66 -0.65 4.81
N GLU A 31 -10.42 -1.92 4.51
CA GLU A 31 -9.92 -2.31 3.18
C GLU A 31 -8.54 -1.79 2.91
N GLY A 32 -7.58 -2.61 3.16
CA GLY A 32 -6.22 -2.21 2.93
C GLY A 32 -5.71 -1.30 4.01
N TYR A 33 -6.60 -0.63 4.75
CA TYR A 33 -6.15 0.24 5.81
C TYR A 33 -5.27 -0.53 6.78
N ARG A 34 -4.20 0.11 7.18
CA ARG A 34 -3.23 -0.50 8.11
C ARG A 34 -3.58 -0.16 9.55
N TYR A 35 -3.46 -1.15 10.44
CA TYR A 35 -3.80 -0.97 11.84
C TYR A 35 -2.57 -0.70 12.70
N ASN A 36 -2.80 -0.01 13.82
CA ASN A 36 -1.74 0.32 14.76
C ASN A 36 -2.13 -0.05 16.18
N LEU A 37 -1.30 -0.86 16.83
CA LEU A 37 -1.57 -1.29 18.21
C LEU A 37 -1.25 -0.17 19.19
N LYS A 38 -0.57 0.87 18.72
CA LYS A 38 -0.20 2.00 19.56
C LYS A 38 -1.45 2.65 20.14
N SER A 39 -2.41 2.89 19.27
CA SER A 39 -3.66 3.51 19.68
C SER A 39 -4.86 2.60 19.47
N LYS A 40 -4.61 1.42 18.92
CA LYS A 40 -5.67 0.47 18.66
C LYS A 40 -6.75 1.11 17.82
N SER A 41 -6.33 1.48 16.65
CA SER A 41 -7.21 2.12 15.67
C SER A 41 -6.74 1.84 14.26
N CYS A 42 -7.62 2.01 13.29
CA CYS A 42 -7.27 1.77 11.89
C CYS A 42 -6.68 3.05 11.29
N GLU A 43 -5.67 2.89 10.45
CA GLU A 43 -5.01 4.04 9.84
C GLU A 43 -4.51 3.72 8.42
N ASP A 44 -5.00 4.51 7.46
CA ASP A 44 -4.63 4.41 6.04
C ASP A 44 -3.34 3.65 5.82
N ILE A 45 -3.35 2.80 4.81
CA ILE A 45 -2.21 1.96 4.46
C ILE A 45 -1.20 2.68 3.57
N ASP A 46 -0.02 2.06 3.48
CA ASP A 46 1.08 2.55 2.65
C ASP A 46 1.17 1.76 1.35
N GLU A 47 0.07 1.77 0.59
CA GLU A 47 -0.01 1.05 -0.67
C GLU A 47 1.11 1.45 -1.63
N CYS A 48 1.43 2.73 -1.66
CA CYS A 48 2.47 3.24 -2.55
C CYS A 48 3.85 3.09 -1.93
N SER A 49 3.92 3.25 -0.61
CA SER A 49 5.19 3.14 0.11
C SER A 49 5.79 1.75 -0.08
N GLU A 50 4.95 0.78 -0.44
CA GLU A 50 5.41 -0.60 -0.60
C GLU A 50 6.14 -0.81 -1.92
N ASN A 51 5.45 -0.61 -3.05
CA ASN A 51 6.04 -0.78 -4.38
C ASN A 51 4.98 -1.25 -5.37
N MET A 52 3.94 -0.44 -5.56
CA MET A 52 2.87 -0.79 -6.49
C MET A 52 2.61 0.32 -7.47
N CYS A 53 3.09 1.51 -7.18
CA CYS A 53 2.88 2.63 -8.07
C CYS A 53 4.15 3.04 -8.77
N ALA A 54 4.00 3.43 -10.04
CA ALA A 54 5.14 3.86 -10.82
C ALA A 54 5.22 5.38 -10.89
N GLN A 55 6.31 5.89 -11.49
CA GLN A 55 6.51 7.33 -11.63
C GLN A 55 6.26 8.07 -10.30
N LEU A 56 5.01 8.36 -10.00
CA LEU A 56 4.65 9.03 -8.77
C LEU A 56 3.52 8.29 -8.08
N CYS A 57 3.66 8.03 -6.79
CA CYS A 57 2.65 7.29 -6.10
C CYS A 57 1.92 8.09 -5.02
N VAL A 58 0.73 8.59 -5.37
CA VAL A 58 -0.10 9.30 -4.40
C VAL A 58 -1.13 8.33 -3.90
N ASN A 59 -0.89 7.81 -2.72
CA ASN A 59 -1.81 6.86 -2.14
C ASN A 59 -2.76 7.59 -1.20
N TYR A 60 -4.02 7.76 -1.59
CA TYR A 60 -4.95 8.46 -0.72
C TYR A 60 -5.56 7.53 0.30
N PRO A 61 -6.22 8.09 1.31
CA PRO A 61 -6.82 7.29 2.36
C PRO A 61 -7.67 6.15 1.80
N GLY A 62 -7.10 4.94 1.79
CA GLY A 62 -7.81 3.80 1.29
C GLY A 62 -7.36 3.36 -0.09
N GLY A 63 -7.66 4.18 -1.09
CA GLY A 63 -7.28 3.84 -2.45
C GLY A 63 -6.08 4.61 -2.96
N TYR A 64 -4.96 3.94 -3.09
CA TYR A 64 -3.77 4.62 -3.55
C TYR A 64 -3.89 5.05 -5.01
N THR A 65 -2.82 5.65 -5.54
CA THR A 65 -2.81 6.10 -6.94
C THR A 65 -1.39 6.30 -7.44
N CYS A 66 -1.23 6.11 -8.75
CA CYS A 66 0.07 6.25 -9.39
C CYS A 66 0.01 7.24 -10.56
N TYR A 67 0.55 8.43 -10.36
CA TYR A 67 0.58 9.43 -11.41
C TYR A 67 1.92 9.41 -12.13
N CYS A 68 1.84 9.50 -13.45
CA CYS A 68 3.01 9.41 -14.32
C CYS A 68 3.27 10.73 -15.03
N ASP A 69 4.26 10.72 -15.93
CA ASP A 69 4.63 11.92 -16.67
C ASP A 69 5.27 12.96 -15.75
N GLY A 70 6.55 12.78 -15.47
CA GLY A 70 7.25 13.72 -14.59
C GLY A 70 8.69 13.95 -15.01
N LYS A 71 9.58 13.08 -14.55
CA LYS A 71 11.01 13.19 -14.87
C LYS A 71 11.24 13.01 -16.37
N LYS A 72 10.52 12.06 -16.97
CA LYS A 72 10.66 11.78 -18.39
C LYS A 72 9.64 12.57 -19.22
N GLY A 73 8.71 13.23 -18.53
CA GLY A 73 7.69 14.01 -19.21
C GLY A 73 6.92 13.18 -20.22
N PHE A 74 6.23 12.16 -19.75
CA PHE A 74 5.45 11.28 -20.62
C PHE A 74 3.94 11.37 -20.32
N LYS A 75 3.30 10.23 -20.06
CA LYS A 75 1.87 10.21 -19.80
C LYS A 75 1.46 8.95 -19.03
N LEU A 76 0.49 9.11 -18.13
CA LEU A 76 0.00 7.99 -17.34
C LEU A 76 -1.02 7.18 -18.15
N ALA A 77 -0.66 5.96 -18.53
CA ALA A 77 -1.56 5.11 -19.32
C ALA A 77 -2.95 5.05 -18.69
N GLN A 78 -3.84 4.30 -19.33
CA GLN A 78 -5.21 4.17 -18.85
C GLN A 78 -5.26 3.51 -17.47
N ASP A 79 -4.59 2.36 -17.34
CA ASP A 79 -4.56 1.61 -16.09
C ASP A 79 -4.51 2.52 -14.85
N GLN A 80 -3.92 3.69 -14.99
CA GLN A 80 -3.80 4.64 -13.88
C GLN A 80 -2.76 4.18 -12.85
N LYS A 81 -2.42 2.90 -12.88
CA LYS A 81 -1.44 2.35 -11.96
C LYS A 81 -0.07 2.28 -12.62
N SER A 82 -0.07 2.00 -13.93
CA SER A 82 1.17 1.91 -14.69
C SER A 82 1.57 3.28 -15.22
N CYS A 83 2.68 3.34 -15.95
CA CYS A 83 3.16 4.60 -16.50
C CYS A 83 3.84 4.37 -17.85
N GLU A 84 3.30 5.00 -18.89
CA GLU A 84 3.84 4.83 -20.25
C GLU A 84 4.21 6.14 -20.92
N VAL A 85 5.35 6.13 -21.61
CA VAL A 85 5.83 7.31 -22.33
C VAL A 85 5.56 7.17 -23.82
N VAL A 86 4.76 8.08 -24.36
CA VAL A 86 4.42 8.06 -25.78
C VAL A 86 5.20 9.12 -26.53
N SER A 87 6.18 8.67 -27.32
CA SER A 87 7.01 9.59 -28.10
C SER A 87 7.19 9.08 -29.52
N LYS A 1 0.20 -19.14 13.28
CA LYS A 1 0.00 -18.51 11.95
C LYS A 1 1.32 -18.39 11.19
N ASP A 2 1.73 -19.47 10.55
CA ASP A 2 2.98 -19.50 9.78
C ASP A 2 4.12 -18.78 10.52
N VAL A 3 4.49 -17.59 10.07
CA VAL A 3 5.55 -16.82 10.71
C VAL A 3 5.42 -15.33 10.41
N ASP A 4 5.66 -14.50 11.42
CA ASP A 4 5.56 -13.05 11.28
C ASP A 4 4.28 -12.66 10.56
N GLU A 5 3.26 -12.27 11.32
CA GLU A 5 1.98 -11.87 10.74
C GLU A 5 1.85 -10.35 10.75
N CYS A 6 1.88 -9.77 11.94
CA CYS A 6 1.77 -8.33 12.09
C CYS A 6 3.07 -7.73 12.61
N SER A 7 3.97 -8.59 13.08
CA SER A 7 5.26 -8.14 13.58
C SER A 7 6.31 -8.19 12.47
N LEU A 8 5.89 -8.59 11.27
CA LEU A 8 6.78 -8.68 10.13
C LEU A 8 7.39 -7.31 9.82
N LYS A 9 6.63 -6.26 10.10
CA LYS A 9 7.08 -4.89 9.87
C LYS A 9 6.75 -4.01 11.08
N PRO A 10 7.51 -2.92 11.27
CA PRO A 10 7.30 -2.00 12.40
C PRO A 10 5.86 -1.52 12.53
N SER A 11 5.10 -1.58 11.45
CA SER A 11 3.71 -1.14 11.47
C SER A 11 2.85 -1.89 10.46
N ILE A 12 2.28 -3.02 10.88
CA ILE A 12 1.43 -3.82 10.01
C ILE A 12 -0.04 -3.57 10.28
N CYS A 13 -0.51 -4.12 11.39
CA CYS A 13 -1.89 -4.01 11.77
C CYS A 13 -2.08 -4.21 13.26
N GLY A 14 -1.06 -3.84 14.05
CA GLY A 14 -1.14 -4.00 15.49
C GLY A 14 -1.70 -5.36 15.88
N THR A 15 -1.27 -6.38 15.15
CA THR A 15 -1.70 -7.76 15.37
C THR A 15 -3.18 -7.80 15.78
N ALA A 16 -4.00 -7.04 15.05
CA ALA A 16 -5.44 -6.98 15.32
C ALA A 16 -6.13 -8.20 14.73
N VAL A 17 -6.19 -8.22 13.40
CA VAL A 17 -6.81 -9.32 12.67
C VAL A 17 -6.20 -9.42 11.28
N CYS A 18 -4.93 -9.07 11.19
CA CYS A 18 -4.21 -9.09 9.94
C CYS A 18 -3.93 -10.49 9.45
N LYS A 19 -4.77 -10.97 8.54
CA LYS A 19 -4.57 -12.29 7.96
C LYS A 19 -3.30 -12.28 7.12
N ASN A 20 -2.16 -12.44 7.78
CA ASN A 20 -0.88 -12.41 7.11
C ASN A 20 -0.54 -13.74 6.46
N ILE A 21 0.42 -13.69 5.53
CA ILE A 21 0.86 -14.87 4.81
C ILE A 21 2.39 -14.86 4.69
N PRO A 22 2.99 -15.96 4.21
CA PRO A 22 4.45 -16.06 4.07
C PRO A 22 5.10 -14.79 3.56
N GLY A 23 4.35 -13.99 2.80
CA GLY A 23 4.89 -12.76 2.26
C GLY A 23 3.83 -11.76 1.85
N ASP A 24 2.89 -11.48 2.75
CA ASP A 24 1.82 -10.52 2.48
C ASP A 24 0.91 -10.42 3.69
N PHE A 25 -0.22 -9.73 3.53
CA PHE A 25 -1.15 -9.58 4.65
C PHE A 25 -2.47 -8.93 4.23
N GLU A 26 -3.46 -9.10 5.09
CA GLU A 26 -4.78 -8.51 4.87
C GLU A 26 -5.31 -8.00 6.20
N CYS A 27 -5.69 -6.73 6.24
CA CYS A 27 -6.18 -6.12 7.46
C CYS A 27 -7.69 -6.09 7.51
N GLU A 28 -8.19 -5.95 8.73
CA GLU A 28 -9.62 -5.88 8.99
C GLU A 28 -10.08 -4.43 9.03
N CYS A 29 -9.12 -3.51 8.89
CA CYS A 29 -9.42 -2.08 8.92
C CYS A 29 -10.23 -1.68 7.69
N PRO A 30 -10.83 -0.47 7.70
CA PRO A 30 -11.67 0.03 6.58
C PRO A 30 -10.98 -0.01 5.21
N GLU A 31 -10.61 -1.22 4.78
CA GLU A 31 -9.89 -1.48 3.52
C GLU A 31 -8.70 -2.33 3.91
N GLY A 32 -7.61 -2.32 3.15
CA GLY A 32 -6.47 -3.04 3.62
C GLY A 32 -5.69 -2.11 4.51
N TYR A 33 -6.43 -1.22 5.18
CA TYR A 33 -5.86 -0.25 6.09
C TYR A 33 -4.96 -0.91 7.09
N ARG A 34 -3.89 -0.23 7.39
CA ARG A 34 -2.91 -0.72 8.35
C ARG A 34 -3.27 -0.23 9.75
N TYR A 35 -3.44 -1.17 10.67
CA TYR A 35 -3.78 -0.86 12.04
C TYR A 35 -2.53 -0.67 12.90
N ASN A 36 -2.70 -0.01 14.05
CA ASN A 36 -1.59 0.23 14.95
C ASN A 36 -1.94 -0.12 16.39
N LEU A 37 -1.07 -0.89 17.04
CA LEU A 37 -1.28 -1.31 18.43
C LEU A 37 -0.88 -0.20 19.39
N LYS A 38 -0.13 0.78 18.90
CA LYS A 38 0.32 1.89 19.73
C LYS A 38 -0.87 2.64 20.28
N SER A 39 -1.79 2.94 19.39
CA SER A 39 -3.01 3.67 19.76
C SER A 39 -4.26 2.83 19.58
N LYS A 40 -4.10 1.64 18.98
CA LYS A 40 -5.23 0.77 18.74
C LYS A 40 -6.28 1.48 17.94
N SER A 41 -5.86 1.88 16.77
CA SER A 41 -6.72 2.58 15.83
C SER A 41 -6.35 2.20 14.41
N CYS A 42 -7.30 2.37 13.49
CA CYS A 42 -7.06 2.03 12.09
C CYS A 42 -6.27 3.14 11.40
N GLU A 43 -5.31 2.76 10.56
CA GLU A 43 -4.49 3.75 9.87
C GLU A 43 -4.16 3.34 8.43
N ASP A 44 -4.78 4.04 7.48
CA ASP A 44 -4.60 3.81 6.05
C ASP A 44 -3.32 3.04 5.75
N ILE A 45 -3.40 2.21 4.72
CA ILE A 45 -2.30 1.39 4.29
C ILE A 45 -1.35 2.13 3.34
N ASP A 46 -0.18 1.52 3.13
CA ASP A 46 0.85 2.07 2.25
C ASP A 46 0.95 1.25 0.96
N GLU A 47 -0.15 1.21 0.22
CA GLU A 47 -0.24 0.46 -1.03
C GLU A 47 0.91 0.75 -2.00
N CYS A 48 1.48 1.96 -1.93
CA CYS A 48 2.57 2.32 -2.85
C CYS A 48 3.94 2.09 -2.24
N SER A 49 4.02 2.17 -0.92
CA SER A 49 5.29 1.96 -0.23
C SER A 49 5.82 0.57 -0.50
N GLU A 50 4.92 -0.34 -0.88
CA GLU A 50 5.27 -1.73 -1.12
C GLU A 50 5.95 -1.93 -2.47
N ASN A 51 5.22 -1.67 -3.56
CA ASN A 51 5.77 -1.84 -4.92
C ASN A 51 4.64 -1.89 -5.96
N MET A 52 3.87 -0.81 -6.04
CA MET A 52 2.76 -0.75 -6.99
C MET A 52 2.82 0.47 -7.86
N CYS A 53 3.32 1.57 -7.33
CA CYS A 53 3.38 2.78 -8.11
C CYS A 53 4.74 3.06 -8.68
N ALA A 54 4.75 3.33 -9.98
CA ALA A 54 5.98 3.58 -10.70
C ALA A 54 6.47 5.03 -10.56
N GLN A 55 5.90 5.92 -11.37
CA GLN A 55 6.29 7.34 -11.39
C GLN A 55 6.11 8.02 -10.04
N LEU A 56 4.86 8.33 -9.69
CA LEU A 56 4.54 9.00 -8.44
C LEU A 56 3.41 8.29 -7.76
N CYS A 57 3.51 8.06 -6.46
CA CYS A 57 2.46 7.33 -5.78
C CYS A 57 1.64 8.14 -4.77
N VAL A 58 0.51 8.68 -5.21
CA VAL A 58 -0.39 9.36 -4.29
C VAL A 58 -1.37 8.33 -3.80
N ASN A 59 -1.03 7.69 -2.73
CA ASN A 59 -1.89 6.68 -2.18
C ASN A 59 -2.89 7.31 -1.24
N TYR A 60 -4.16 7.44 -1.66
CA TYR A 60 -5.14 8.07 -0.80
C TYR A 60 -5.73 7.07 0.17
N PRO A 61 -6.41 7.55 1.21
CA PRO A 61 -6.99 6.68 2.20
C PRO A 61 -7.81 5.56 1.57
N GLY A 62 -7.22 4.37 1.49
CA GLY A 62 -7.91 3.24 0.91
C GLY A 62 -7.42 2.87 -0.46
N GLY A 63 -7.72 3.73 -1.44
CA GLY A 63 -7.30 3.47 -2.80
C GLY A 63 -6.11 4.29 -3.22
N TYR A 64 -4.95 3.66 -3.30
CA TYR A 64 -3.77 4.40 -3.68
C TYR A 64 -3.87 4.89 -5.13
N THR A 65 -2.83 5.57 -5.59
CA THR A 65 -2.81 6.08 -6.96
C THR A 65 -1.38 6.31 -7.41
N CYS A 66 -1.15 6.13 -8.71
CA CYS A 66 0.17 6.31 -9.28
C CYS A 66 0.13 7.29 -10.45
N TYR A 67 0.61 8.51 -10.22
CA TYR A 67 0.63 9.51 -11.28
C TYR A 67 1.97 9.50 -12.00
N CYS A 68 1.88 9.60 -13.32
CA CYS A 68 3.04 9.54 -14.20
C CYS A 68 3.31 10.88 -14.87
N ASP A 69 4.30 10.90 -15.77
CA ASP A 69 4.68 12.13 -16.46
C ASP A 69 5.37 13.09 -15.50
N GLY A 70 6.67 12.91 -15.32
CA GLY A 70 7.42 13.77 -14.42
C GLY A 70 8.84 14.00 -14.89
N LYS A 71 9.77 13.16 -14.42
CA LYS A 71 11.17 13.28 -14.78
C LYS A 71 11.36 13.29 -16.30
N LYS A 72 10.82 12.28 -16.98
CA LYS A 72 10.94 12.18 -18.43
C LYS A 72 9.91 13.08 -19.12
N GLY A 73 8.78 13.31 -18.46
CA GLY A 73 7.75 14.15 -19.05
C GLY A 73 6.91 13.41 -20.07
N PHE A 74 6.14 12.42 -19.59
CA PHE A 74 5.30 11.63 -20.47
C PHE A 74 3.82 11.70 -20.06
N LYS A 75 3.19 10.54 -19.83
CA LYS A 75 1.78 10.49 -19.47
C LYS A 75 1.43 9.19 -18.75
N LEU A 76 0.46 9.26 -17.85
CA LEU A 76 0.02 8.08 -17.11
C LEU A 76 -0.89 7.21 -17.97
N ALA A 77 -0.44 6.00 -18.30
CA ALA A 77 -1.22 5.10 -19.14
C ALA A 77 -2.67 4.97 -18.64
N GLN A 78 -3.43 4.12 -19.32
CA GLN A 78 -4.83 3.91 -18.99
C GLN A 78 -5.04 2.90 -17.87
N ASP A 79 -3.99 2.58 -17.13
CA ASP A 79 -4.11 1.61 -16.03
C ASP A 79 -4.25 2.32 -14.68
N GLN A 80 -3.78 3.58 -14.62
CA GLN A 80 -3.85 4.37 -13.39
C GLN A 80 -2.78 3.93 -12.38
N LYS A 81 -2.08 2.85 -12.69
CA LYS A 81 -1.04 2.32 -11.81
C LYS A 81 0.32 2.38 -12.49
N SER A 82 0.39 1.92 -13.74
CA SER A 82 1.64 1.92 -14.49
C SER A 82 1.89 3.31 -15.08
N CYS A 83 2.94 3.42 -15.89
CA CYS A 83 3.29 4.71 -16.49
C CYS A 83 3.92 4.51 -17.87
N GLU A 84 3.44 5.27 -18.86
CA GLU A 84 3.95 5.13 -20.21
C GLU A 84 4.20 6.49 -20.91
N VAL A 85 5.29 6.56 -21.66
CA VAL A 85 5.64 7.76 -22.40
C VAL A 85 5.23 7.65 -23.86
N VAL A 86 4.56 8.69 -24.36
CA VAL A 86 4.09 8.72 -25.73
C VAL A 86 5.08 9.45 -26.64
N SER A 87 6.12 8.74 -27.07
CA SER A 87 7.12 9.34 -27.94
C SER A 87 6.99 8.82 -29.36
N LYS A 1 -3.25 -19.45 10.72
CA LYS A 1 -2.07 -19.19 11.58
C LYS A 1 -0.87 -20.03 11.15
N ASP A 2 0.28 -19.75 11.74
CA ASP A 2 1.51 -20.47 11.40
C ASP A 2 2.68 -19.98 12.25
N VAL A 3 3.24 -18.84 11.86
CA VAL A 3 4.37 -18.25 12.57
C VAL A 3 4.49 -16.77 12.23
N ASP A 4 4.77 -15.95 13.24
CA ASP A 4 4.90 -14.50 13.04
C ASP A 4 3.74 -13.98 12.20
N GLU A 5 2.79 -13.30 12.85
CA GLU A 5 1.64 -12.79 12.14
C GLU A 5 1.78 -11.29 11.83
N CYS A 6 1.05 -10.45 12.56
CA CYS A 6 1.11 -9.02 12.34
C CYS A 6 2.37 -8.42 12.94
N SER A 7 3.02 -9.18 13.84
CA SER A 7 4.25 -8.73 14.46
C SER A 7 5.47 -9.10 13.61
N LEU A 8 5.20 -9.65 12.42
CA LEU A 8 6.27 -10.04 11.51
C LEU A 8 7.19 -8.86 11.20
N LYS A 9 6.59 -7.78 10.71
CA LYS A 9 7.36 -6.58 10.36
C LYS A 9 6.63 -5.33 10.85
N PRO A 10 7.31 -4.17 10.87
CA PRO A 10 6.72 -2.91 11.31
C PRO A 10 5.92 -2.22 10.21
N SER A 11 5.11 -2.99 9.49
CA SER A 11 4.30 -2.44 8.41
C SER A 11 3.13 -3.36 8.08
N ILE A 12 2.68 -4.14 9.07
CA ILE A 12 1.57 -5.06 8.86
C ILE A 12 0.24 -4.40 9.25
N CYS A 13 -0.15 -4.60 10.50
CA CYS A 13 -1.40 -4.05 10.99
C CYS A 13 -1.39 -3.97 12.51
N GLY A 14 -0.21 -3.73 13.08
CA GLY A 14 -0.07 -3.62 14.53
C GLY A 14 -0.89 -4.65 15.28
N THR A 15 -0.72 -5.92 14.91
CA THR A 15 -1.44 -7.03 15.54
C THR A 15 -2.76 -6.56 16.15
N ALA A 16 -3.54 -5.85 15.33
CA ALA A 16 -4.83 -5.32 15.76
C ALA A 16 -5.87 -6.43 15.75
N VAL A 17 -6.21 -6.86 14.55
CA VAL A 17 -7.17 -7.93 14.34
C VAL A 17 -6.93 -8.51 12.95
N CYS A 18 -5.66 -8.70 12.64
CA CYS A 18 -5.26 -9.21 11.34
C CYS A 18 -4.86 -10.67 11.36
N LYS A 19 -5.40 -11.42 10.41
CA LYS A 19 -5.07 -12.81 10.25
C LYS A 19 -3.90 -12.89 9.27
N ASN A 20 -2.71 -13.07 9.81
CA ASN A 20 -1.51 -13.12 8.99
C ASN A 20 -1.27 -14.50 8.39
N ILE A 21 -0.43 -14.53 7.37
CA ILE A 21 -0.08 -15.76 6.68
C ILE A 21 1.43 -15.83 6.51
N PRO A 22 1.98 -16.98 6.05
CA PRO A 22 3.42 -17.16 5.86
C PRO A 22 4.11 -15.93 5.28
N GLY A 23 3.38 -15.13 4.53
CA GLY A 23 3.96 -13.93 3.94
C GLY A 23 2.93 -12.89 3.53
N ASP A 24 2.04 -12.52 4.45
CA ASP A 24 1.01 -11.53 4.16
C ASP A 24 0.10 -11.33 5.36
N PHE A 25 -0.80 -10.36 5.28
CA PHE A 25 -1.72 -10.08 6.37
C PHE A 25 -3.08 -9.57 5.88
N GLU A 26 -4.11 -9.85 6.68
CA GLU A 26 -5.46 -9.39 6.42
C GLU A 26 -6.03 -8.84 7.71
N CYS A 27 -6.45 -7.59 7.70
CA CYS A 27 -6.96 -6.96 8.91
C CYS A 27 -8.36 -6.39 8.72
N GLU A 28 -8.91 -5.85 9.81
CA GLU A 28 -10.23 -5.23 9.79
C GLU A 28 -10.14 -3.79 9.32
N CYS A 29 -8.91 -3.32 9.11
CA CYS A 29 -8.68 -1.96 8.64
C CYS A 29 -9.19 -1.81 7.21
N PRO A 30 -10.19 -0.91 6.98
CA PRO A 30 -10.76 -0.69 5.65
C PRO A 30 -9.76 -0.94 4.54
N GLU A 31 -10.21 -1.42 3.38
CA GLU A 31 -9.29 -1.71 2.29
C GLU A 31 -8.04 -2.38 2.85
N GLY A 32 -6.92 -2.23 2.17
CA GLY A 32 -5.71 -2.78 2.72
C GLY A 32 -5.10 -1.79 3.66
N TYR A 33 -5.95 -1.09 4.41
CA TYR A 33 -5.50 -0.09 5.36
C TYR A 33 -4.51 -0.67 6.34
N ARG A 34 -3.51 0.12 6.63
CA ARG A 34 -2.45 -0.24 7.56
C ARG A 34 -2.80 0.23 8.97
N TYR A 35 -2.56 -0.64 9.95
CA TYR A 35 -2.83 -0.33 11.35
C TYR A 35 -1.52 -0.23 12.11
N ASN A 36 -1.54 0.48 13.24
CA ASN A 36 -0.34 0.63 14.05
C ASN A 36 -0.63 0.32 15.51
N LEU A 37 0.21 -0.52 16.11
CA LEU A 37 0.05 -0.90 17.51
C LEU A 37 0.55 0.21 18.43
N LYS A 38 1.42 1.07 17.90
CA LYS A 38 1.95 2.18 18.67
C LYS A 38 0.84 3.17 18.97
N SER A 39 0.02 3.40 17.96
CA SER A 39 -1.11 4.31 18.07
C SER A 39 -2.39 3.51 18.24
N LYS A 40 -2.32 2.21 17.92
CA LYS A 40 -3.48 1.32 17.99
C LYS A 40 -4.64 1.95 17.21
N SER A 41 -4.27 2.59 16.12
CA SER A 41 -5.22 3.27 15.27
C SER A 41 -5.20 2.67 13.86
N CYS A 42 -6.25 2.96 13.09
CA CYS A 42 -6.35 2.46 11.73
C CYS A 42 -6.00 3.58 10.76
N GLU A 43 -5.13 3.29 9.79
CA GLU A 43 -4.74 4.32 8.82
C GLU A 43 -4.45 3.73 7.43
N ASP A 44 -5.00 4.38 6.42
CA ASP A 44 -4.80 4.00 5.02
C ASP A 44 -3.40 3.44 4.82
N ILE A 45 -3.29 2.51 3.90
CA ILE A 45 -2.04 1.86 3.62
C ILE A 45 -1.16 2.64 2.65
N ASP A 46 0.11 2.24 2.61
CA ASP A 46 1.11 2.84 1.73
C ASP A 46 1.41 1.91 0.56
N GLU A 47 0.36 1.54 -0.16
CA GLU A 47 0.47 0.63 -1.29
C GLU A 47 1.55 1.05 -2.28
N CYS A 48 1.94 2.31 -2.29
CA CYS A 48 2.96 2.78 -3.22
C CYS A 48 4.30 2.99 -2.54
N SER A 49 4.27 3.29 -1.25
CA SER A 49 5.51 3.50 -0.51
C SER A 49 6.36 2.25 -0.52
N GLU A 50 5.69 1.11 -0.72
CA GLU A 50 6.35 -0.19 -0.74
C GLU A 50 7.07 -0.44 -2.07
N ASN A 51 6.95 0.50 -3.00
CA ASN A 51 7.59 0.39 -4.32
C ASN A 51 6.73 -0.40 -5.30
N MET A 52 5.54 0.12 -5.59
CA MET A 52 4.62 -0.53 -6.51
C MET A 52 4.15 0.41 -7.58
N CYS A 53 4.34 1.71 -7.37
CA CYS A 53 3.92 2.68 -8.34
C CYS A 53 5.09 3.37 -9.01
N ALA A 54 4.86 3.78 -10.24
CA ALA A 54 5.88 4.44 -11.04
C ALA A 54 6.37 5.74 -10.39
N GLN A 55 6.93 6.63 -11.22
CA GLN A 55 7.47 7.92 -10.76
C GLN A 55 6.62 8.57 -9.67
N LEU A 56 5.33 8.69 -9.93
CA LEU A 56 4.41 9.30 -8.96
C LEU A 56 3.33 8.33 -8.58
N CYS A 57 3.08 8.21 -7.28
CA CYS A 57 2.09 7.27 -6.81
C CYS A 57 1.01 7.92 -5.94
N VAL A 58 -0.13 8.32 -6.53
CA VAL A 58 -1.18 8.89 -5.70
C VAL A 58 -1.99 7.75 -5.12
N ASN A 59 -1.57 7.32 -3.96
CA ASN A 59 -2.26 6.25 -3.29
C ASN A 59 -3.39 6.81 -2.45
N TYR A 60 -4.64 6.70 -2.90
CA TYR A 60 -5.72 7.26 -2.12
C TYR A 60 -6.20 6.28 -1.07
N PRO A 61 -7.02 6.74 -0.12
CA PRO A 61 -7.51 5.90 0.94
C PRO A 61 -8.09 4.60 0.40
N GLY A 62 -7.28 3.55 0.40
CA GLY A 62 -7.73 2.27 -0.08
C GLY A 62 -7.12 1.88 -1.42
N GLY A 63 -7.56 2.55 -2.48
CA GLY A 63 -7.06 2.24 -3.81
C GLY A 63 -6.04 3.22 -4.34
N TYR A 64 -4.80 2.80 -4.46
CA TYR A 64 -3.77 3.71 -4.91
C TYR A 64 -3.80 3.93 -6.43
N THR A 65 -2.84 4.71 -6.91
CA THR A 65 -2.70 5.02 -8.33
C THR A 65 -1.26 5.38 -8.65
N CYS A 66 -0.81 5.02 -9.84
CA CYS A 66 0.56 5.29 -10.23
C CYS A 66 0.64 6.12 -11.51
N TYR A 67 1.02 7.39 -11.33
CA TYR A 67 1.19 8.31 -12.45
C TYR A 67 2.66 8.73 -12.52
N CYS A 68 3.24 8.76 -13.72
CA CYS A 68 4.66 9.09 -13.84
C CYS A 68 4.94 10.57 -13.94
N ASP A 69 4.43 11.22 -14.97
CA ASP A 69 4.65 12.64 -15.21
C ASP A 69 5.14 13.40 -13.98
N GLY A 70 6.36 13.90 -14.08
CA GLY A 70 6.96 14.64 -12.99
C GLY A 70 8.29 15.26 -13.40
N LYS A 71 9.35 14.47 -13.36
CA LYS A 71 10.68 14.95 -13.73
C LYS A 71 10.84 14.98 -15.25
N LYS A 72 10.17 14.06 -15.94
CA LYS A 72 10.25 13.99 -17.40
C LYS A 72 9.09 14.75 -18.04
N GLY A 73 7.93 14.69 -17.42
CA GLY A 73 6.77 15.40 -17.94
C GLY A 73 5.98 14.61 -18.96
N PHE A 74 5.28 13.57 -18.51
CA PHE A 74 4.47 12.77 -19.41
C PHE A 74 3.12 12.37 -18.78
N LYS A 75 2.77 11.08 -18.82
CA LYS A 75 1.49 10.64 -18.28
C LYS A 75 1.52 9.17 -17.88
N LEU A 76 0.37 8.70 -17.37
CA LEU A 76 0.23 7.31 -16.95
C LEU A 76 -0.76 6.59 -17.87
N ALA A 77 -0.32 5.46 -18.43
CA ALA A 77 -1.17 4.69 -19.34
C ALA A 77 -2.55 4.40 -18.75
N GLN A 78 -3.33 3.60 -19.46
CA GLN A 78 -4.67 3.25 -19.02
C GLN A 78 -4.66 2.01 -18.13
N ASP A 79 -3.49 1.62 -17.64
CA ASP A 79 -3.37 0.46 -16.77
C ASP A 79 -3.57 0.86 -15.31
N GLN A 80 -3.25 2.12 -15.01
CA GLN A 80 -3.40 2.64 -13.66
C GLN A 80 -2.31 2.12 -12.74
N LYS A 81 -1.19 1.72 -13.32
CA LYS A 81 -0.05 1.20 -12.55
C LYS A 81 1.26 1.63 -13.20
N SER A 82 1.33 1.48 -14.52
CA SER A 82 2.52 1.86 -15.27
C SER A 82 2.32 3.24 -15.88
N CYS A 83 3.34 3.76 -16.56
CA CYS A 83 3.24 5.08 -17.15
C CYS A 83 3.76 5.15 -18.58
N GLU A 84 3.17 6.07 -19.36
CA GLU A 84 3.55 6.27 -20.74
C GLU A 84 3.49 7.76 -21.11
N VAL A 85 4.39 8.18 -22.01
CA VAL A 85 4.44 9.55 -22.45
C VAL A 85 3.34 9.84 -23.47
N VAL A 86 3.12 11.12 -23.75
CA VAL A 86 2.11 11.54 -24.70
C VAL A 86 2.63 12.65 -25.60
N SER A 87 2.52 12.44 -26.90
CA SER A 87 2.97 13.41 -27.89
C SER A 87 2.07 13.40 -29.12
N LYS A 1 -2.21 -17.85 8.07
CA LYS A 1 -1.57 -18.12 9.38
C LYS A 1 -0.36 -19.03 9.22
N ASP A 2 0.78 -18.57 9.69
CA ASP A 2 2.02 -19.34 9.61
C ASP A 2 3.08 -18.77 10.55
N VAL A 3 3.74 -17.70 10.10
CA VAL A 3 4.78 -17.05 10.90
C VAL A 3 4.88 -15.58 10.54
N ASP A 4 5.32 -14.76 11.49
CA ASP A 4 5.46 -13.33 11.26
C ASP A 4 4.30 -12.82 10.40
N GLU A 5 3.16 -12.61 11.03
CA GLU A 5 1.97 -12.17 10.34
C GLU A 5 1.86 -10.66 10.31
N CYS A 6 1.26 -10.09 11.37
CA CYS A 6 1.10 -8.65 11.46
C CYS A 6 2.35 -8.00 12.04
N SER A 7 3.19 -8.82 12.67
CA SER A 7 4.44 -8.33 13.25
C SER A 7 5.59 -8.58 12.27
N LEU A 8 5.25 -8.64 10.98
CA LEU A 8 6.23 -8.88 9.94
C LEU A 8 7.03 -7.62 9.65
N LYS A 9 6.37 -6.48 9.71
CA LYS A 9 7.01 -5.20 9.45
C LYS A 9 6.96 -4.32 10.69
N PRO A 10 7.76 -3.23 10.72
CA PRO A 10 7.79 -2.30 11.86
C PRO A 10 6.40 -1.93 12.35
N SER A 11 5.45 -1.81 11.42
CA SER A 11 4.09 -1.46 11.77
C SER A 11 3.11 -1.86 10.67
N ILE A 12 2.48 -3.03 10.83
CA ILE A 12 1.52 -3.50 9.84
C ILE A 12 0.10 -3.23 10.30
N CYS A 13 -0.36 -4.03 11.26
CA CYS A 13 -1.71 -3.90 11.75
C CYS A 13 -1.79 -4.16 13.25
N GLY A 14 -0.67 -3.96 13.95
CA GLY A 14 -0.66 -4.18 15.39
C GLY A 14 -1.29 -5.50 15.78
N THR A 15 -1.03 -6.53 14.97
CA THR A 15 -1.57 -7.86 15.20
C THR A 15 -2.99 -7.79 15.77
N ALA A 16 -3.83 -7.00 15.09
CA ALA A 16 -5.22 -6.83 15.50
C ALA A 16 -6.07 -8.02 15.06
N VAL A 17 -6.35 -8.06 13.77
CA VAL A 17 -7.13 -9.14 13.17
C VAL A 17 -6.75 -9.28 11.71
N CYS A 18 -5.46 -9.45 11.47
CA CYS A 18 -4.93 -9.56 10.12
C CYS A 18 -4.43 -10.96 9.81
N LYS A 19 -5.01 -11.58 8.80
CA LYS A 19 -4.59 -12.91 8.36
C LYS A 19 -3.43 -12.73 7.39
N ASN A 20 -2.22 -12.93 7.88
CA ASN A 20 -1.03 -12.77 7.05
C ASN A 20 -0.64 -14.06 6.35
N ILE A 21 0.21 -13.94 5.35
CA ILE A 21 0.68 -15.08 4.59
C ILE A 21 2.20 -15.01 4.40
N PRO A 22 2.84 -16.09 3.94
CA PRO A 22 4.29 -16.16 3.74
C PRO A 22 4.88 -14.86 3.19
N GLY A 23 4.09 -14.11 2.43
CA GLY A 23 4.58 -12.86 1.87
C GLY A 23 3.47 -11.89 1.49
N ASP A 24 2.62 -11.56 2.46
CA ASP A 24 1.51 -10.63 2.24
C ASP A 24 0.66 -10.55 3.49
N PHE A 25 -0.37 -9.73 3.46
CA PHE A 25 -1.23 -9.59 4.63
C PHE A 25 -2.64 -9.10 4.29
N GLU A 26 -3.57 -9.45 5.17
CA GLU A 26 -4.95 -9.05 5.06
C GLU A 26 -5.42 -8.61 6.44
N CYS A 27 -6.03 -7.45 6.55
CA CYS A 27 -6.45 -6.95 7.84
C CYS A 27 -7.93 -6.64 7.92
N GLU A 28 -8.40 -6.45 9.14
CA GLU A 28 -9.79 -6.12 9.40
C GLU A 28 -10.02 -4.63 9.22
N CYS A 29 -8.94 -3.90 8.94
CA CYS A 29 -9.02 -2.46 8.75
C CYS A 29 -9.81 -2.16 7.48
N PRO A 30 -10.24 -0.90 7.30
CA PRO A 30 -11.04 -0.49 6.14
C PRO A 30 -10.44 -0.81 4.77
N GLU A 31 -10.13 -2.10 4.53
CA GLU A 31 -9.59 -2.52 3.24
C GLU A 31 -8.23 -1.96 2.99
N GLY A 32 -7.23 -2.77 3.22
CA GLY A 32 -5.89 -2.32 3.01
C GLY A 32 -5.44 -1.37 4.09
N TYR A 33 -6.38 -0.73 4.79
CA TYR A 33 -5.99 0.19 5.84
C TYR A 33 -5.13 -0.53 6.85
N ARG A 34 -4.06 0.13 7.25
CA ARG A 34 -3.10 -0.44 8.20
C ARG A 34 -3.50 -0.07 9.63
N TYR A 35 -3.32 -1.02 10.54
CA TYR A 35 -3.68 -0.84 11.93
C TYR A 35 -2.47 -0.63 12.83
N ASN A 36 -2.71 -0.01 13.98
CA ASN A 36 -1.65 0.26 14.96
C ASN A 36 -2.09 -0.17 16.35
N LEU A 37 -1.28 -0.99 17.00
CA LEU A 37 -1.57 -1.46 18.36
C LEU A 37 -1.25 -0.39 19.39
N LYS A 38 -0.55 0.66 18.96
CA LYS A 38 -0.19 1.75 19.86
C LYS A 38 -1.43 2.38 20.44
N SER A 39 -2.38 2.69 19.57
CA SER A 39 -3.62 3.30 19.98
C SER A 39 -4.83 2.40 19.70
N LYS A 40 -4.57 1.25 19.08
CA LYS A 40 -5.63 0.33 18.74
C LYS A 40 -6.69 1.02 17.92
N SER A 41 -6.25 1.46 16.78
CA SER A 41 -7.11 2.15 15.83
C SER A 41 -6.67 1.86 14.40
N CYS A 42 -7.57 2.08 13.44
CA CYS A 42 -7.25 1.85 12.04
C CYS A 42 -6.66 3.10 11.43
N GLU A 43 -5.64 2.95 10.60
CA GLU A 43 -4.99 4.09 9.96
C GLU A 43 -4.49 3.75 8.56
N ASP A 44 -5.05 4.44 7.57
CA ASP A 44 -4.71 4.28 6.15
C ASP A 44 -3.35 3.61 5.95
N ILE A 45 -3.31 2.78 4.94
CA ILE A 45 -2.11 2.03 4.58
C ILE A 45 -1.10 2.90 3.80
N ASP A 46 0.12 2.38 3.70
CA ASP A 46 1.20 3.04 2.99
C ASP A 46 1.49 2.34 1.67
N GLU A 47 0.48 2.27 0.80
CA GLU A 47 0.61 1.63 -0.49
C GLU A 47 1.77 2.21 -1.31
N CYS A 48 1.88 3.54 -1.32
CA CYS A 48 2.94 4.21 -2.07
C CYS A 48 4.27 4.11 -1.33
N SER A 49 4.21 4.17 -0.01
CA SER A 49 5.42 4.08 0.82
C SER A 49 6.13 2.76 0.60
N GLU A 50 5.37 1.75 0.17
CA GLU A 50 5.92 0.42 -0.05
C GLU A 50 6.68 0.33 -1.37
N ASN A 51 6.50 1.34 -2.22
CA ASN A 51 7.19 1.40 -3.51
C ASN A 51 6.49 0.53 -4.55
N MET A 52 5.24 0.84 -4.85
CA MET A 52 4.47 0.09 -5.84
C MET A 52 4.01 1.02 -6.94
N CYS A 53 4.66 2.17 -7.03
CA CYS A 53 4.32 3.13 -8.06
C CYS A 53 5.52 3.47 -8.90
N ALA A 54 5.27 3.97 -10.10
CA ALA A 54 6.36 4.27 -11.01
C ALA A 54 6.86 5.72 -10.86
N GLN A 55 6.26 6.65 -11.61
CA GLN A 55 6.68 8.05 -11.55
C GLN A 55 6.46 8.65 -10.15
N LEU A 56 5.20 8.79 -9.75
CA LEU A 56 4.89 9.31 -8.43
C LEU A 56 4.23 8.24 -7.59
N CYS A 57 3.53 8.62 -6.54
CA CYS A 57 2.82 7.65 -5.73
C CYS A 57 1.82 8.32 -4.79
N VAL A 58 0.71 8.85 -5.29
CA VAL A 58 -0.24 9.48 -4.39
C VAL A 58 -1.17 8.45 -3.81
N ASN A 59 -0.79 7.91 -2.67
CA ASN A 59 -1.61 6.91 -2.04
C ASN A 59 -2.63 7.60 -1.14
N TYR A 60 -3.90 7.71 -1.56
CA TYR A 60 -4.88 8.38 -0.72
C TYR A 60 -5.47 7.41 0.27
N PRO A 61 -6.20 7.92 1.27
CA PRO A 61 -6.78 7.09 2.30
C PRO A 61 -7.55 5.90 1.71
N GLY A 62 -6.93 4.73 1.72
CA GLY A 62 -7.58 3.54 1.20
C GLY A 62 -7.05 3.14 -0.16
N GLY A 63 -7.37 3.94 -1.17
CA GLY A 63 -6.94 3.63 -2.52
C GLY A 63 -5.76 4.47 -2.95
N TYR A 64 -4.59 3.87 -3.04
CA TYR A 64 -3.44 4.64 -3.43
C TYR A 64 -3.45 4.98 -4.91
N THR A 65 -2.37 5.61 -5.38
CA THR A 65 -2.27 5.99 -6.78
C THR A 65 -0.81 6.11 -7.19
N CYS A 66 -0.56 5.77 -8.44
CA CYS A 66 0.77 5.84 -9.01
C CYS A 66 0.73 6.82 -10.15
N TYR A 67 1.68 7.75 -10.18
CA TYR A 67 1.65 8.74 -11.25
C TYR A 67 2.63 8.46 -12.36
N CYS A 68 2.46 9.21 -13.44
CA CYS A 68 3.29 9.07 -14.61
C CYS A 68 3.46 10.42 -15.29
N ASP A 69 4.48 10.56 -16.12
CA ASP A 69 4.75 11.82 -16.81
C ASP A 69 5.33 12.85 -15.84
N GLY A 70 6.64 13.04 -15.92
CA GLY A 70 7.28 14.01 -15.04
C GLY A 70 8.71 14.32 -15.48
N LYS A 71 9.59 13.32 -15.40
CA LYS A 71 10.97 13.50 -15.80
C LYS A 71 11.17 13.25 -17.28
N LYS A 72 10.35 12.36 -17.85
CA LYS A 72 10.44 12.03 -19.27
C LYS A 72 9.36 12.76 -20.06
N GLY A 73 8.25 13.06 -19.41
CA GLY A 73 7.17 13.76 -20.08
C GLY A 73 6.31 12.82 -20.92
N PHE A 74 5.65 11.88 -20.25
CA PHE A 74 4.80 10.92 -20.94
C PHE A 74 3.37 10.90 -20.38
N LYS A 75 2.80 9.71 -20.13
CA LYS A 75 1.44 9.61 -19.64
C LYS A 75 1.21 8.35 -18.81
N LEU A 76 0.28 8.41 -17.86
CA LEU A 76 -0.03 7.28 -17.00
C LEU A 76 -0.98 6.32 -17.71
N ALA A 77 -0.54 5.07 -17.88
CA ALA A 77 -1.33 4.05 -18.55
C ALA A 77 -2.76 3.97 -17.99
N GLN A 78 -3.52 3.02 -18.51
CA GLN A 78 -4.90 2.84 -18.10
C GLN A 78 -5.04 1.91 -16.89
N ASP A 79 -3.95 1.69 -16.16
CA ASP A 79 -3.99 0.82 -14.98
C ASP A 79 -4.03 1.63 -13.69
N GLN A 80 -3.51 2.86 -13.74
CA GLN A 80 -3.47 3.74 -12.57
C GLN A 80 -2.37 3.32 -11.60
N LYS A 81 -1.49 2.43 -12.07
CA LYS A 81 -0.39 1.94 -11.25
C LYS A 81 0.93 2.07 -11.99
N SER A 82 1.02 1.44 -13.16
CA SER A 82 2.23 1.49 -13.97
C SER A 82 2.29 2.80 -14.76
N CYS A 83 3.22 2.88 -15.70
CA CYS A 83 3.37 4.08 -16.52
C CYS A 83 3.71 3.76 -17.96
N GLU A 84 3.22 4.58 -18.88
CA GLU A 84 3.45 4.36 -20.30
C GLU A 84 3.66 5.67 -21.07
N VAL A 85 4.79 5.76 -21.77
CA VAL A 85 5.12 6.94 -22.55
C VAL A 85 4.61 6.81 -23.98
N VAL A 86 4.24 7.93 -24.59
CA VAL A 86 3.74 7.94 -25.95
C VAL A 86 4.15 9.22 -26.67
N SER A 87 4.66 9.06 -27.89
CA SER A 87 5.09 10.20 -28.68
C SER A 87 4.31 10.28 -29.99
N LYS A 1 -3.32 -18.74 9.83
CA LYS A 1 -2.10 -18.26 10.51
C LYS A 1 -0.94 -19.23 10.33
N ASP A 2 0.27 -18.70 10.20
CA ASP A 2 1.46 -19.52 10.02
C ASP A 2 2.63 -18.99 10.85
N VAL A 3 3.28 -17.95 10.34
CA VAL A 3 4.41 -17.35 11.02
C VAL A 3 4.57 -15.88 10.62
N ASP A 4 5.02 -15.05 11.56
CA ASP A 4 5.20 -13.63 11.30
C ASP A 4 3.98 -13.05 10.60
N GLU A 5 3.04 -12.49 11.37
CA GLU A 5 1.85 -11.91 10.79
C GLU A 5 1.90 -10.40 10.84
N CYS A 6 1.82 -9.84 12.04
CA CYS A 6 1.88 -8.41 12.21
C CYS A 6 3.28 -7.97 12.58
N SER A 7 4.11 -8.93 13.00
CA SER A 7 5.48 -8.65 13.37
C SER A 7 6.42 -8.95 12.20
N LEU A 8 5.84 -9.00 10.99
CA LEU A 8 6.62 -9.27 9.78
C LEU A 8 7.42 -8.05 9.37
N LYS A 9 6.93 -6.87 9.77
CA LYS A 9 7.59 -5.61 9.44
C LYS A 9 7.61 -4.68 10.66
N PRO A 10 8.39 -3.60 10.60
CA PRO A 10 8.49 -2.63 11.70
C PRO A 10 7.12 -2.24 12.26
N SER A 11 6.14 -2.12 11.37
CA SER A 11 4.78 -1.76 11.77
C SER A 11 3.77 -2.18 10.71
N ILE A 12 3.07 -3.28 10.95
CA ILE A 12 2.08 -3.78 10.01
C ILE A 12 0.67 -3.40 10.44
N CYS A 13 0.11 -4.16 11.38
CA CYS A 13 -1.24 -3.93 11.84
C CYS A 13 -1.36 -4.08 13.35
N GLY A 14 -0.24 -3.90 14.06
CA GLY A 14 -0.26 -4.03 15.52
C GLY A 14 -1.09 -5.20 15.98
N THR A 15 -0.71 -6.40 15.53
CA THR A 15 -1.38 -7.64 15.86
C THR A 15 -2.82 -7.43 16.32
N ALA A 16 -3.56 -6.62 15.56
CA ALA A 16 -4.96 -6.33 15.86
C ALA A 16 -5.84 -7.49 15.40
N VAL A 17 -5.90 -7.65 14.08
CA VAL A 17 -6.67 -8.72 13.46
C VAL A 17 -6.12 -8.99 12.06
N CYS A 18 -4.82 -8.75 11.90
CA CYS A 18 -4.15 -8.93 10.63
C CYS A 18 -4.08 -10.39 10.22
N LYS A 19 -4.73 -10.72 9.10
CA LYS A 19 -4.73 -12.07 8.58
C LYS A 19 -3.54 -12.22 7.63
N ASN A 20 -2.40 -12.58 8.19
CA ASN A 20 -1.18 -12.73 7.40
C ASN A 20 -1.06 -14.09 6.74
N ILE A 21 -0.14 -14.18 5.80
CA ILE A 21 0.12 -15.41 5.07
C ILE A 21 1.62 -15.54 4.78
N PRO A 22 2.06 -16.71 4.27
CA PRO A 22 3.48 -16.96 3.97
C PRO A 22 4.22 -15.74 3.42
N GLY A 23 3.51 -14.88 2.70
CA GLY A 23 4.16 -13.70 2.15
C GLY A 23 3.18 -12.59 1.77
N ASP A 24 2.32 -12.23 2.71
CA ASP A 24 1.34 -11.17 2.48
C ASP A 24 0.65 -10.83 3.79
N PHE A 25 -0.44 -10.08 3.73
CA PHE A 25 -1.14 -9.72 4.95
C PHE A 25 -2.53 -9.13 4.70
N GLU A 26 -3.36 -9.22 5.74
CA GLU A 26 -4.71 -8.69 5.73
C GLU A 26 -4.97 -8.05 7.08
N CYS A 27 -6.19 -7.58 7.33
CA CYS A 27 -6.48 -6.95 8.62
C CYS A 27 -7.94 -6.55 8.76
N GLU A 28 -8.34 -6.25 9.99
CA GLU A 28 -9.68 -5.81 10.29
C GLU A 28 -9.87 -4.35 9.88
N CYS A 29 -8.76 -3.71 9.50
CA CYS A 29 -8.82 -2.31 9.09
C CYS A 29 -9.59 -2.22 7.78
N PRO A 30 -10.67 -1.40 7.74
CA PRO A 30 -11.53 -1.25 6.56
C PRO A 30 -10.76 -1.29 5.24
N GLU A 31 -10.27 -2.49 4.89
CA GLU A 31 -9.47 -2.70 3.71
C GLU A 31 -8.01 -2.64 4.10
N GLY A 32 -7.11 -3.06 3.21
CA GLY A 32 -5.69 -3.07 3.51
C GLY A 32 -5.18 -1.94 4.40
N TYR A 33 -6.06 -1.11 4.97
CA TYR A 33 -5.63 -0.06 5.85
C TYR A 33 -4.71 -0.64 6.91
N ARG A 34 -3.67 0.09 7.21
CA ARG A 34 -2.68 -0.35 8.19
C ARG A 34 -3.03 0.13 9.60
N TYR A 35 -2.94 -0.79 10.56
CA TYR A 35 -3.26 -0.52 11.95
C TYR A 35 -2.02 -0.20 12.76
N ASN A 36 -2.23 0.54 13.85
CA ASN A 36 -1.14 0.92 14.74
C ASN A 36 -1.46 0.57 16.18
N LEU A 37 -0.62 -0.25 16.79
CA LEU A 37 -0.82 -0.65 18.18
C LEU A 37 -0.52 0.50 19.13
N LYS A 38 0.24 1.48 18.63
CA LYS A 38 0.62 2.64 19.42
C LYS A 38 -0.62 3.46 19.74
N SER A 39 -1.49 3.58 18.75
CA SER A 39 -2.73 4.33 18.89
C SER A 39 -3.93 3.38 18.88
N LYS A 40 -3.69 2.12 18.54
CA LYS A 40 -4.75 1.11 18.42
C LYS A 40 -5.86 1.64 17.54
N SER A 41 -5.42 2.34 16.52
CA SER A 41 -6.31 2.95 15.53
C SER A 41 -5.99 2.45 14.14
N CYS A 42 -6.98 2.53 13.24
CA CYS A 42 -6.76 2.12 11.86
C CYS A 42 -6.24 3.30 11.06
N GLU A 43 -5.30 3.05 10.17
CA GLU A 43 -4.73 4.12 9.36
C GLU A 43 -4.33 3.65 7.96
N ASP A 44 -4.90 4.34 6.97
CA ASP A 44 -4.64 4.06 5.56
C ASP A 44 -3.30 3.35 5.36
N ILE A 45 -3.29 2.46 4.40
CA ILE A 45 -2.10 1.68 4.10
C ILE A 45 -1.13 2.41 3.16
N ASP A 46 0.09 1.87 3.11
CA ASP A 46 1.15 2.41 2.26
C ASP A 46 1.30 1.55 1.01
N GLU A 47 0.21 1.44 0.27
CA GLU A 47 0.16 0.65 -0.96
C GLU A 47 1.26 1.03 -1.95
N CYS A 48 1.68 2.30 -1.93
CA CYS A 48 2.72 2.75 -2.85
C CYS A 48 4.10 2.75 -2.19
N SER A 49 4.13 2.97 -0.89
CA SER A 49 5.39 2.99 -0.16
C SER A 49 6.09 1.65 -0.30
N GLU A 50 5.32 0.62 -0.66
CA GLU A 50 5.85 -0.73 -0.80
C GLU A 50 6.60 -0.92 -2.12
N ASN A 51 5.90 -0.75 -3.25
CA ASN A 51 6.50 -0.89 -4.57
C ASN A 51 5.43 -1.25 -5.61
N MET A 52 4.46 -0.36 -5.80
CA MET A 52 3.39 -0.62 -6.76
C MET A 52 3.16 0.56 -7.69
N CYS A 53 3.41 1.76 -7.20
CA CYS A 53 3.18 2.93 -8.03
C CYS A 53 4.46 3.48 -8.63
N ALA A 54 4.35 3.86 -9.90
CA ALA A 54 5.47 4.41 -10.61
C ALA A 54 5.36 5.94 -10.68
N GLN A 55 6.42 6.59 -11.14
CA GLN A 55 6.43 8.05 -11.26
C GLN A 55 6.01 8.74 -9.96
N LEU A 56 4.70 8.85 -9.75
CA LEU A 56 4.15 9.47 -8.55
C LEU A 56 3.07 8.63 -7.95
N CYS A 57 3.11 8.40 -6.65
CA CYS A 57 2.11 7.56 -6.05
C CYS A 57 1.21 8.28 -5.04
N VAL A 58 0.00 8.62 -5.46
CA VAL A 58 -0.96 9.23 -4.56
C VAL A 58 -1.87 8.12 -4.07
N ASN A 59 -1.48 7.53 -2.97
CA ASN A 59 -2.26 6.47 -2.42
C ASN A 59 -3.35 7.04 -1.52
N TYR A 60 -4.61 7.03 -1.97
CA TYR A 60 -5.65 7.61 -1.13
C TYR A 60 -6.18 6.60 -0.14
N PRO A 61 -6.96 7.06 0.84
CA PRO A 61 -7.49 6.20 1.86
C PRO A 61 -8.16 4.96 1.27
N GLY A 62 -7.47 3.83 1.30
CA GLY A 62 -8.01 2.61 0.77
C GLY A 62 -7.44 2.24 -0.58
N GLY A 63 -7.80 3.00 -1.61
CA GLY A 63 -7.31 2.73 -2.95
C GLY A 63 -6.20 3.65 -3.40
N TYR A 64 -4.99 3.13 -3.46
CA TYR A 64 -3.88 3.96 -3.87
C TYR A 64 -4.01 4.41 -5.33
N THR A 65 -3.03 5.20 -5.78
CA THR A 65 -3.03 5.69 -7.15
C THR A 65 -1.62 6.06 -7.60
N CYS A 66 -1.36 5.91 -8.89
CA CYS A 66 -0.05 6.20 -9.46
C CYS A 66 -0.16 7.16 -10.64
N TYR A 67 0.30 8.39 -10.45
CA TYR A 67 0.27 9.38 -11.52
C TYR A 67 1.65 9.55 -12.13
N CYS A 68 1.66 9.64 -13.45
CA CYS A 68 2.88 9.74 -14.24
C CYS A 68 3.02 11.10 -14.90
N ASP A 69 4.05 11.24 -15.72
CA ASP A 69 4.34 12.48 -16.42
C ASP A 69 4.64 13.62 -15.45
N GLY A 70 5.34 13.28 -14.37
CA GLY A 70 5.70 14.29 -13.38
C GLY A 70 7.03 14.95 -13.69
N LYS A 71 8.07 14.14 -13.88
CA LYS A 71 9.40 14.66 -14.17
C LYS A 71 9.81 14.38 -15.60
N LYS A 72 9.36 13.25 -16.14
CA LYS A 72 9.68 12.87 -17.52
C LYS A 72 8.63 13.40 -18.50
N GLY A 73 7.75 14.27 -18.00
CA GLY A 73 6.70 14.86 -18.84
C GLY A 73 6.17 13.91 -19.89
N PHE A 74 5.65 12.78 -19.46
CA PHE A 74 5.10 11.78 -20.37
C PHE A 74 3.59 11.59 -20.16
N LYS A 75 3.12 10.35 -20.17
CA LYS A 75 1.69 10.09 -20.01
C LYS A 75 1.43 8.81 -19.21
N LEU A 76 0.45 8.87 -18.31
CA LEU A 76 0.08 7.72 -17.50
C LEU A 76 -0.70 6.72 -18.36
N ALA A 77 -0.10 5.55 -18.60
CA ALA A 77 -0.73 4.53 -19.45
C ALA A 77 -2.19 4.29 -19.07
N GLN A 78 -2.82 3.35 -19.77
CA GLN A 78 -4.23 3.04 -19.55
C GLN A 78 -4.45 2.09 -18.38
N ASP A 79 -3.45 1.93 -17.52
CA ASP A 79 -3.59 1.04 -16.37
C ASP A 79 -3.83 1.84 -15.09
N GLN A 80 -3.46 3.12 -15.11
CA GLN A 80 -3.64 4.00 -13.96
C GLN A 80 -2.63 3.67 -12.85
N LYS A 81 -1.90 2.57 -13.03
CA LYS A 81 -0.89 2.15 -12.06
C LYS A 81 0.51 2.28 -12.64
N SER A 82 0.64 1.93 -13.92
CA SER A 82 1.92 2.00 -14.61
C SER A 82 2.18 3.41 -15.13
N CYS A 83 3.31 3.60 -15.80
CA CYS A 83 3.67 4.91 -16.34
C CYS A 83 4.47 4.75 -17.63
N GLU A 84 3.91 5.24 -18.74
CA GLU A 84 4.58 5.12 -20.04
C GLU A 84 4.72 6.46 -20.78
N VAL A 85 5.92 6.70 -21.32
CA VAL A 85 6.20 7.93 -22.06
C VAL A 85 6.12 7.68 -23.56
N VAL A 86 5.33 8.51 -24.25
CA VAL A 86 5.17 8.38 -25.69
C VAL A 86 6.02 9.41 -26.42
N SER A 87 7.09 8.94 -27.05
CA SER A 87 7.98 9.83 -27.79
C SER A 87 8.46 9.17 -29.07
N LYS A 1 -1.80 -18.20 8.17
CA LYS A 1 -1.35 -18.10 9.58
C LYS A 1 -0.13 -18.99 9.83
N ASP A 2 1.06 -18.39 9.79
CA ASP A 2 2.29 -19.13 10.00
C ASP A 2 3.21 -18.39 10.98
N VAL A 3 3.91 -17.37 10.47
CA VAL A 3 4.81 -16.58 11.30
C VAL A 3 4.85 -15.14 10.81
N ASP A 4 5.26 -14.23 11.69
CA ASP A 4 5.33 -12.80 11.36
C ASP A 4 4.08 -12.35 10.62
N GLU A 5 3.11 -11.85 11.37
CA GLU A 5 1.86 -11.40 10.78
C GLU A 5 1.79 -9.88 10.75
N CYS A 6 1.68 -9.29 11.94
CA CYS A 6 1.62 -7.84 12.05
C CYS A 6 3.01 -7.28 12.37
N SER A 7 3.93 -8.16 12.74
CA SER A 7 5.29 -7.77 13.05
C SER A 7 6.20 -8.04 11.86
N LEU A 8 5.60 -8.21 10.68
CA LEU A 8 6.35 -8.48 9.47
C LEU A 8 7.07 -7.21 9.00
N LYS A 9 6.50 -6.06 9.34
CA LYS A 9 7.06 -4.77 8.97
C LYS A 9 7.11 -3.84 10.18
N PRO A 10 7.73 -2.65 10.04
CA PRO A 10 7.82 -1.68 11.12
C PRO A 10 6.49 -1.48 11.84
N SER A 11 5.42 -1.40 11.07
CA SER A 11 4.08 -1.22 11.62
C SER A 11 3.02 -1.65 10.61
N ILE A 12 2.51 -2.87 10.78
CA ILE A 12 1.49 -3.39 9.88
C ILE A 12 0.08 -3.05 10.35
N CYS A 13 -0.41 -3.84 11.29
CA CYS A 13 -1.76 -3.64 11.80
C CYS A 13 -1.82 -3.80 13.32
N GLY A 14 -0.78 -3.32 14.01
CA GLY A 14 -0.75 -3.41 15.46
C GLY A 14 -1.33 -4.70 15.98
N THR A 15 -0.90 -5.82 15.39
CA THR A 15 -1.37 -7.14 15.76
C THR A 15 -2.81 -7.11 16.28
N ALA A 16 -3.68 -6.42 15.54
CA ALA A 16 -5.08 -6.28 15.90
C ALA A 16 -5.84 -7.54 15.51
N VAL A 17 -6.05 -7.71 14.22
CA VAL A 17 -6.73 -8.88 13.67
C VAL A 17 -6.25 -9.14 12.26
N CYS A 18 -4.98 -8.81 12.01
CA CYS A 18 -4.38 -8.99 10.71
C CYS A 18 -4.17 -10.45 10.35
N LYS A 19 -4.88 -10.89 9.31
CA LYS A 19 -4.76 -12.25 8.84
C LYS A 19 -3.60 -12.33 7.84
N ASN A 20 -2.40 -12.58 8.37
CA ASN A 20 -1.22 -12.63 7.53
C ASN A 20 -1.00 -14.00 6.92
N ILE A 21 -0.14 -14.05 5.92
CA ILE A 21 0.19 -15.28 5.22
C ILE A 21 1.69 -15.34 4.92
N PRO A 22 2.19 -16.49 4.43
CA PRO A 22 3.62 -16.68 4.13
C PRO A 22 4.28 -15.46 3.49
N GLY A 23 3.51 -14.66 2.77
CA GLY A 23 4.08 -13.48 2.13
C GLY A 23 3.04 -12.44 1.75
N ASP A 24 2.18 -12.09 2.71
CA ASP A 24 1.15 -11.09 2.48
C ASP A 24 0.46 -10.76 3.79
N PHE A 25 -0.68 -10.09 3.73
CA PHE A 25 -1.38 -9.74 4.95
C PHE A 25 -2.81 -9.25 4.72
N GLU A 26 -3.60 -9.39 5.78
CA GLU A 26 -4.99 -8.94 5.79
C GLU A 26 -5.25 -8.29 7.13
N CYS A 27 -6.44 -7.72 7.35
CA CYS A 27 -6.71 -7.06 8.62
C CYS A 27 -8.17 -6.61 8.75
N GLU A 28 -8.56 -6.37 9.99
CA GLU A 28 -9.90 -5.90 10.30
C GLU A 28 -10.08 -4.45 9.85
N CYS A 29 -8.98 -3.82 9.43
CA CYS A 29 -9.02 -2.45 8.97
C CYS A 29 -9.83 -2.38 7.66
N PRO A 30 -10.34 -1.18 7.31
CA PRO A 30 -11.17 -0.99 6.12
C PRO A 30 -10.54 -1.45 4.81
N GLU A 31 -10.19 -2.74 4.72
CA GLU A 31 -9.62 -3.31 3.49
C GLU A 31 -8.28 -2.73 3.18
N GLY A 32 -7.26 -3.45 3.53
CA GLY A 32 -5.94 -3.00 3.27
C GLY A 32 -5.52 -1.89 4.21
N TYR A 33 -6.48 -1.17 4.78
CA TYR A 33 -6.13 -0.11 5.71
C TYR A 33 -5.22 -0.68 6.79
N ARG A 34 -4.15 0.04 7.05
CA ARG A 34 -3.16 -0.38 8.04
C ARG A 34 -3.48 0.15 9.43
N TYR A 35 -3.25 -0.67 10.45
CA TYR A 35 -3.51 -0.33 11.84
C TYR A 35 -2.22 -0.20 12.63
N ASN A 36 -2.30 0.56 13.73
CA ASN A 36 -1.14 0.77 14.60
C ASN A 36 -1.50 0.53 16.06
N LEU A 37 -0.82 -0.42 16.69
CA LEU A 37 -1.08 -0.73 18.10
C LEU A 37 -0.59 0.42 18.98
N LYS A 38 0.30 1.25 18.43
CA LYS A 38 0.83 2.38 19.16
C LYS A 38 -0.28 3.36 19.50
N SER A 39 -1.12 3.61 18.51
CA SER A 39 -2.25 4.52 18.67
C SER A 39 -3.54 3.73 18.77
N LYS A 40 -3.46 2.42 18.52
CA LYS A 40 -4.63 1.54 18.55
C LYS A 40 -5.73 2.13 17.68
N SER A 41 -5.29 2.69 16.57
CA SER A 41 -6.16 3.31 15.61
C SER A 41 -5.90 2.75 14.22
N CYS A 42 -6.87 2.91 13.32
CA CYS A 42 -6.70 2.44 11.96
C CYS A 42 -6.40 3.62 11.05
N GLU A 43 -5.47 3.44 10.12
CA GLU A 43 -5.10 4.50 9.21
C GLU A 43 -4.69 3.95 7.85
N ASP A 44 -5.33 4.47 6.79
CA ASP A 44 -5.04 4.07 5.41
C ASP A 44 -3.68 3.41 5.27
N ILE A 45 -3.63 2.46 4.37
CA ILE A 45 -2.41 1.71 4.11
C ILE A 45 -1.42 2.47 3.25
N ASP A 46 -0.18 1.97 3.24
CA ASP A 46 0.90 2.54 2.46
C ASP A 46 1.20 1.68 1.25
N GLU A 47 0.18 1.49 0.42
CA GLU A 47 0.30 0.69 -0.78
C GLU A 47 1.45 1.15 -1.68
N CYS A 48 1.61 2.45 -1.83
CA CYS A 48 2.68 3.00 -2.66
C CYS A 48 4.01 3.00 -1.92
N SER A 49 3.96 3.21 -0.62
CA SER A 49 5.17 3.24 0.21
C SER A 49 5.91 1.91 0.11
N GLU A 50 5.16 0.86 -0.22
CA GLU A 50 5.71 -0.48 -0.32
C GLU A 50 6.48 -0.68 -1.63
N ASN A 51 6.25 0.22 -2.58
CA ASN A 51 6.93 0.17 -3.89
C ASN A 51 6.21 -0.77 -4.86
N MET A 52 4.97 -0.41 -5.20
CA MET A 52 4.18 -1.20 -6.15
C MET A 52 3.55 -0.31 -7.20
N CYS A 53 4.22 0.80 -7.47
CA CYS A 53 3.76 1.74 -8.46
C CYS A 53 4.94 2.29 -9.23
N ALA A 54 4.67 2.85 -10.40
CA ALA A 54 5.73 3.39 -11.22
C ALA A 54 6.41 4.58 -10.54
N GLN A 55 6.81 5.59 -11.32
CA GLN A 55 7.50 6.76 -10.77
C GLN A 55 6.65 7.50 -9.75
N LEU A 56 5.39 7.77 -10.09
CA LEU A 56 4.48 8.48 -9.18
C LEU A 56 3.48 7.52 -8.57
N CYS A 57 3.57 7.29 -7.27
CA CYS A 57 2.67 6.35 -6.61
C CYS A 57 1.71 7.08 -5.68
N VAL A 58 0.61 7.61 -6.23
CA VAL A 58 -0.36 8.27 -5.37
C VAL A 58 -1.29 7.25 -4.77
N ASN A 59 -0.97 6.80 -3.59
CA ASN A 59 -1.81 5.83 -2.93
C ASN A 59 -2.90 6.55 -2.13
N TYR A 60 -4.14 6.59 -2.63
CA TYR A 60 -5.17 7.29 -1.89
C TYR A 60 -5.82 6.40 -0.85
N PRO A 61 -6.59 6.98 0.07
CA PRO A 61 -7.23 6.23 1.13
C PRO A 61 -7.95 5.00 0.59
N GLY A 62 -7.28 3.86 0.65
CA GLY A 62 -7.88 2.63 0.18
C GLY A 62 -7.27 2.14 -1.12
N GLY A 63 -7.57 2.83 -2.21
CA GLY A 63 -7.06 2.43 -3.52
C GLY A 63 -5.90 3.26 -4.01
N TYR A 64 -4.71 2.69 -4.05
CA TYR A 64 -3.56 3.45 -4.49
C TYR A 64 -3.60 3.74 -5.99
N THR A 65 -2.58 4.46 -6.47
CA THR A 65 -2.49 4.81 -7.89
C THR A 65 -1.05 4.95 -8.33
N CYS A 66 -0.78 4.54 -9.57
CA CYS A 66 0.57 4.61 -10.10
C CYS A 66 0.64 5.38 -11.42
N TYR A 67 1.15 6.60 -11.34
CA TYR A 67 1.36 7.46 -12.49
C TYR A 67 2.85 7.48 -12.80
N CYS A 68 3.38 8.62 -13.24
CA CYS A 68 4.79 8.70 -13.49
C CYS A 68 5.30 10.13 -13.51
N ASP A 69 4.97 10.83 -14.59
CA ASP A 69 5.37 12.22 -14.79
C ASP A 69 6.24 12.78 -13.67
N GLY A 70 7.52 12.47 -13.74
CA GLY A 70 8.47 12.93 -12.75
C GLY A 70 9.84 13.12 -13.34
N LYS A 71 10.72 12.13 -13.17
CA LYS A 71 12.07 12.20 -13.70
C LYS A 71 12.06 12.26 -15.22
N LYS A 72 11.06 11.61 -15.82
CA LYS A 72 10.95 11.58 -17.28
C LYS A 72 10.05 12.70 -17.78
N GLY A 73 8.98 12.99 -17.03
CA GLY A 73 8.07 14.04 -17.43
C GLY A 73 7.07 13.59 -18.47
N PHE A 74 6.07 12.80 -18.05
CA PHE A 74 5.04 12.34 -18.96
C PHE A 74 3.67 12.19 -18.27
N LYS A 75 3.01 11.05 -18.44
CA LYS A 75 1.67 10.86 -17.87
C LYS A 75 1.42 9.41 -17.43
N LEU A 76 0.20 9.19 -16.93
CA LEU A 76 -0.22 7.86 -16.48
C LEU A 76 -1.17 7.22 -17.49
N ALA A 77 -0.74 6.10 -18.07
CA ALA A 77 -1.56 5.39 -19.05
C ALA A 77 -2.90 4.97 -18.44
N GLN A 78 -3.67 4.19 -19.19
CA GLN A 78 -4.97 3.73 -18.73
C GLN A 78 -4.83 2.71 -17.60
N ASP A 79 -3.99 1.69 -17.83
CA ASP A 79 -3.77 0.63 -16.84
C ASP A 79 -3.88 1.15 -15.41
N GLN A 80 -3.35 2.34 -15.18
CA GLN A 80 -3.37 2.99 -13.86
C GLN A 80 -2.13 2.64 -13.05
N LYS A 81 -1.67 1.39 -13.15
CA LYS A 81 -0.50 0.97 -12.41
C LYS A 81 0.77 1.26 -13.21
N SER A 82 0.64 1.29 -14.53
CA SER A 82 1.77 1.58 -15.41
C SER A 82 1.67 3.01 -15.91
N CYS A 83 2.78 3.56 -16.39
CA CYS A 83 2.79 4.93 -16.87
C CYS A 83 3.33 5.04 -18.30
N GLU A 84 2.83 6.03 -19.02
CA GLU A 84 3.25 6.27 -20.40
C GLU A 84 3.33 7.77 -20.70
N VAL A 85 4.05 8.13 -21.76
CA VAL A 85 4.20 9.53 -22.15
C VAL A 85 3.25 9.89 -23.28
N VAL A 86 2.66 11.08 -23.20
CA VAL A 86 1.74 11.54 -24.21
C VAL A 86 2.45 12.41 -25.25
N SER A 87 2.68 11.84 -26.42
CA SER A 87 3.36 12.55 -27.49
C SER A 87 2.56 12.47 -28.79
N LYS A 1 -0.16 -20.19 8.14
CA LYS A 1 0.55 -19.52 9.25
C LYS A 1 1.97 -20.07 9.41
N ASP A 2 2.92 -19.17 9.65
CA ASP A 2 4.32 -19.56 9.83
C ASP A 2 4.92 -18.89 11.05
N VAL A 3 5.31 -17.63 10.91
CA VAL A 3 5.89 -16.87 12.00
C VAL A 3 5.52 -15.40 11.90
N ASP A 4 5.23 -14.78 13.04
CA ASP A 4 4.85 -13.37 13.07
C ASP A 4 3.76 -13.09 12.03
N GLU A 5 2.53 -12.87 12.47
CA GLU A 5 1.45 -12.61 11.55
C GLU A 5 0.95 -11.18 11.68
N CYS A 6 0.85 -10.72 12.91
CA CYS A 6 0.38 -9.37 13.17
C CYS A 6 1.34 -8.63 14.11
N SER A 7 2.44 -9.29 14.45
CA SER A 7 3.45 -8.70 15.31
C SER A 7 4.82 -8.79 14.63
N LEU A 8 4.79 -8.86 13.30
CA LEU A 8 6.01 -8.96 12.50
C LEU A 8 6.70 -7.60 12.39
N LYS A 9 5.91 -6.56 12.13
CA LYS A 9 6.45 -5.21 12.00
C LYS A 9 5.55 -4.20 12.73
N PRO A 10 6.06 -2.98 12.96
CA PRO A 10 5.31 -1.93 13.65
C PRO A 10 4.50 -1.06 12.69
N SER A 11 4.03 -1.66 11.60
CA SER A 11 3.24 -0.93 10.61
C SER A 11 2.32 -1.86 9.84
N ILE A 12 1.99 -3.01 10.44
CA ILE A 12 1.11 -3.99 9.80
C ILE A 12 -0.31 -3.88 10.33
N CYS A 13 -0.59 -4.64 11.38
CA CYS A 13 -1.90 -4.67 11.98
C CYS A 13 -1.83 -5.23 13.39
N GLY A 14 -2.02 -4.35 14.38
CA GLY A 14 -1.98 -4.77 15.78
C GLY A 14 -2.88 -5.98 16.04
N THR A 15 -2.35 -7.17 15.75
CA THR A 15 -3.04 -8.44 15.94
C THR A 15 -4.57 -8.27 16.09
N ALA A 16 -5.15 -7.47 15.20
CA ALA A 16 -6.58 -7.23 15.20
C ALA A 16 -7.31 -8.34 14.46
N VAL A 17 -7.23 -8.29 13.14
CA VAL A 17 -7.84 -9.28 12.26
C VAL A 17 -7.07 -9.29 10.95
N CYS A 18 -5.82 -9.73 11.04
CA CYS A 18 -4.94 -9.75 9.88
C CYS A 18 -4.61 -11.15 9.40
N LYS A 19 -4.45 -11.26 8.09
CA LYS A 19 -4.09 -12.52 7.45
C LYS A 19 -2.66 -12.40 6.92
N ASN A 20 -1.70 -12.82 7.74
CA ASN A 20 -0.30 -12.72 7.37
C ASN A 20 0.18 -13.88 6.53
N ILE A 21 1.37 -13.70 5.96
CA ILE A 21 2.00 -14.69 5.11
C ILE A 21 3.51 -14.66 5.33
N PRO A 22 4.26 -15.65 4.78
CA PRO A 22 5.71 -15.72 4.95
C PRO A 22 6.41 -14.36 4.91
N GLY A 23 5.83 -13.42 4.18
CA GLY A 23 6.42 -12.09 4.09
C GLY A 23 5.46 -11.02 3.64
N ASP A 24 4.32 -10.93 4.32
CA ASP A 24 3.31 -9.92 4.00
C ASP A 24 2.14 -10.01 4.97
N PHE A 25 1.08 -9.27 4.69
CA PHE A 25 -0.08 -9.30 5.57
C PHE A 25 -1.35 -8.76 4.91
N GLU A 26 -2.48 -9.03 5.57
CA GLU A 26 -3.78 -8.57 5.14
C GLU A 26 -4.50 -8.00 6.36
N CYS A 27 -5.04 -6.80 6.24
CA CYS A 27 -5.72 -6.16 7.37
C CYS A 27 -7.22 -6.21 7.25
N GLU A 28 -7.88 -5.86 8.34
CA GLU A 28 -9.34 -5.84 8.41
C GLU A 28 -9.87 -4.41 8.44
N CYS A 29 -8.97 -3.44 8.38
CA CYS A 29 -9.36 -2.05 8.40
C CYS A 29 -10.12 -1.71 7.11
N PRO A 30 -10.85 -0.59 7.09
CA PRO A 30 -11.65 -0.17 5.92
C PRO A 30 -10.83 -0.19 4.64
N GLU A 31 -10.47 -1.41 4.20
CA GLU A 31 -9.62 -1.64 3.03
C GLU A 31 -8.28 -2.05 3.56
N GLY A 32 -7.28 -2.24 2.71
CA GLY A 32 -5.99 -2.64 3.21
C GLY A 32 -5.41 -1.66 4.21
N TYR A 33 -6.25 -0.82 4.82
CA TYR A 33 -5.76 0.11 5.83
C TYR A 33 -4.95 -0.65 6.86
N ARG A 34 -3.85 -0.07 7.23
CA ARG A 34 -2.94 -0.69 8.19
C ARG A 34 -3.29 -0.28 9.62
N TYR A 35 -3.55 -1.27 10.46
CA TYR A 35 -3.90 -1.04 11.85
C TYR A 35 -2.65 -0.90 12.72
N ASN A 36 -2.81 -0.27 13.88
CA ASN A 36 -1.69 -0.07 14.80
C ASN A 36 -2.08 -0.45 16.23
N LEU A 37 -1.25 -1.29 16.85
CA LEU A 37 -1.49 -1.72 18.22
C LEU A 37 -1.08 -0.63 19.22
N LYS A 38 -0.35 0.36 18.73
CA LYS A 38 0.11 1.45 19.57
C LYS A 38 -1.08 2.16 20.20
N SER A 39 -2.02 2.54 19.35
CA SER A 39 -3.22 3.22 19.81
C SER A 39 -4.48 2.41 19.52
N LYS A 40 -4.31 1.26 18.88
CA LYS A 40 -5.43 0.41 18.53
C LYS A 40 -6.45 1.17 17.72
N SER A 41 -5.97 1.60 16.59
CA SER A 41 -6.78 2.36 15.64
C SER A 41 -6.37 2.04 14.21
N CYS A 42 -7.26 2.31 13.26
CA CYS A 42 -6.99 2.04 11.86
C CYS A 42 -6.09 3.14 11.28
N GLU A 43 -5.14 2.75 10.43
CA GLU A 43 -4.22 3.71 9.85
C GLU A 43 -3.84 3.37 8.40
N ASP A 44 -4.32 4.22 7.49
CA ASP A 44 -4.08 4.10 6.05
C ASP A 44 -2.86 3.23 5.74
N ILE A 45 -3.00 2.46 4.68
CA ILE A 45 -1.97 1.54 4.23
C ILE A 45 -0.93 2.22 3.33
N ASP A 46 0.17 1.49 3.12
CA ASP A 46 1.27 1.95 2.27
C ASP A 46 1.27 1.19 0.93
N GLU A 47 0.17 1.32 0.20
CA GLU A 47 -0.01 0.66 -1.09
C GLU A 47 1.14 0.94 -2.06
N CYS A 48 1.70 2.13 -2.01
CA CYS A 48 2.79 2.50 -2.93
C CYS A 48 4.15 2.01 -2.44
N SER A 49 4.34 2.01 -1.14
CA SER A 49 5.59 1.56 -0.56
C SER A 49 5.93 0.15 -1.02
N GLU A 50 4.91 -0.57 -1.47
CA GLU A 50 5.07 -1.95 -1.92
C GLU A 50 5.66 -2.03 -3.32
N ASN A 51 5.33 -1.04 -4.16
CA ASN A 51 5.81 -0.98 -5.54
C ASN A 51 4.66 -1.18 -6.52
N MET A 52 3.75 -0.22 -6.57
CA MET A 52 2.60 -0.29 -7.48
C MET A 52 2.63 0.80 -8.51
N CYS A 53 3.40 1.84 -8.28
CA CYS A 53 3.47 2.93 -9.24
C CYS A 53 4.77 2.94 -10.00
N ALA A 54 4.66 3.23 -11.28
CA ALA A 54 5.82 3.25 -12.16
C ALA A 54 6.58 4.56 -12.11
N GLN A 55 5.85 5.67 -12.10
CA GLN A 55 6.49 7.00 -12.08
C GLN A 55 6.46 7.63 -10.68
N LEU A 56 5.28 8.04 -10.23
CA LEU A 56 5.12 8.67 -8.93
C LEU A 56 3.97 8.06 -8.18
N CYS A 57 4.18 7.68 -6.92
CA CYS A 57 3.12 7.07 -6.16
C CYS A 57 2.53 7.95 -5.05
N VAL A 58 1.40 8.60 -5.33
CA VAL A 58 0.71 9.37 -4.30
C VAL A 58 -0.38 8.49 -3.74
N ASN A 59 -0.04 7.75 -2.73
CA ASN A 59 -1.00 6.86 -2.15
C ASN A 59 -1.87 7.60 -1.14
N TYR A 60 -3.13 7.89 -1.49
CA TYR A 60 -3.98 8.64 -0.58
C TYR A 60 -4.66 7.70 0.40
N PRO A 61 -5.25 8.25 1.47
CA PRO A 61 -5.91 7.46 2.48
C PRO A 61 -6.82 6.38 1.89
N GLY A 62 -6.33 5.14 1.90
CA GLY A 62 -7.11 4.03 1.38
C GLY A 62 -6.76 3.67 -0.05
N GLY A 63 -7.04 4.58 -0.97
CA GLY A 63 -6.76 4.32 -2.38
C GLY A 63 -5.51 5.01 -2.87
N TYR A 64 -4.45 4.26 -3.07
CA TYR A 64 -3.23 4.88 -3.53
C TYR A 64 -3.41 5.50 -4.91
N THR A 65 -2.33 6.09 -5.43
CA THR A 65 -2.39 6.71 -6.74
C THR A 65 -1.01 6.74 -7.40
N CYS A 66 -1.01 6.62 -8.72
CA CYS A 66 0.24 6.61 -9.47
C CYS A 66 0.23 7.66 -10.56
N TYR A 67 0.96 8.75 -10.36
CA TYR A 67 1.05 9.80 -11.36
C TYR A 67 2.32 9.64 -12.17
N CYS A 68 2.16 9.84 -13.47
CA CYS A 68 3.24 9.67 -14.43
C CYS A 68 3.55 10.98 -15.14
N ASP A 69 4.46 10.93 -16.11
CA ASP A 69 4.84 12.12 -16.84
C ASP A 69 5.55 13.12 -15.92
N GLY A 70 6.84 12.89 -15.70
CA GLY A 70 7.61 13.77 -14.83
C GLY A 70 9.04 13.94 -15.30
N LYS A 71 9.82 12.87 -15.22
CA LYS A 71 11.21 12.91 -15.64
C LYS A 71 11.34 12.64 -17.14
N LYS A 72 10.49 11.77 -17.66
CA LYS A 72 10.51 11.43 -19.08
C LYS A 72 9.51 12.29 -19.86
N GLY A 73 8.74 13.11 -19.15
CA GLY A 73 7.76 13.96 -19.81
C GLY A 73 6.83 13.19 -20.72
N PHE A 74 6.08 12.25 -20.14
CA PHE A 74 5.16 11.44 -20.92
C PHE A 74 3.70 11.62 -20.47
N LYS A 75 2.98 10.52 -20.22
CA LYS A 75 1.59 10.60 -19.82
C LYS A 75 1.15 9.38 -19.00
N LEU A 76 0.35 9.60 -17.98
CA LEU A 76 -0.14 8.52 -17.14
C LEU A 76 -1.24 7.75 -17.86
N ALA A 77 -0.98 6.47 -18.16
CA ALA A 77 -1.97 5.65 -18.86
C ALA A 77 -3.34 5.73 -18.19
N GLN A 78 -4.31 5.06 -18.78
CA GLN A 78 -5.67 5.05 -18.28
C GLN A 78 -5.77 4.40 -16.90
N ASP A 79 -5.16 3.23 -16.76
CA ASP A 79 -5.19 2.48 -15.49
C ASP A 79 -4.97 3.38 -14.28
N GLN A 80 -4.27 4.49 -14.46
CA GLN A 80 -3.99 5.42 -13.36
C GLN A 80 -2.96 4.85 -12.39
N LYS A 81 -2.58 3.60 -12.61
CA LYS A 81 -1.59 2.92 -11.76
C LYS A 81 -0.30 2.75 -12.53
N SER A 82 -0.41 2.49 -13.82
CA SER A 82 0.75 2.31 -14.68
C SER A 82 1.20 3.66 -15.24
N CYS A 83 2.22 3.64 -16.09
CA CYS A 83 2.74 4.87 -16.68
C CYS A 83 3.27 4.61 -18.09
N GLU A 84 2.68 5.28 -19.07
CA GLU A 84 3.08 5.08 -20.46
C GLU A 84 3.47 6.39 -21.16
N VAL A 85 4.54 6.32 -21.95
CA VAL A 85 5.02 7.48 -22.70
C VAL A 85 4.64 7.38 -24.17
N VAL A 86 4.08 8.45 -24.70
CA VAL A 86 3.66 8.49 -26.10
C VAL A 86 4.75 9.08 -26.98
N SER A 87 5.44 8.23 -27.71
CA SER A 87 6.51 8.67 -28.60
C SER A 87 6.41 7.98 -29.96
N LYS A 1 -2.57 -19.70 9.99
CA LYS A 1 -1.32 -18.95 10.33
C LYS A 1 -0.11 -19.87 10.25
N ASP A 2 1.07 -19.27 10.05
CA ASP A 2 2.31 -20.03 9.97
C ASP A 2 3.38 -19.44 10.87
N VAL A 3 4.07 -18.42 10.39
CA VAL A 3 5.12 -17.75 11.16
C VAL A 3 5.11 -16.26 10.89
N ASP A 4 5.41 -15.46 11.92
CA ASP A 4 5.43 -14.01 11.80
C ASP A 4 4.26 -13.54 10.95
N GLU A 5 3.15 -13.20 11.60
CA GLU A 5 1.97 -12.78 10.88
C GLU A 5 1.87 -11.26 10.81
N CYS A 6 1.37 -10.65 11.86
CA CYS A 6 1.23 -9.20 11.91
C CYS A 6 2.52 -8.55 12.37
N SER A 7 3.38 -9.34 13.02
CA SER A 7 4.66 -8.84 13.49
C SER A 7 5.74 -9.06 12.43
N LEU A 8 5.30 -9.42 11.22
CA LEU A 8 6.22 -9.67 10.11
C LEU A 8 6.92 -8.39 9.69
N LYS A 9 6.13 -7.33 9.49
CA LYS A 9 6.65 -6.04 9.09
C LYS A 9 5.92 -4.91 9.81
N PRO A 10 6.44 -3.68 9.72
CA PRO A 10 5.84 -2.51 10.36
C PRO A 10 4.76 -1.86 9.49
N SER A 11 4.11 -2.65 8.64
CA SER A 11 3.07 -2.13 7.77
C SER A 11 1.85 -3.06 7.74
N ILE A 12 1.82 -4.05 8.63
CA ILE A 12 0.70 -4.98 8.69
C ILE A 12 -0.50 -4.35 9.38
N CYS A 13 -0.74 -4.75 10.63
CA CYS A 13 -1.88 -4.22 11.37
C CYS A 13 -1.71 -4.42 12.87
N GLY A 14 -0.59 -3.92 13.42
CA GLY A 14 -0.32 -4.03 14.85
C GLY A 14 -0.99 -5.24 15.48
N THR A 15 -0.81 -6.40 14.85
CA THR A 15 -1.39 -7.64 15.33
C THR A 15 -2.76 -7.42 15.98
N ALA A 16 -3.60 -6.63 15.30
CA ALA A 16 -4.94 -6.33 15.77
C ALA A 16 -5.88 -7.48 15.47
N VAL A 17 -6.12 -7.69 14.19
CA VAL A 17 -6.96 -8.76 13.71
C VAL A 17 -6.53 -9.16 12.30
N CYS A 18 -5.24 -8.96 12.03
CA CYS A 18 -4.67 -9.26 10.72
C CYS A 18 -4.54 -10.76 10.48
N LYS A 19 -4.67 -11.13 9.23
CA LYS A 19 -4.54 -12.51 8.81
C LYS A 19 -3.38 -12.60 7.82
N ASN A 20 -2.19 -12.80 8.36
CA ASN A 20 -0.99 -12.87 7.55
C ASN A 20 -0.80 -14.25 6.95
N ILE A 21 0.03 -14.31 5.92
CA ILE A 21 0.34 -15.56 5.24
C ILE A 21 1.83 -15.59 4.90
N PRO A 22 2.33 -16.70 4.34
CA PRO A 22 3.75 -16.83 4.00
C PRO A 22 4.35 -15.55 3.41
N GLY A 23 3.52 -14.75 2.75
CA GLY A 23 4.01 -13.51 2.16
C GLY A 23 2.91 -12.50 1.87
N ASP A 24 2.03 -12.26 2.83
CA ASP A 24 0.95 -11.29 2.63
C ASP A 24 0.25 -10.97 3.95
N PHE A 25 -0.90 -10.30 3.87
CA PHE A 25 -1.65 -9.95 5.07
C PHE A 25 -2.98 -9.27 4.75
N GLU A 26 -3.95 -9.46 5.65
CA GLU A 26 -5.27 -8.85 5.52
C GLU A 26 -5.91 -8.72 6.90
N CYS A 27 -6.17 -7.50 7.30
CA CYS A 27 -6.76 -7.24 8.62
C CYS A 27 -8.13 -6.59 8.53
N GLU A 28 -8.69 -6.29 9.70
CA GLU A 28 -10.01 -5.67 9.80
C GLU A 28 -9.94 -4.19 9.45
N CYS A 29 -8.73 -3.64 9.34
CA CYS A 29 -8.56 -2.24 9.00
C CYS A 29 -9.01 -2.00 7.56
N PRO A 30 -9.92 -1.04 7.32
CA PRO A 30 -10.43 -0.72 5.98
C PRO A 30 -9.37 -1.00 4.92
N GLU A 31 -9.78 -1.56 3.78
CA GLU A 31 -8.82 -1.86 2.72
C GLU A 31 -7.54 -2.41 3.32
N GLY A 32 -6.42 -2.21 2.66
CA GLY A 32 -5.18 -2.66 3.22
C GLY A 32 -4.67 -1.65 4.23
N TYR A 33 -5.60 -1.05 5.00
CA TYR A 33 -5.23 -0.05 5.99
C TYR A 33 -4.23 -0.60 6.98
N ARG A 34 -3.34 0.27 7.36
CA ARG A 34 -2.30 -0.04 8.33
C ARG A 34 -2.77 0.34 9.73
N TYR A 35 -2.66 -0.59 10.67
CA TYR A 35 -3.07 -0.35 12.04
C TYR A 35 -1.93 0.24 12.85
N ASN A 36 -2.26 0.93 13.92
CA ASN A 36 -1.27 1.55 14.80
C ASN A 36 -1.47 1.08 16.22
N LEU A 37 -0.67 0.10 16.65
CA LEU A 37 -0.77 -0.43 18.00
C LEU A 37 -0.49 0.67 19.03
N LYS A 38 0.15 1.74 18.59
CA LYS A 38 0.48 2.84 19.48
C LYS A 38 -0.77 3.62 19.86
N SER A 39 -1.63 3.83 18.87
CA SER A 39 -2.87 4.55 19.07
C SER A 39 -4.03 3.57 19.21
N LYS A 40 -3.79 2.32 18.83
CA LYS A 40 -4.78 1.27 18.90
C LYS A 40 -5.96 1.61 18.04
N SER A 41 -5.64 1.93 16.81
CA SER A 41 -6.64 2.29 15.83
C SER A 41 -6.14 2.01 14.41
N CYS A 42 -7.07 1.96 13.47
CA CYS A 42 -6.73 1.70 12.07
C CYS A 42 -6.37 3.00 11.37
N GLU A 43 -5.35 2.96 10.51
CA GLU A 43 -4.91 4.15 9.81
C GLU A 43 -4.41 3.83 8.40
N ASP A 44 -5.11 4.40 7.40
CA ASP A 44 -4.78 4.23 5.98
C ASP A 44 -3.34 3.78 5.78
N ILE A 45 -3.17 2.89 4.82
CA ILE A 45 -1.88 2.32 4.51
C ILE A 45 -1.05 3.21 3.58
N ASP A 46 0.25 2.90 3.53
CA ASP A 46 1.20 3.63 2.69
C ASP A 46 1.51 2.84 1.41
N GLU A 47 0.47 2.55 0.65
CA GLU A 47 0.58 1.79 -0.59
C GLU A 47 1.61 2.38 -1.54
N CYS A 48 1.81 3.70 -1.51
CA CYS A 48 2.76 4.34 -2.40
C CYS A 48 4.12 4.55 -1.70
N SER A 49 4.08 4.69 -0.39
CA SER A 49 5.30 4.90 0.39
C SER A 49 6.19 3.66 0.33
N GLU A 50 5.57 2.51 0.12
CA GLU A 50 6.28 1.24 0.06
C GLU A 50 6.97 1.04 -1.29
N ASN A 51 6.79 2.01 -2.20
CA ASN A 51 7.40 1.94 -3.52
C ASN A 51 6.69 0.93 -4.42
N MET A 52 5.38 1.07 -4.54
CA MET A 52 4.57 0.19 -5.38
C MET A 52 3.91 0.97 -6.49
N CYS A 53 4.35 2.19 -6.67
CA CYS A 53 3.81 3.03 -7.72
C CYS A 53 4.91 3.55 -8.61
N ALA A 54 4.54 4.37 -9.58
CA ALA A 54 5.51 4.90 -10.51
C ALA A 54 5.97 6.31 -10.11
N GLN A 55 6.43 7.09 -11.10
CA GLN A 55 6.90 8.45 -10.88
C GLN A 55 6.12 9.17 -9.78
N LEU A 56 4.82 9.26 -9.97
CA LEU A 56 3.94 9.92 -9.01
C LEU A 56 2.99 8.93 -8.39
N CYS A 57 3.10 8.73 -7.09
CA CYS A 57 2.25 7.78 -6.41
C CYS A 57 1.24 8.45 -5.49
N VAL A 58 0.04 8.74 -6.01
CA VAL A 58 -0.99 9.34 -5.16
C VAL A 58 -1.81 8.24 -4.54
N ASN A 59 -1.38 7.82 -3.39
CA ASN A 59 -2.09 6.77 -2.70
C ASN A 59 -3.20 7.36 -1.84
N TYR A 60 -4.47 7.25 -2.26
CA TYR A 60 -5.53 7.84 -1.48
C TYR A 60 -5.96 6.89 -0.37
N PRO A 61 -6.71 7.40 0.61
CA PRO A 61 -7.15 6.59 1.72
C PRO A 61 -7.75 5.25 1.27
N GLY A 62 -6.95 4.20 1.34
CA GLY A 62 -7.43 2.89 0.95
C GLY A 62 -6.93 2.46 -0.42
N GLY A 63 -7.39 3.13 -1.46
CA GLY A 63 -6.98 2.79 -2.81
C GLY A 63 -5.92 3.71 -3.36
N TYR A 64 -4.67 3.29 -3.36
CA TYR A 64 -3.63 4.14 -3.86
C TYR A 64 -3.73 4.41 -5.35
N THR A 65 -2.79 5.18 -5.87
CA THR A 65 -2.76 5.51 -7.30
C THR A 65 -1.33 5.72 -7.76
N CYS A 66 -1.05 5.26 -8.96
CA CYS A 66 0.27 5.40 -9.53
C CYS A 66 0.19 6.10 -10.87
N TYR A 67 0.56 7.37 -10.88
CA TYR A 67 0.56 8.18 -12.08
C TYR A 67 1.97 8.66 -12.37
N CYS A 68 2.35 8.67 -13.65
CA CYS A 68 3.70 9.07 -14.04
C CYS A 68 3.69 10.48 -14.64
N ASP A 69 4.74 10.80 -15.43
CA ASP A 69 4.87 12.11 -16.04
C ASP A 69 5.42 13.14 -15.05
N GLY A 70 6.74 13.14 -14.91
CA GLY A 70 7.38 14.07 -14.00
C GLY A 70 8.69 14.60 -14.55
N LYS A 71 9.77 13.85 -14.33
CA LYS A 71 11.09 14.25 -14.81
C LYS A 71 11.19 14.09 -16.33
N LYS A 72 10.58 13.03 -16.85
CA LYS A 72 10.60 12.76 -18.28
C LYS A 72 9.45 13.47 -18.98
N GLY A 73 8.30 13.54 -18.30
CA GLY A 73 7.14 14.20 -18.87
C GLY A 73 6.35 13.33 -19.81
N PHE A 74 5.67 12.32 -19.26
CA PHE A 74 4.85 11.43 -20.08
C PHE A 74 3.44 11.25 -19.50
N LYS A 75 3.01 10.00 -19.28
CA LYS A 75 1.67 9.74 -18.77
C LYS A 75 1.55 8.34 -18.18
N LEU A 76 0.46 8.10 -17.44
CA LEU A 76 0.20 6.80 -16.83
C LEU A 76 -0.75 5.99 -17.71
N ALA A 77 -0.27 4.84 -18.20
CA ALA A 77 -1.06 4.00 -19.09
C ALA A 77 -2.47 3.74 -18.55
N GLN A 78 -3.23 2.97 -19.30
CA GLN A 78 -4.61 2.67 -18.94
C GLN A 78 -4.74 1.73 -17.76
N ASP A 79 -3.63 1.23 -17.23
CA ASP A 79 -3.71 0.36 -16.07
C ASP A 79 -4.16 1.20 -14.87
N GLN A 80 -3.21 1.96 -14.32
CA GLN A 80 -3.44 2.84 -13.16
C GLN A 80 -2.30 2.70 -12.15
N LYS A 81 -1.52 1.61 -12.29
CA LYS A 81 -0.40 1.37 -11.38
C LYS A 81 0.94 1.63 -12.09
N SER A 82 0.99 1.36 -13.39
CA SER A 82 2.20 1.58 -14.16
C SER A 82 2.11 2.88 -14.94
N CYS A 83 3.04 3.09 -15.87
CA CYS A 83 3.04 4.30 -16.67
C CYS A 83 3.85 4.15 -17.95
N GLU A 84 3.45 4.90 -18.97
CA GLU A 84 4.14 4.87 -20.26
C GLU A 84 4.19 6.27 -20.88
N VAL A 85 5.20 6.51 -21.71
CA VAL A 85 5.36 7.79 -22.39
C VAL A 85 4.76 7.75 -23.79
N VAL A 86 3.79 8.62 -24.04
CA VAL A 86 3.13 8.69 -25.33
C VAL A 86 3.68 9.83 -26.17
N SER A 87 4.80 9.59 -26.84
CA SER A 87 5.42 10.62 -27.67
C SER A 87 5.23 10.31 -29.15
N LYS A 1 -2.98 -20.45 11.90
CA LYS A 1 -1.82 -19.56 12.16
C LYS A 1 -0.53 -20.36 12.32
N ASP A 2 0.60 -19.71 12.04
CA ASP A 2 1.90 -20.36 12.16
C ASP A 2 2.82 -19.57 13.09
N VAL A 3 3.42 -18.52 12.57
CA VAL A 3 4.33 -17.68 13.35
C VAL A 3 4.31 -16.25 12.82
N ASP A 4 4.61 -15.29 13.70
CA ASP A 4 4.63 -13.87 13.32
C ASP A 4 3.42 -13.54 12.46
N GLU A 5 2.41 -12.90 13.05
CA GLU A 5 1.23 -12.56 12.29
C GLU A 5 1.13 -11.06 12.07
N CYS A 6 1.49 -10.30 13.09
CA CYS A 6 1.47 -8.86 13.00
C CYS A 6 2.87 -8.28 13.15
N SER A 7 3.75 -9.04 13.80
CA SER A 7 5.13 -8.63 13.97
C SER A 7 5.99 -9.28 12.90
N LEU A 8 5.34 -9.84 11.88
CA LEU A 8 6.02 -10.50 10.78
C LEU A 8 6.69 -9.48 9.86
N LYS A 9 5.87 -8.66 9.23
CA LYS A 9 6.36 -7.62 8.32
C LYS A 9 6.39 -6.27 9.02
N PRO A 10 7.03 -5.27 8.39
CA PRO A 10 7.12 -3.92 8.95
C PRO A 10 5.90 -3.05 8.63
N SER A 11 4.83 -3.68 8.16
CA SER A 11 3.61 -2.96 7.81
C SER A 11 2.40 -3.88 7.80
N ILE A 12 2.05 -4.40 8.98
CA ILE A 12 0.90 -5.29 9.10
C ILE A 12 -0.32 -4.54 9.62
N CYS A 13 -0.59 -4.68 10.92
CA CYS A 13 -1.73 -4.03 11.51
C CYS A 13 -1.59 -3.92 13.03
N GLY A 14 -0.54 -3.21 13.47
CA GLY A 14 -0.30 -3.01 14.90
C GLY A 14 -0.95 -4.06 15.77
N THR A 15 -0.64 -5.33 15.48
CA THR A 15 -1.19 -6.47 16.19
C THR A 15 -2.56 -6.17 16.78
N ALA A 16 -3.42 -5.55 15.96
CA ALA A 16 -4.77 -5.21 16.37
C ALA A 16 -5.67 -6.45 16.29
N VAL A 17 -5.86 -6.90 15.06
CA VAL A 17 -6.66 -8.09 14.76
C VAL A 17 -6.28 -8.60 13.39
N CYS A 18 -4.97 -8.74 13.19
CA CYS A 18 -4.42 -9.17 11.90
C CYS A 18 -4.41 -10.68 11.73
N LYS A 19 -5.07 -11.13 10.68
CA LYS A 19 -5.10 -12.54 10.33
C LYS A 19 -3.96 -12.79 9.35
N ASN A 20 -2.84 -13.26 9.88
CA ASN A 20 -1.66 -13.49 9.06
C ASN A 20 -1.58 -14.93 8.58
N ILE A 21 -0.68 -15.17 7.63
CA ILE A 21 -0.48 -16.50 7.08
C ILE A 21 1.00 -16.73 6.80
N PRO A 22 1.38 -17.98 6.44
CA PRO A 22 2.78 -18.35 6.18
C PRO A 22 3.56 -17.31 5.38
N GLY A 23 2.84 -16.52 4.58
CA GLY A 23 3.53 -15.51 3.78
C GLY A 23 2.60 -14.39 3.32
N ASP A 24 1.84 -13.82 4.24
CA ASP A 24 0.95 -12.72 3.91
C ASP A 24 0.30 -12.18 5.17
N PHE A 25 -0.71 -11.34 5.03
CA PHE A 25 -1.38 -10.76 6.19
C PHE A 25 -2.77 -10.21 5.88
N GLU A 26 -3.53 -10.02 6.95
CA GLU A 26 -4.87 -9.48 6.90
C GLU A 26 -5.18 -8.86 8.26
N CYS A 27 -6.31 -8.17 8.40
CA CYS A 27 -6.64 -7.56 9.69
C CYS A 27 -7.98 -6.83 9.67
N GLU A 28 -8.34 -6.30 10.83
CA GLU A 28 -9.59 -5.56 10.98
C GLU A 28 -9.60 -4.31 10.12
N CYS A 29 -8.42 -3.91 9.62
CA CYS A 29 -8.32 -2.74 8.77
C CYS A 29 -9.02 -3.02 7.45
N PRO A 30 -10.21 -2.43 7.22
CA PRO A 30 -10.98 -2.66 5.99
C PRO A 30 -10.11 -2.58 4.74
N GLU A 31 -9.50 -3.72 4.39
CA GLU A 31 -8.60 -3.83 3.25
C GLU A 31 -7.17 -3.74 3.75
N GLY A 32 -6.20 -3.85 2.85
CA GLY A 32 -4.80 -3.80 3.25
C GLY A 32 -4.47 -2.61 4.14
N TYR A 33 -5.45 -1.84 4.58
CA TYR A 33 -5.20 -0.73 5.48
C TYR A 33 -4.31 -1.17 6.61
N ARG A 34 -3.27 -0.42 6.81
CA ARG A 34 -2.29 -0.71 7.85
C ARG A 34 -2.66 -0.01 9.16
N TYR A 35 -2.89 -0.84 10.18
CA TYR A 35 -3.26 -0.36 11.51
C TYR A 35 -2.05 0.22 12.23
N ASN A 36 -2.30 1.07 13.22
CA ASN A 36 -1.23 1.70 13.98
C ASN A 36 -1.40 1.49 15.47
N LEU A 37 -0.40 0.88 16.10
CA LEU A 37 -0.44 0.63 17.55
C LEU A 37 -0.16 1.92 18.32
N LYS A 38 0.40 2.91 17.65
CA LYS A 38 0.73 4.18 18.27
C LYS A 38 -0.53 4.85 18.79
N SER A 39 -1.58 4.77 18.00
CA SER A 39 -2.85 5.37 18.36
C SER A 39 -3.98 4.35 18.46
N LYS A 40 -3.65 3.10 18.13
CA LYS A 40 -4.64 2.04 18.17
C LYS A 40 -5.83 2.40 17.32
N SER A 41 -5.53 2.55 16.06
CA SER A 41 -6.52 2.90 15.05
C SER A 41 -6.09 2.40 13.68
N CYS A 42 -7.05 2.28 12.77
CA CYS A 42 -6.76 1.82 11.42
C CYS A 42 -6.19 2.95 10.58
N GLU A 43 -5.36 2.59 9.60
CA GLU A 43 -4.76 3.58 8.72
C GLU A 43 -4.57 2.98 7.33
N ASP A 44 -4.50 3.83 6.33
CA ASP A 44 -4.31 3.38 4.97
C ASP A 44 -2.98 2.66 4.84
N ILE A 45 -2.92 1.79 3.84
CA ILE A 45 -1.74 1.00 3.60
C ILE A 45 -0.73 1.72 2.69
N ASP A 46 0.48 1.18 2.65
CA ASP A 46 1.56 1.72 1.83
C ASP A 46 1.68 0.98 0.49
N GLU A 47 0.58 0.95 -0.25
CA GLU A 47 0.52 0.28 -1.54
C GLU A 47 1.65 0.68 -2.48
N CYS A 48 2.12 1.92 -2.39
CA CYS A 48 3.18 2.39 -3.28
C CYS A 48 4.56 2.24 -2.65
N SER A 49 4.62 2.28 -1.33
CA SER A 49 5.89 2.14 -0.63
C SER A 49 6.51 0.79 -0.97
N GLU A 50 5.68 -0.15 -1.40
CA GLU A 50 6.12 -1.49 -1.73
C GLU A 50 6.75 -1.53 -3.12
N ASN A 51 6.47 -0.51 -3.94
CA ASN A 51 7.01 -0.40 -5.30
C ASN A 51 5.99 -0.83 -6.34
N MET A 52 4.92 -0.05 -6.49
CA MET A 52 3.87 -0.35 -7.46
C MET A 52 3.64 0.84 -8.38
N CYS A 53 4.03 2.01 -7.93
CA CYS A 53 3.84 3.19 -8.74
C CYS A 53 5.15 3.64 -9.36
N ALA A 54 5.05 4.07 -10.62
CA ALA A 54 6.22 4.49 -11.36
C ALA A 54 6.60 5.95 -11.11
N GLN A 55 5.96 6.85 -11.84
CA GLN A 55 6.24 8.29 -11.74
C GLN A 55 6.01 8.85 -10.33
N LEU A 56 4.75 8.99 -9.96
CA LEU A 56 4.39 9.53 -8.65
C LEU A 56 3.34 8.66 -7.99
N CYS A 57 3.54 8.31 -6.73
CA CYS A 57 2.59 7.44 -6.08
C CYS A 57 1.70 8.12 -5.04
N VAL A 58 0.55 8.61 -5.46
CA VAL A 58 -0.39 9.17 -4.50
C VAL A 58 -1.30 8.06 -4.05
N ASN A 59 -0.94 7.45 -2.97
CA ASN A 59 -1.72 6.35 -2.46
C ASN A 59 -2.76 6.87 -1.49
N TYR A 60 -4.03 6.95 -1.91
CA TYR A 60 -5.05 7.47 -1.01
C TYR A 60 -5.56 6.39 -0.08
N PRO A 61 -6.30 6.79 0.96
CA PRO A 61 -6.80 5.83 1.93
C PRO A 61 -7.47 4.64 1.26
N GLY A 62 -6.77 3.51 1.23
CA GLY A 62 -7.31 2.31 0.64
C GLY A 62 -6.81 2.04 -0.76
N GLY A 63 -7.20 2.90 -1.70
CA GLY A 63 -6.77 2.72 -3.08
C GLY A 63 -5.67 3.65 -3.50
N TYR A 64 -4.47 3.13 -3.69
CA TYR A 64 -3.38 3.97 -4.07
C TYR A 64 -3.54 4.50 -5.49
N THR A 65 -2.55 5.26 -5.96
CA THR A 65 -2.59 5.82 -7.30
C THR A 65 -1.19 6.20 -7.78
N CYS A 66 -0.98 6.12 -9.08
CA CYS A 66 0.30 6.44 -9.68
C CYS A 66 0.14 7.50 -10.77
N TYR A 67 0.53 8.73 -10.48
CA TYR A 67 0.43 9.79 -11.47
C TYR A 67 1.74 9.97 -12.21
N CYS A 68 1.63 10.19 -13.51
CA CYS A 68 2.78 10.33 -14.39
C CYS A 68 2.88 11.73 -14.99
N ASP A 69 3.87 11.93 -15.86
CA ASP A 69 4.08 13.23 -16.48
C ASP A 69 4.60 14.24 -15.46
N GLY A 70 5.90 14.18 -15.18
CA GLY A 70 6.50 15.10 -14.23
C GLY A 70 7.91 15.48 -14.60
N LYS A 71 8.88 14.69 -14.16
CA LYS A 71 10.29 14.94 -14.44
C LYS A 71 10.54 15.06 -15.94
N LYS A 72 10.11 14.07 -16.70
CA LYS A 72 10.29 14.07 -18.15
C LYS A 72 9.21 14.90 -18.84
N GLY A 73 8.01 14.87 -18.27
CA GLY A 73 6.90 15.62 -18.83
C GLY A 73 6.17 14.86 -19.92
N PHE A 74 5.51 13.76 -19.54
CA PHE A 74 4.76 12.96 -20.49
C PHE A 74 3.27 12.85 -20.11
N LYS A 75 2.79 11.63 -19.89
CA LYS A 75 1.39 11.42 -19.55
C LYS A 75 1.17 10.05 -18.92
N LEU A 76 0.18 9.95 -18.05
CA LEU A 76 -0.13 8.68 -17.39
C LEU A 76 -0.92 7.77 -18.34
N ALA A 77 -0.32 6.64 -18.72
CA ALA A 77 -0.97 5.71 -19.65
C ALA A 77 -2.40 5.39 -19.25
N GLN A 78 -3.00 4.43 -19.94
CA GLN A 78 -4.38 4.04 -19.69
C GLN A 78 -4.51 3.01 -18.56
N ASP A 79 -3.46 2.83 -17.77
CA ASP A 79 -3.50 1.86 -16.68
C ASP A 79 -3.66 2.56 -15.32
N GLN A 80 -3.26 3.83 -15.27
CA GLN A 80 -3.34 4.62 -14.03
C GLN A 80 -2.27 4.18 -13.02
N LYS A 81 -1.65 3.04 -13.27
CA LYS A 81 -0.60 2.53 -12.39
C LYS A 81 0.76 2.67 -13.05
N SER A 82 0.79 2.52 -14.38
CA SER A 82 2.02 2.65 -15.15
C SER A 82 2.18 4.08 -15.64
N CYS A 83 3.24 4.33 -16.41
CA CYS A 83 3.50 5.67 -16.92
C CYS A 83 4.17 5.62 -18.29
N GLU A 84 3.61 6.36 -19.25
CA GLU A 84 4.15 6.37 -20.60
C GLU A 84 4.22 7.78 -21.20
N VAL A 85 5.26 8.00 -22.01
CA VAL A 85 5.45 9.29 -22.68
C VAL A 85 4.99 9.22 -24.13
N VAL A 86 4.01 10.06 -24.46
CA VAL A 86 3.47 10.10 -25.81
C VAL A 86 4.06 11.27 -26.60
N SER A 87 5.24 11.08 -27.17
CA SER A 87 5.88 12.12 -27.94
C SER A 87 5.87 11.79 -29.43
N LYS A 1 -1.38 -19.75 10.20
CA LYS A 1 -0.30 -19.13 11.02
C LYS A 1 1.05 -19.80 10.75
N ASP A 2 1.99 -19.02 10.21
CA ASP A 2 3.33 -19.53 9.91
C ASP A 2 4.39 -18.75 10.66
N VAL A 3 4.60 -17.50 10.25
CA VAL A 3 5.59 -16.64 10.89
C VAL A 3 5.29 -15.17 10.59
N ASP A 4 5.38 -14.34 11.62
CA ASP A 4 5.12 -12.90 11.48
C ASP A 4 3.81 -12.66 10.75
N GLU A 5 2.80 -12.18 11.46
CA GLU A 5 1.50 -11.93 10.85
C GLU A 5 1.23 -10.44 10.75
N CYS A 6 1.36 -9.74 11.87
CA CYS A 6 1.12 -8.31 11.90
C CYS A 6 2.34 -7.58 12.47
N SER A 7 3.41 -8.34 12.70
CA SER A 7 4.65 -7.78 13.22
C SER A 7 5.78 -7.95 12.20
N LEU A 8 5.43 -8.52 11.04
CA LEU A 8 6.40 -8.74 9.97
C LEU A 8 7.09 -7.45 9.59
N LYS A 9 6.31 -6.46 9.21
CA LYS A 9 6.84 -5.15 8.82
C LYS A 9 6.88 -4.21 10.04
N PRO A 10 7.52 -3.04 9.89
CA PRO A 10 7.60 -2.06 10.98
C PRO A 10 6.27 -1.86 11.69
N SER A 11 5.19 -1.86 10.92
CA SER A 11 3.85 -1.69 11.48
C SER A 11 2.78 -2.21 10.51
N ILE A 12 2.50 -3.51 10.59
CA ILE A 12 1.50 -4.11 9.72
C ILE A 12 0.09 -3.69 10.10
N CYS A 13 -0.46 -4.37 11.10
CA CYS A 13 -1.81 -4.08 11.54
C CYS A 13 -1.96 -4.27 13.04
N GLY A 14 -0.94 -3.81 13.79
CA GLY A 14 -0.95 -3.92 15.24
C GLY A 14 -1.57 -5.21 15.74
N THR A 15 -1.01 -6.33 15.29
CA THR A 15 -1.48 -7.66 15.68
C THR A 15 -2.98 -7.67 15.96
N ALA A 16 -3.73 -6.95 15.13
CA ALA A 16 -5.18 -6.89 15.25
C ALA A 16 -5.79 -8.15 14.63
N VAL A 17 -6.94 -8.02 14.00
CA VAL A 17 -7.56 -9.16 13.35
C VAL A 17 -7.00 -9.28 11.94
N CYS A 18 -5.68 -9.37 11.86
CA CYS A 18 -4.99 -9.45 10.58
C CYS A 18 -4.56 -10.87 10.24
N LYS A 19 -5.35 -11.55 9.44
CA LYS A 19 -5.01 -12.90 9.00
C LYS A 19 -3.87 -12.79 8.00
N ASN A 20 -2.66 -13.05 8.46
CA ASN A 20 -1.48 -12.92 7.61
C ASN A 20 -1.08 -14.26 6.99
N ILE A 21 -0.31 -14.17 5.92
CA ILE A 21 0.17 -15.36 5.22
C ILE A 21 1.68 -15.26 5.00
N PRO A 22 2.33 -16.33 4.49
CA PRO A 22 3.78 -16.36 4.27
C PRO A 22 4.33 -15.04 3.71
N GLY A 23 3.50 -14.30 2.98
CA GLY A 23 3.95 -13.04 2.42
C GLY A 23 2.81 -12.11 2.04
N ASP A 24 1.89 -11.89 2.98
CA ASP A 24 0.75 -11.01 2.74
C ASP A 24 -0.08 -10.91 4.01
N PHE A 25 -1.13 -10.10 3.97
CA PHE A 25 -1.97 -9.94 5.16
C PHE A 25 -3.33 -9.30 4.85
N GLU A 26 -4.26 -9.48 5.79
CA GLU A 26 -5.59 -8.89 5.69
C GLU A 26 -6.14 -8.69 7.10
N CYS A 27 -6.45 -7.44 7.43
CA CYS A 27 -6.96 -7.11 8.75
C CYS A 27 -8.37 -6.53 8.67
N GLU A 28 -8.95 -6.28 9.85
CA GLU A 28 -10.28 -5.71 9.94
C GLU A 28 -10.27 -4.25 9.48
N CYS A 29 -9.06 -3.71 9.29
CA CYS A 29 -8.91 -2.33 8.85
C CYS A 29 -9.41 -2.19 7.42
N PRO A 30 -10.39 -1.29 7.16
CA PRO A 30 -10.94 -1.07 5.82
C PRO A 30 -9.89 -1.31 4.74
N GLU A 31 -10.30 -1.78 3.57
CA GLU A 31 -9.35 -2.05 2.50
C GLU A 31 -8.09 -2.67 3.09
N GLY A 32 -6.95 -2.48 2.46
CA GLY A 32 -5.74 -2.99 3.03
C GLY A 32 -5.19 -1.98 3.99
N TYR A 33 -6.08 -1.31 4.72
CA TYR A 33 -5.68 -0.30 5.69
C TYR A 33 -4.69 -0.87 6.69
N ARG A 34 -3.72 -0.05 6.99
CA ARG A 34 -2.67 -0.41 7.95
C ARG A 34 -3.06 0.06 9.36
N TYR A 35 -2.88 -0.80 10.34
CA TYR A 35 -3.20 -0.48 11.73
C TYR A 35 -1.91 -0.34 12.53
N ASN A 36 -2.00 0.32 13.67
CA ASN A 36 -0.83 0.52 14.52
C ASN A 36 -1.16 0.21 15.98
N LEU A 37 -0.28 -0.57 16.62
CA LEU A 37 -0.46 -0.94 18.02
C LEU A 37 -0.01 0.18 18.94
N LYS A 38 0.85 1.06 18.42
CA LYS A 38 1.35 2.19 19.19
C LYS A 38 0.21 3.14 19.50
N SER A 39 -0.60 3.40 18.48
CA SER A 39 -1.74 4.28 18.60
C SER A 39 -3.03 3.47 18.73
N LYS A 40 -2.95 2.20 18.32
CA LYS A 40 -4.10 1.31 18.38
C LYS A 40 -5.25 1.91 17.60
N SER A 41 -4.86 2.43 16.47
CA SER A 41 -5.79 3.08 15.56
C SER A 41 -5.67 2.52 14.15
N CYS A 42 -6.70 2.72 13.35
CA CYS A 42 -6.72 2.24 11.97
C CYS A 42 -6.34 3.37 11.02
N GLU A 43 -5.46 3.09 10.08
CA GLU A 43 -5.03 4.11 9.13
C GLU A 43 -4.72 3.55 7.75
N ASP A 44 -5.24 4.20 6.72
CA ASP A 44 -5.02 3.82 5.34
C ASP A 44 -3.61 3.29 5.16
N ILE A 45 -3.46 2.37 4.24
CA ILE A 45 -2.18 1.74 4.00
C ILE A 45 -1.29 2.54 3.05
N ASP A 46 -0.01 2.16 3.04
CA ASP A 46 1.00 2.79 2.21
C ASP A 46 1.34 1.90 1.01
N GLU A 47 0.30 1.58 0.25
CA GLU A 47 0.43 0.72 -0.94
C GLU A 47 1.55 1.19 -1.88
N CYS A 48 1.89 2.46 -1.86
CA CYS A 48 2.92 2.98 -2.77
C CYS A 48 4.27 3.15 -2.06
N SER A 49 4.21 3.40 -0.75
CA SER A 49 5.43 3.58 0.02
C SER A 49 6.29 2.32 -0.05
N GLU A 50 5.64 1.19 -0.34
CA GLU A 50 6.31 -0.09 -0.40
C GLU A 50 7.10 -0.26 -1.69
N ASN A 51 6.41 -0.28 -2.83
CA ASN A 51 7.05 -0.43 -4.14
C ASN A 51 6.05 -0.93 -5.18
N MET A 52 5.02 -0.13 -5.45
CA MET A 52 4.00 -0.51 -6.41
C MET A 52 3.72 0.59 -7.40
N CYS A 53 3.90 1.83 -6.98
CA CYS A 53 3.63 2.93 -7.88
C CYS A 53 4.84 3.37 -8.67
N ALA A 54 4.58 4.26 -9.62
CA ALA A 54 5.63 4.75 -10.49
C ALA A 54 6.13 6.14 -10.05
N GLN A 55 6.36 7.03 -11.02
CA GLN A 55 6.86 8.38 -10.74
C GLN A 55 6.13 9.05 -9.57
N LEU A 56 4.81 9.07 -9.63
CA LEU A 56 4.00 9.68 -8.58
C LEU A 56 2.99 8.71 -8.04
N CYS A 57 2.93 8.56 -6.72
CA CYS A 57 1.99 7.64 -6.15
C CYS A 57 0.95 8.34 -5.27
N VAL A 58 -0.15 8.82 -5.84
CA VAL A 58 -1.18 9.44 -5.02
C VAL A 58 -1.98 8.33 -4.40
N ASN A 59 -1.54 7.91 -3.26
CA ASN A 59 -2.20 6.84 -2.56
C ASN A 59 -3.37 7.38 -1.75
N TYR A 60 -4.62 7.22 -2.22
CA TYR A 60 -5.73 7.75 -1.45
C TYR A 60 -6.14 6.77 -0.38
N PRO A 61 -6.91 7.23 0.62
CA PRO A 61 -7.34 6.38 1.70
C PRO A 61 -7.93 5.07 1.19
N GLY A 62 -7.15 4.00 1.25
CA GLY A 62 -7.61 2.71 0.80
C GLY A 62 -7.03 2.30 -0.54
N GLY A 63 -7.45 2.98 -1.60
CA GLY A 63 -6.97 2.66 -2.93
C GLY A 63 -5.92 3.61 -3.45
N TYR A 64 -4.67 3.18 -3.48
CA TYR A 64 -3.61 4.05 -3.93
C TYR A 64 -3.77 4.41 -5.41
N THR A 65 -2.88 5.29 -5.89
CA THR A 65 -2.88 5.71 -7.30
C THR A 65 -1.46 5.95 -7.76
N CYS A 66 -1.17 5.53 -8.97
CA CYS A 66 0.17 5.70 -9.51
C CYS A 66 0.16 6.49 -10.81
N TYR A 67 0.57 7.74 -10.75
CA TYR A 67 0.62 8.59 -11.92
C TYR A 67 2.06 8.96 -12.26
N CYS A 68 2.42 8.88 -13.54
CA CYS A 68 3.78 9.19 -13.98
C CYS A 68 3.86 10.58 -14.60
N ASP A 69 4.97 10.84 -15.31
CA ASP A 69 5.22 12.12 -15.97
C ASP A 69 5.94 13.10 -15.05
N GLY A 70 6.90 12.58 -14.29
CA GLY A 70 7.64 13.43 -13.39
C GLY A 70 8.96 13.90 -13.97
N LYS A 71 9.99 13.07 -13.84
CA LYS A 71 11.32 13.41 -14.36
C LYS A 71 11.34 13.44 -15.89
N LYS A 72 10.99 12.32 -16.51
CA LYS A 72 10.98 12.22 -17.97
C LYS A 72 9.90 13.12 -18.57
N GLY A 73 8.77 13.22 -17.88
CA GLY A 73 7.68 14.06 -18.37
C GLY A 73 6.82 13.37 -19.40
N PHE A 74 6.01 12.42 -18.95
CA PHE A 74 5.11 11.68 -19.83
C PHE A 74 3.66 11.66 -19.33
N LYS A 75 3.10 10.47 -19.08
CA LYS A 75 1.73 10.36 -18.63
C LYS A 75 1.44 9.01 -17.99
N LEU A 76 0.31 8.92 -17.29
CA LEU A 76 -0.08 7.70 -16.61
C LEU A 76 -0.98 6.84 -17.51
N ALA A 77 -0.45 5.71 -17.96
CA ALA A 77 -1.19 4.80 -18.83
C ALA A 77 -2.58 4.49 -18.28
N GLN A 78 -3.31 3.63 -18.99
CA GLN A 78 -4.66 3.26 -18.59
C GLN A 78 -4.67 2.12 -17.58
N ASP A 79 -3.52 1.84 -16.96
CA ASP A 79 -3.45 0.76 -15.97
C ASP A 79 -3.76 1.30 -14.58
N GLN A 80 -3.53 2.60 -14.37
CA GLN A 80 -3.79 3.24 -13.08
C GLN A 80 -2.74 2.86 -12.04
N LYS A 81 -1.77 2.04 -12.43
CA LYS A 81 -0.71 1.62 -11.53
C LYS A 81 0.66 1.86 -12.19
N SER A 82 0.75 1.52 -13.47
CA SER A 82 1.96 1.71 -14.24
C SER A 82 1.87 3.01 -15.02
N CYS A 83 2.83 3.26 -15.88
CA CYS A 83 2.82 4.49 -16.66
C CYS A 83 3.56 4.36 -17.98
N GLU A 84 3.18 5.20 -18.93
CA GLU A 84 3.79 5.21 -20.25
C GLU A 84 3.92 6.64 -20.79
N VAL A 85 4.83 6.83 -21.73
CA VAL A 85 5.06 8.14 -22.33
C VAL A 85 4.39 8.24 -23.69
N VAL A 86 4.01 9.44 -24.08
CA VAL A 86 3.34 9.66 -25.35
C VAL A 86 4.22 10.47 -26.30
N SER A 87 4.63 9.83 -27.38
CA SER A 87 5.48 10.47 -28.38
C SER A 87 4.97 10.20 -29.79
N LYS A 1 -1.89 -19.32 10.09
CA LYS A 1 -0.87 -18.33 10.50
C LYS A 1 0.53 -18.92 10.44
N ASP A 2 1.12 -18.92 9.24
CA ASP A 2 2.46 -19.46 9.05
C ASP A 2 3.45 -18.88 10.06
N VAL A 3 3.97 -17.68 9.77
CA VAL A 3 4.92 -17.03 10.65
C VAL A 3 4.97 -15.52 10.36
N ASP A 4 5.31 -14.74 11.39
CA ASP A 4 5.40 -13.29 11.24
C ASP A 4 4.19 -12.76 10.48
N GLU A 5 3.17 -12.32 11.21
CA GLU A 5 1.97 -11.82 10.58
C GLU A 5 1.94 -10.29 10.59
N CYS A 6 1.43 -9.72 11.66
CA CYS A 6 1.36 -8.26 11.78
C CYS A 6 2.70 -7.68 12.22
N SER A 7 3.56 -8.54 12.77
CA SER A 7 4.88 -8.11 13.21
C SER A 7 5.92 -8.37 12.12
N LEU A 8 5.46 -8.52 10.88
CA LEU A 8 6.34 -8.78 9.76
C LEU A 8 7.12 -7.51 9.39
N LYS A 9 6.49 -6.36 9.63
CA LYS A 9 7.12 -5.08 9.32
C LYS A 9 7.05 -4.15 10.53
N PRO A 10 7.62 -2.94 10.41
CA PRO A 10 7.63 -1.95 11.51
C PRO A 10 6.25 -1.80 12.15
N SER A 11 5.22 -1.72 11.33
CA SER A 11 3.86 -1.57 11.81
C SER A 11 2.84 -2.00 10.76
N ILE A 12 2.34 -3.23 10.89
CA ILE A 12 1.36 -3.76 9.95
C ILE A 12 -0.05 -3.39 10.36
N CYS A 13 -0.59 -4.14 11.31
CA CYS A 13 -1.94 -3.93 11.75
C CYS A 13 -2.10 -4.20 13.24
N GLY A 14 -1.09 -3.79 14.02
CA GLY A 14 -1.12 -4.00 15.46
C GLY A 14 -1.67 -5.35 15.84
N THR A 15 -1.33 -6.36 15.05
CA THR A 15 -1.78 -7.72 15.27
C THR A 15 -3.22 -7.73 15.76
N ALA A 16 -4.07 -6.98 15.06
CA ALA A 16 -5.49 -6.87 15.40
C ALA A 16 -6.24 -8.09 14.89
N VAL A 17 -6.49 -8.11 13.60
CA VAL A 17 -7.18 -9.22 12.96
C VAL A 17 -6.64 -9.41 11.55
N CYS A 18 -5.37 -9.08 11.37
CA CYS A 18 -4.71 -9.17 10.09
C CYS A 18 -4.41 -10.62 9.71
N LYS A 19 -4.79 -10.99 8.49
CA LYS A 19 -4.53 -12.33 7.99
C LYS A 19 -3.28 -12.30 7.12
N ASN A 20 -2.14 -12.53 7.76
CA ASN A 20 -0.86 -12.50 7.05
C ASN A 20 -0.55 -13.83 6.39
N ILE A 21 0.44 -13.80 5.51
CA ILE A 21 0.87 -14.97 4.78
C ILE A 21 2.37 -14.87 4.46
N PRO A 22 3.00 -15.95 3.98
CA PRO A 22 4.43 -15.96 3.65
C PRO A 22 4.93 -14.66 3.03
N GLY A 23 4.04 -13.95 2.33
CA GLY A 23 4.43 -12.69 1.71
C GLY A 23 3.26 -11.80 1.37
N ASP A 24 2.42 -11.51 2.36
CA ASP A 24 1.27 -10.64 2.15
C ASP A 24 0.51 -10.47 3.46
N PHE A 25 -0.69 -9.91 3.40
CA PHE A 25 -1.48 -9.70 4.61
C PHE A 25 -2.86 -9.13 4.35
N GLU A 26 -3.70 -9.22 5.37
CA GLU A 26 -5.06 -8.69 5.35
C GLU A 26 -5.35 -8.06 6.71
N CYS A 27 -6.55 -7.55 6.91
CA CYS A 27 -6.89 -6.93 8.19
C CYS A 27 -8.34 -6.45 8.23
N GLU A 28 -8.88 -6.42 9.45
CA GLU A 28 -10.26 -5.96 9.65
C GLU A 28 -10.36 -4.47 9.33
N CYS A 29 -9.21 -3.81 9.24
CA CYS A 29 -9.15 -2.39 8.92
C CYS A 29 -9.61 -2.17 7.48
N PRO A 30 -10.62 -1.29 7.25
CA PRO A 30 -11.14 -0.99 5.91
C PRO A 30 -10.07 -1.17 4.85
N GLU A 31 -10.44 -1.64 3.67
CA GLU A 31 -9.45 -1.86 2.60
C GLU A 31 -8.20 -2.45 3.21
N GLY A 32 -7.05 -2.24 2.58
CA GLY A 32 -5.84 -2.74 3.16
C GLY A 32 -5.33 -1.75 4.17
N TYR A 33 -6.25 -1.14 4.92
CA TYR A 33 -5.88 -0.15 5.94
C TYR A 33 -4.92 -0.74 6.94
N ARG A 34 -3.95 0.07 7.28
CA ARG A 34 -2.93 -0.29 8.24
C ARG A 34 -3.33 0.13 9.65
N TYR A 35 -3.17 -0.76 10.61
CA TYR A 35 -3.51 -0.50 12.00
C TYR A 35 -2.23 -0.38 12.82
N ASN A 36 -2.32 0.26 13.98
CA ASN A 36 -1.16 0.43 14.83
C ASN A 36 -1.48 0.08 16.27
N LEU A 37 -0.63 -0.75 16.87
CA LEU A 37 -0.81 -1.15 18.27
C LEU A 37 -0.37 -0.04 19.21
N LYS A 38 0.45 0.88 18.70
CA LYS A 38 0.93 2.01 19.48
C LYS A 38 -0.23 2.90 19.84
N SER A 39 -1.07 3.15 18.84
CA SER A 39 -2.25 3.97 19.01
C SER A 39 -3.50 3.10 19.07
N LYS A 40 -3.35 1.82 18.70
CA LYS A 40 -4.46 0.87 18.67
C LYS A 40 -5.61 1.47 17.89
N SER A 41 -5.24 2.18 16.85
CA SER A 41 -6.20 2.85 15.98
C SER A 41 -6.11 2.32 14.56
N CYS A 42 -7.16 2.57 13.77
CA CYS A 42 -7.19 2.12 12.38
C CYS A 42 -6.88 3.28 11.45
N GLU A 43 -6.00 3.05 10.47
CA GLU A 43 -5.64 4.10 9.53
C GLU A 43 -5.33 3.56 8.14
N ASP A 44 -5.68 4.33 7.12
CA ASP A 44 -5.42 3.96 5.74
C ASP A 44 -3.99 3.49 5.60
N ILE A 45 -3.77 2.61 4.65
CA ILE A 45 -2.47 2.03 4.42
C ILE A 45 -1.56 2.90 3.55
N ASP A 46 -0.28 2.55 3.56
CA ASP A 46 0.75 3.26 2.80
C ASP A 46 1.14 2.45 1.57
N GLU A 47 0.14 2.11 0.76
CA GLU A 47 0.36 1.32 -0.45
C GLU A 47 1.50 1.86 -1.33
N CYS A 48 1.72 3.16 -1.32
CA CYS A 48 2.76 3.77 -2.15
C CYS A 48 4.10 3.85 -1.42
N SER A 49 4.05 3.96 -0.10
CA SER A 49 5.27 4.05 0.69
C SER A 49 6.10 2.80 0.53
N GLU A 50 5.44 1.70 0.20
CA GLU A 50 6.10 0.41 0.03
C GLU A 50 6.83 0.34 -1.31
N ASN A 51 6.56 1.29 -2.19
CA ASN A 51 7.21 1.34 -3.50
C ASN A 51 6.57 0.37 -4.50
N MET A 52 5.28 0.56 -4.75
CA MET A 52 4.56 -0.28 -5.70
C MET A 52 3.84 0.58 -6.74
N CYS A 53 4.36 1.77 -6.95
CA CYS A 53 3.80 2.68 -7.93
C CYS A 53 4.90 3.28 -8.76
N ALA A 54 4.53 3.90 -9.87
CA ALA A 54 5.51 4.48 -10.75
C ALA A 54 5.99 5.85 -10.27
N GLN A 55 6.52 6.66 -11.20
CA GLN A 55 7.06 8.00 -10.90
C GLN A 55 6.36 8.67 -9.72
N LEU A 56 5.04 8.72 -9.75
CA LEU A 56 4.27 9.34 -8.69
C LEU A 56 3.29 8.38 -8.08
N CYS A 57 3.38 8.19 -6.78
CA CYS A 57 2.49 7.27 -6.11
C CYS A 57 1.50 7.99 -5.19
N VAL A 58 0.39 8.48 -5.74
CA VAL A 58 -0.61 9.12 -4.89
C VAL A 58 -1.49 8.07 -4.29
N ASN A 59 -1.12 7.65 -3.11
CA ASN A 59 -1.87 6.64 -2.42
C ASN A 59 -2.96 7.29 -1.58
N TYR A 60 -4.23 7.25 -2.03
CA TYR A 60 -5.27 7.90 -1.25
C TYR A 60 -5.80 6.97 -0.19
N PRO A 61 -6.46 7.52 0.83
CA PRO A 61 -6.98 6.72 1.93
C PRO A 61 -7.67 5.45 1.44
N GLY A 62 -6.94 4.34 1.47
CA GLY A 62 -7.50 3.08 1.04
C GLY A 62 -6.98 2.62 -0.30
N GLY A 63 -7.40 3.31 -1.36
CA GLY A 63 -6.97 2.96 -2.71
C GLY A 63 -5.88 3.84 -3.26
N TYR A 64 -4.67 3.34 -3.30
CA TYR A 64 -3.58 4.16 -3.79
C TYR A 64 -3.67 4.42 -5.29
N THR A 65 -2.69 5.16 -5.80
CA THR A 65 -2.65 5.50 -7.22
C THR A 65 -1.22 5.69 -7.67
N CYS A 66 -0.93 5.25 -8.89
CA CYS A 66 0.40 5.37 -9.45
C CYS A 66 0.35 6.13 -10.78
N TYR A 67 0.79 7.38 -10.74
CA TYR A 67 0.81 8.21 -11.93
C TYR A 67 2.24 8.61 -12.29
N CYS A 68 2.57 8.55 -13.58
CA CYS A 68 3.92 8.88 -14.05
C CYS A 68 3.97 10.29 -14.66
N ASP A 69 5.03 10.56 -15.42
CA ASP A 69 5.22 11.86 -16.05
C ASP A 69 5.88 12.84 -15.07
N GLY A 70 6.93 12.37 -14.42
CA GLY A 70 7.64 13.19 -13.47
C GLY A 70 9.16 13.06 -13.57
N LYS A 71 9.63 12.00 -14.23
CA LYS A 71 11.07 11.78 -14.39
C LYS A 71 11.50 12.07 -15.82
N LYS A 72 10.78 11.49 -16.78
CA LYS A 72 11.09 11.70 -18.19
C LYS A 72 10.04 12.60 -18.86
N GLY A 73 8.96 12.87 -18.14
CA GLY A 73 7.91 13.72 -18.67
C GLY A 73 7.01 13.01 -19.66
N PHE A 74 6.20 12.07 -19.17
CA PHE A 74 5.28 11.33 -20.03
C PHE A 74 3.86 11.28 -19.47
N LYS A 75 3.31 10.07 -19.25
CA LYS A 75 1.97 9.92 -18.75
C LYS A 75 1.71 8.54 -18.16
N LEU A 76 0.60 8.39 -17.46
CA LEU A 76 0.23 7.10 -16.87
C LEU A 76 -0.78 6.37 -17.75
N ALA A 77 -0.38 5.21 -18.28
CA ALA A 77 -1.22 4.43 -19.18
C ALA A 77 -2.62 4.26 -18.63
N GLN A 78 -3.44 3.53 -19.37
CA GLN A 78 -4.83 3.31 -18.97
C GLN A 78 -4.98 2.26 -17.89
N ASP A 79 -3.88 1.75 -17.36
CA ASP A 79 -3.98 0.77 -16.29
C ASP A 79 -4.43 1.50 -15.03
N GLN A 80 -3.47 2.15 -14.36
CA GLN A 80 -3.69 2.92 -13.13
C GLN A 80 -2.50 2.79 -12.19
N LYS A 81 -1.70 1.73 -12.39
CA LYS A 81 -0.53 1.48 -11.55
C LYS A 81 0.77 1.69 -12.33
N SER A 82 0.75 1.33 -13.61
CA SER A 82 1.93 1.47 -14.46
C SER A 82 1.88 2.79 -15.20
N CYS A 83 2.85 3.02 -16.07
CA CYS A 83 2.90 4.26 -16.83
C CYS A 83 3.70 4.13 -18.12
N GLU A 84 3.31 4.91 -19.12
CA GLU A 84 3.98 4.90 -20.40
C GLU A 84 4.04 6.30 -21.01
N VAL A 85 5.00 6.51 -21.90
CA VAL A 85 5.17 7.78 -22.57
C VAL A 85 4.08 8.01 -23.60
N VAL A 86 3.89 9.26 -23.99
CA VAL A 86 2.88 9.61 -24.98
C VAL A 86 3.45 10.55 -26.04
N SER A 87 3.39 10.10 -27.29
CA SER A 87 3.90 10.90 -28.41
C SER A 87 2.98 10.78 -29.62
N LYS A 1 -0.90 -21.05 10.51
CA LYS A 1 0.07 -20.00 10.15
C LYS A 1 1.51 -20.52 10.22
N ASP A 2 2.47 -19.63 9.98
CA ASP A 2 3.88 -20.01 10.02
C ASP A 2 4.60 -19.27 11.15
N VAL A 3 4.98 -18.02 10.88
CA VAL A 3 5.67 -17.21 11.86
C VAL A 3 5.42 -15.72 11.62
N ASP A 4 5.46 -14.93 12.69
CA ASP A 4 5.23 -13.48 12.59
C ASP A 4 4.03 -13.18 11.71
N GLU A 5 2.91 -12.84 12.33
CA GLU A 5 1.69 -12.56 11.58
C GLU A 5 1.44 -11.06 11.49
N CYS A 6 1.65 -10.36 12.59
CA CYS A 6 1.44 -8.92 12.61
C CYS A 6 2.62 -8.19 13.24
N SER A 7 3.41 -8.90 14.05
CA SER A 7 4.58 -8.31 14.68
C SER A 7 5.79 -8.41 13.74
N LEU A 8 5.57 -9.02 12.58
CA LEU A 8 6.62 -9.19 11.57
C LEU A 8 7.33 -7.87 11.29
N LYS A 9 6.56 -6.79 11.18
CA LYS A 9 7.12 -5.48 10.92
C LYS A 9 6.41 -4.42 11.76
N PRO A 10 7.06 -3.25 11.97
CA PRO A 10 6.49 -2.16 12.76
C PRO A 10 5.32 -1.46 12.07
N SER A 11 5.06 -1.83 10.81
CA SER A 11 3.96 -1.22 10.07
C SER A 11 3.13 -2.26 9.34
N ILE A 12 2.62 -3.25 10.08
CA ILE A 12 1.79 -4.30 9.49
C ILE A 12 0.33 -4.03 9.72
N CYS A 13 -0.14 -4.39 10.92
CA CYS A 13 -1.53 -4.23 11.26
C CYS A 13 -1.73 -4.25 12.78
N GLY A 14 -0.73 -3.77 13.52
CA GLY A 14 -0.81 -3.74 14.98
C GLY A 14 -1.55 -4.93 15.56
N THR A 15 -1.15 -6.13 15.12
CA THR A 15 -1.75 -7.37 15.58
C THR A 15 -3.20 -7.19 16.02
N ALA A 16 -3.96 -6.48 15.19
CA ALA A 16 -5.38 -6.22 15.46
C ALA A 16 -6.22 -7.44 15.08
N VAL A 17 -6.43 -7.58 13.79
CA VAL A 17 -7.18 -8.69 13.22
C VAL A 17 -6.63 -8.94 11.83
N CYS A 18 -5.35 -9.28 11.79
CA CYS A 18 -4.63 -9.49 10.55
C CYS A 18 -4.45 -10.96 10.20
N LYS A 19 -4.64 -11.26 8.92
CA LYS A 19 -4.46 -12.60 8.40
C LYS A 19 -3.15 -12.63 7.63
N ASN A 20 -2.06 -12.89 8.35
CA ASN A 20 -0.74 -12.90 7.76
C ASN A 20 -0.46 -14.14 6.94
N ILE A 21 0.60 -14.06 6.14
CA ILE A 21 1.03 -15.16 5.30
C ILE A 21 2.56 -15.27 5.32
N PRO A 22 3.13 -16.33 4.73
CA PRO A 22 4.58 -16.54 4.71
C PRO A 22 5.39 -15.26 4.47
N GLY A 23 4.79 -14.31 3.77
CA GLY A 23 5.48 -13.06 3.50
C GLY A 23 4.55 -11.92 3.13
N ASP A 24 3.54 -11.68 3.97
CA ASP A 24 2.59 -10.60 3.73
C ASP A 24 1.53 -10.61 4.82
N PHE A 25 0.66 -9.60 4.81
CA PHE A 25 -0.39 -9.51 5.82
C PHE A 25 -1.74 -9.07 5.25
N GLU A 26 -2.78 -9.47 5.96
CA GLU A 26 -4.14 -9.09 5.63
C GLU A 26 -4.68 -8.27 6.80
N CYS A 27 -5.55 -7.31 6.53
CA CYS A 27 -6.08 -6.47 7.60
C CYS A 27 -7.59 -6.44 7.64
N GLU A 28 -8.12 -6.34 8.86
CA GLU A 28 -9.56 -6.28 9.07
C GLU A 28 -10.04 -4.84 8.90
N CYS A 29 -9.10 -3.94 8.63
CA CYS A 29 -9.40 -2.53 8.44
C CYS A 29 -10.23 -2.34 7.18
N PRO A 30 -11.24 -1.43 7.22
CA PRO A 30 -12.10 -1.16 6.07
C PRO A 30 -11.29 -0.93 4.80
N GLU A 31 -10.85 -2.04 4.20
CA GLU A 31 -10.00 -2.04 3.03
C GLU A 31 -8.57 -2.22 3.49
N GLY A 32 -7.65 -2.46 2.57
CA GLY A 32 -6.26 -2.70 2.94
C GLY A 32 -5.69 -1.71 3.95
N TYR A 33 -6.52 -0.93 4.63
CA TYR A 33 -6.02 0.00 5.62
C TYR A 33 -5.21 -0.76 6.66
N ARG A 34 -4.11 -0.18 7.05
CA ARG A 34 -3.20 -0.78 8.01
C ARG A 34 -3.54 -0.37 9.44
N TYR A 35 -3.70 -1.35 10.31
CA TYR A 35 -4.01 -1.11 11.70
C TYR A 35 -2.76 -0.84 12.52
N ASN A 36 -2.93 -0.14 13.64
CA ASN A 36 -1.81 0.20 14.51
C ASN A 36 -2.11 -0.13 15.97
N LEU A 37 -1.23 -0.92 16.58
CA LEU A 37 -1.37 -1.32 17.97
C LEU A 37 -1.00 -0.14 18.89
N LYS A 38 -0.36 0.87 18.32
CA LYS A 38 0.04 2.04 19.08
C LYS A 38 -1.16 2.70 19.73
N SER A 39 -2.17 2.96 18.92
CA SER A 39 -3.39 3.60 19.41
C SER A 39 -4.60 2.70 19.22
N LYS A 40 -4.39 1.52 18.66
CA LYS A 40 -5.47 0.59 18.42
C LYS A 40 -6.56 1.22 17.61
N SER A 41 -6.15 1.61 16.43
CA SER A 41 -7.06 2.25 15.47
C SER A 41 -6.66 1.96 14.04
N CYS A 42 -7.56 2.26 13.11
CA CYS A 42 -7.31 2.02 11.69
C CYS A 42 -6.42 3.12 11.13
N GLU A 43 -5.43 2.72 10.33
CA GLU A 43 -4.50 3.68 9.75
C GLU A 43 -4.11 3.34 8.31
N ASP A 44 -4.65 4.13 7.38
CA ASP A 44 -4.40 3.98 5.94
C ASP A 44 -3.14 3.18 5.66
N ILE A 45 -3.22 2.37 4.63
CA ILE A 45 -2.13 1.51 4.23
C ILE A 45 -1.08 2.23 3.39
N ASP A 46 0.08 1.58 3.27
CA ASP A 46 1.21 2.10 2.50
C ASP A 46 1.26 1.43 1.13
N GLU A 47 0.17 1.55 0.38
CA GLU A 47 0.07 0.96 -0.95
C GLU A 47 1.21 1.38 -1.86
N CYS A 48 1.59 2.65 -1.79
CA CYS A 48 2.68 3.15 -2.63
C CYS A 48 4.04 2.83 -2.02
N SER A 49 4.09 2.81 -0.69
CA SER A 49 5.33 2.51 0.02
C SER A 49 5.81 1.10 -0.31
N GLU A 50 4.87 0.24 -0.67
CA GLU A 50 5.16 -1.16 -0.98
C GLU A 50 5.75 -1.31 -2.38
N ASN A 51 5.67 -0.24 -3.18
CA ASN A 51 6.20 -0.25 -4.55
C ASN A 51 5.24 -0.91 -5.53
N MET A 52 4.05 -0.35 -5.64
CA MET A 52 3.04 -0.86 -6.57
C MET A 52 2.57 0.22 -7.52
N CYS A 53 3.28 1.35 -7.50
CA CYS A 53 2.95 2.44 -8.37
C CYS A 53 4.16 2.82 -9.20
N ALA A 54 3.92 3.30 -10.41
CA ALA A 54 5.01 3.69 -11.27
C ALA A 54 5.18 5.21 -11.26
N GLN A 55 6.32 5.68 -11.75
CA GLN A 55 6.60 7.12 -11.82
C GLN A 55 6.45 7.78 -10.46
N LEU A 56 5.22 8.14 -10.10
CA LEU A 56 4.94 8.77 -8.82
C LEU A 56 3.82 8.06 -8.12
N CYS A 57 4.02 7.71 -6.86
CA CYS A 57 3.00 6.97 -6.15
C CYS A 57 2.31 7.78 -5.04
N VAL A 58 1.20 8.43 -5.38
CA VAL A 58 0.43 9.15 -4.38
C VAL A 58 -0.64 8.23 -3.88
N ASN A 59 -0.42 7.66 -2.73
CA ASN A 59 -1.37 6.76 -2.14
C ASN A 59 -2.26 7.51 -1.15
N TYR A 60 -3.52 7.80 -1.51
CA TYR A 60 -4.36 8.53 -0.60
C TYR A 60 -5.01 7.59 0.41
N PRO A 61 -5.60 8.15 1.47
CA PRO A 61 -6.21 7.35 2.51
C PRO A 61 -7.14 6.28 1.94
N GLY A 62 -6.64 5.06 1.85
CA GLY A 62 -7.44 3.97 1.33
C GLY A 62 -7.07 3.57 -0.08
N GLY A 63 -7.34 4.44 -1.04
CA GLY A 63 -7.05 4.14 -2.43
C GLY A 63 -5.82 4.84 -2.95
N TYR A 64 -4.74 4.12 -3.15
CA TYR A 64 -3.52 4.73 -3.62
C TYR A 64 -3.65 5.19 -5.07
N THR A 65 -2.56 5.73 -5.62
CA THR A 65 -2.55 6.22 -7.00
C THR A 65 -1.13 6.34 -7.54
N CYS A 66 -1.02 6.17 -8.86
CA CYS A 66 0.27 6.26 -9.55
C CYS A 66 0.24 7.31 -10.64
N TYR A 67 0.86 8.47 -10.41
CA TYR A 67 0.90 9.52 -11.42
C TYR A 67 2.21 9.48 -12.18
N CYS A 68 2.10 9.66 -13.49
CA CYS A 68 3.23 9.59 -14.40
C CYS A 68 3.54 10.94 -15.05
N ASP A 69 4.47 10.91 -16.00
CA ASP A 69 4.90 12.12 -16.71
C ASP A 69 5.62 13.10 -15.78
N GLY A 70 6.24 12.56 -14.74
CA GLY A 70 6.97 13.41 -13.80
C GLY A 70 8.47 13.19 -13.86
N LYS A 71 8.91 12.26 -14.70
CA LYS A 71 10.33 11.97 -14.84
C LYS A 71 10.85 12.40 -16.22
N LYS A 72 10.36 11.75 -17.26
CA LYS A 72 10.77 12.05 -18.62
C LYS A 72 9.75 12.95 -19.32
N GLY A 73 8.78 13.46 -18.56
CA GLY A 73 7.76 14.32 -19.13
C GLY A 73 6.91 13.62 -20.17
N PHE A 74 6.18 12.58 -19.75
CA PHE A 74 5.32 11.84 -20.66
C PHE A 74 3.85 11.96 -20.24
N LYS A 75 3.18 10.83 -20.00
CA LYS A 75 1.77 10.85 -19.64
C LYS A 75 1.33 9.55 -18.98
N LEU A 76 0.37 9.64 -18.08
CA LEU A 76 -0.16 8.46 -17.41
C LEU A 76 -1.21 7.81 -18.31
N ALA A 77 -0.86 6.66 -18.90
CA ALA A 77 -1.79 5.96 -19.77
C ALA A 77 -3.12 5.72 -19.09
N GLN A 78 -4.05 5.07 -19.80
CA GLN A 78 -5.37 4.79 -19.25
C GLN A 78 -5.24 4.22 -17.84
N ASP A 79 -4.48 3.14 -17.72
CA ASP A 79 -4.26 2.54 -16.41
C ASP A 79 -3.58 3.55 -15.50
N GLN A 80 -4.37 4.14 -14.60
CA GLN A 80 -3.84 5.13 -13.67
C GLN A 80 -2.71 4.54 -12.82
N LYS A 81 -2.55 3.22 -12.88
CA LYS A 81 -1.51 2.55 -12.12
C LYS A 81 -0.22 2.45 -12.93
N SER A 82 -0.36 2.30 -14.25
CA SER A 82 0.81 2.19 -15.13
C SER A 82 1.26 3.57 -15.60
N CYS A 83 2.34 3.61 -16.39
CA CYS A 83 2.88 4.87 -16.89
C CYS A 83 3.50 4.68 -18.27
N GLU A 84 3.08 5.51 -19.23
CA GLU A 84 3.59 5.41 -20.59
C GLU A 84 3.90 6.78 -21.22
N VAL A 85 4.95 6.81 -22.04
CA VAL A 85 5.37 8.03 -22.73
C VAL A 85 4.91 8.01 -24.18
N VAL A 86 4.47 9.17 -24.66
CA VAL A 86 4.00 9.29 -26.04
C VAL A 86 5.11 9.80 -26.95
N SER A 87 5.68 8.89 -27.73
CA SER A 87 6.75 9.25 -28.66
C SER A 87 6.47 8.72 -30.06
#